data_3EJB
#
_entry.id   3EJB
#
_cell.length_a   61.300
_cell.length_b   92.100
_cell.length_c   107.700
_cell.angle_alpha   109.00
_cell.angle_beta   89.20
_cell.angle_gamma   90.10
#
_symmetry.space_group_name_H-M   'P 1'
#
loop_
_entity.id
_entity.type
_entity.pdbx_description
1 polymer 'Acyl carrier protein'
2 polymer 'Biotin biosynthesis cytochrome P450-like enzyme'
3 non-polymer 'S-[2-({N-[(2S)-2-hydroxy-3,3-dimethyl-4-(phosphonooxy)butanoyl]-beta-alanyl}amino)ethyl] tetradecanethioate'
4 non-polymer 'heptyl 1-thio-beta-D-glucopyranoside'
5 non-polymer 'PROTOPORPHYRIN IX CONTAINING FE'
6 non-polymer 'CHLORIDE ION'
7 water water
#
loop_
_entity_poly.entity_id
_entity_poly.type
_entity_poly.pdbx_seq_one_letter_code
_entity_poly.pdbx_strand_id
1 'polypeptide(L)'
;GSSHHHHHHSSGLVPRGSHMSTIEERVKKIIGEQLGVKQEEVTNNASFVEDLGADSLDTVELVMALEEEFDTEIPDEEAE
KITTVQAAIDYINGHQA
;
A,C,E,G
2 'polypeptide(L)'
;TIASSTASSEFLKNPYSFYDTLRAVHPIYKGSFLKYPGWYVTGYEETAAILKDARFKVRTPLPESSTKYQDLSHVQNQMM
LFQNQPDHRRLRTLASGAFTPRTTESYQPYIIETVHHLLDQVQGKKKMEVISDFAFPLASFVIANIIGVPEEDREQLKEW
AASLIQTIDFTRSRKALTEGNIMAVQAMAYFKELIQKRKRHPQQDMISMLLKGREKDKLTEEEAASTCILLAIAGHETTV
NLISNSVLCLLQHPEQLLKLRENPDLIGTAVEECLRYESPTQMTARVASEDIDICGVTIRQGEQVYLLLGAANRDPSIFT
NPDVFDITRSPNPHLSFGHGHHVCLGSSLARLEAQIAINTLLQRMPSLNLADFEWRYRPLFGFRALEELPVTFEASWSHP
QFEK
;
B,D,F,H
#
loop_
_chem_comp.id
_chem_comp.type
_chem_comp.name
_chem_comp.formula
CL non-polymer 'CHLORIDE ION' 'Cl -1'
HEM non-polymer 'PROTOPORPHYRIN IX CONTAINING FE' 'C34 H32 Fe N4 O4'
HTG D-saccharide 'heptyl 1-thio-beta-D-glucopyranoside' 'C13 H26 O5 S'
ZMP non-polymer 'S-[2-({N-[(2S)-2-hydroxy-3,3-dimethyl-4-(phosphonooxy)butanoyl]-beta-alanyl}amino)ethyl] tetradecanethioate' 'C25 H49 N2 O8 P S'
#
# COMPACT_ATOMS: atom_id res chain seq x y z
N SER A 18 30.37 -44.01 40.84
CA SER A 18 30.05 -42.64 40.33
C SER A 18 31.10 -42.18 39.32
N HIS A 19 30.79 -41.09 38.62
CA HIS A 19 31.70 -40.52 37.63
C HIS A 19 31.38 -39.06 37.38
N MET A 20 32.35 -38.32 36.84
CA MET A 20 32.14 -36.93 36.46
C MET A 20 31.13 -36.85 35.31
N SER A 21 30.35 -35.77 35.29
CA SER A 21 29.28 -35.62 34.31
C SER A 21 29.84 -35.60 32.88
N THR A 22 29.29 -36.46 32.04
CA THR A 22 29.69 -36.50 30.63
C THR A 22 28.97 -35.41 29.83
N ILE A 23 29.36 -35.25 28.58
CA ILE A 23 28.70 -34.31 27.68
C ILE A 23 27.21 -34.63 27.57
N GLU A 24 26.89 -35.90 27.34
CA GLU A 24 25.51 -36.34 27.21
C GLU A 24 24.69 -36.05 28.47
N GLU A 25 25.25 -36.38 29.63
CA GLU A 25 24.55 -36.19 30.89
C GLU A 25 24.30 -34.71 31.20
N ARG A 26 25.26 -33.87 30.86
CA ARG A 26 25.15 -32.42 31.08
C ARG A 26 24.07 -31.80 30.19
N VAL A 27 24.04 -32.22 28.92
CA VAL A 27 23.02 -31.74 27.99
C VAL A 27 21.63 -32.15 28.45
N LYS A 28 21.47 -33.41 28.82
CA LYS A 28 20.18 -33.96 29.20
C LYS A 28 19.64 -33.32 30.48
N LYS A 29 20.55 -32.99 31.40
CA LYS A 29 20.17 -32.34 32.65
C LYS A 29 19.61 -30.95 32.41
N ILE A 30 20.23 -30.21 31.50
CA ILE A 30 19.77 -28.87 31.12
C ILE A 30 18.37 -28.94 30.51
N ILE A 31 18.19 -29.87 29.57
CA ILE A 31 16.89 -30.06 28.93
C ILE A 31 15.82 -30.41 29.96
N GLY A 32 16.16 -31.32 30.88
CA GLY A 32 15.24 -31.75 31.92
C GLY A 32 14.82 -30.63 32.85
N GLU A 33 15.78 -29.80 33.23
CA GLU A 33 15.52 -28.69 34.15
C GLU A 33 14.72 -27.58 33.48
N GLN A 34 14.99 -27.34 32.20
CA GLN A 34 14.30 -26.30 31.45
C GLN A 34 12.85 -26.67 31.17
N LEU A 35 12.64 -27.89 30.67
CA LEU A 35 11.31 -28.31 30.23
C LEU A 35 10.56 -29.06 31.33
N GLY A 36 11.13 -29.07 32.53
CA GLY A 36 10.52 -29.75 33.68
C GLY A 36 10.25 -31.21 33.39
N VAL A 37 10.91 -31.73 32.36
CA VAL A 37 10.65 -33.09 31.87
C VAL A 37 11.55 -34.11 32.58
N LYS A 38 10.99 -35.29 32.83
CA LYS A 38 11.71 -36.37 33.49
C LYS A 38 12.82 -36.92 32.59
N GLN A 39 13.90 -37.38 33.20
CA GLN A 39 14.97 -38.06 32.47
C GLN A 39 14.46 -39.38 31.88
N GLU A 40 15.20 -39.94 30.93
CA GLU A 40 14.76 -41.13 30.19
C GLU A 40 13.51 -40.86 29.36
N GLU A 41 12.84 -39.75 29.64
CA GLU A 41 11.90 -39.17 28.69
C GLU A 41 12.68 -38.23 27.78
N VAL A 42 13.79 -37.71 28.29
CA VAL A 42 14.78 -37.04 27.46
C VAL A 42 15.67 -38.08 26.81
N THR A 43 15.14 -38.78 25.83
CA THR A 43 15.90 -39.76 25.08
C THR A 43 16.63 -39.09 23.93
N ASN A 44 17.68 -39.74 23.45
CA ASN A 44 18.31 -39.32 22.21
C ASN A 44 17.31 -39.50 21.05
N ASN A 45 17.49 -38.72 19.98
CA ASN A 45 16.59 -38.77 18.84
C ASN A 45 15.24 -38.10 19.08
N ALA A 46 14.99 -37.69 20.32
CA ALA A 46 13.77 -36.98 20.67
C ALA A 46 13.80 -35.53 20.19
N SER A 47 12.69 -35.06 19.65
CA SER A 47 12.60 -33.69 19.14
C SER A 47 12.21 -32.72 20.26
N PHE A 48 12.84 -31.56 20.27
CA PHE A 48 12.60 -30.57 21.31
C PHE A 48 11.16 -30.05 21.28
N VAL A 49 10.71 -29.67 20.09
CA VAL A 49 9.36 -29.13 19.93
C VAL A 49 8.29 -30.20 19.95
N GLU A 50 8.44 -31.20 19.07
CA GLU A 50 7.40 -32.21 18.88
C GLU A 50 7.23 -33.12 20.09
N ASP A 51 8.33 -33.68 20.57
CA ASP A 51 8.27 -34.69 21.64
C ASP A 51 8.31 -34.08 23.03
N LEU A 52 9.21 -33.12 23.24
CA LEU A 52 9.46 -32.58 24.57
C LEU A 52 8.63 -31.34 24.87
N GLY A 53 7.96 -30.80 23.85
CA GLY A 53 7.00 -29.73 24.03
C GLY A 53 7.62 -28.36 24.31
N ALA A 54 8.74 -28.07 23.64
CA ALA A 54 9.41 -26.79 23.82
C ALA A 54 8.74 -25.69 23.00
N ASP A 55 8.37 -24.60 23.67
CA ASP A 55 7.75 -23.47 22.99
C ASP A 55 8.80 -22.45 22.53
N SER A 56 8.32 -21.30 22.05
CA SER A 56 9.17 -20.33 21.38
C SER A 56 10.06 -19.53 22.33
N LEU A 57 9.90 -19.77 23.63
CA LEU A 57 10.84 -19.24 24.62
C LEU A 57 11.78 -20.34 25.11
N ASP A 58 11.21 -21.52 25.36
CA ASP A 58 11.97 -22.67 25.84
C ASP A 58 13.21 -22.91 25.00
N THR A 59 13.06 -22.82 23.69
CA THR A 59 14.16 -23.12 22.77
C THR A 59 15.25 -22.06 22.82
N VAL A 60 14.85 -20.80 23.05
CA VAL A 60 15.81 -19.71 23.23
C VAL A 60 16.56 -19.89 24.56
N GLU A 61 15.82 -20.18 25.62
CA GLU A 61 16.41 -20.34 26.94
C GLU A 61 17.28 -21.59 27.03
N LEU A 62 16.95 -22.59 26.21
CA LEU A 62 17.74 -23.82 26.14
C LEU A 62 19.12 -23.55 25.55
N VAL A 63 19.15 -22.77 24.47
CA VAL A 63 20.41 -22.40 23.84
C VAL A 63 21.27 -21.55 24.78
N MET A 64 20.63 -20.61 25.46
CA MET A 64 21.33 -19.78 26.45
C MET A 64 21.96 -20.63 27.55
N ALA A 65 21.20 -21.59 28.05
CA ALA A 65 21.67 -22.47 29.11
C ALA A 65 22.81 -23.35 28.64
N LEU A 66 22.75 -23.80 27.39
CA LEU A 66 23.81 -24.61 26.81
C LEU A 66 25.08 -23.77 26.57
N GLU A 67 24.89 -22.56 26.09
CA GLU A 67 26.01 -21.64 25.85
C GLU A 67 26.79 -21.36 27.13
N GLU A 68 26.08 -21.23 28.25
CA GLU A 68 26.73 -20.97 29.53
C GLU A 68 27.39 -22.23 30.09
N GLU A 69 26.73 -23.37 29.94
CA GLU A 69 27.23 -24.63 30.47
C GLU A 69 28.54 -25.05 29.83
N PHE A 70 28.65 -24.84 28.52
CA PHE A 70 29.82 -25.29 27.76
C PHE A 70 30.70 -24.12 27.33
N ASP A 71 30.45 -22.94 27.93
CA ASP A 71 31.26 -21.76 27.70
C ASP A 71 31.55 -21.55 26.22
N THR A 72 30.50 -21.35 25.43
CA THR A 72 30.64 -21.20 23.99
C THR A 72 29.56 -20.30 23.40
N GLU A 73 29.81 -19.83 22.18
CA GLU A 73 28.83 -19.06 21.43
C GLU A 73 28.27 -19.89 20.29
N ILE A 74 26.96 -20.09 20.29
CA ILE A 74 26.28 -20.80 19.20
C ILE A 74 25.61 -19.81 18.27
N PRO A 75 26.10 -19.70 17.03
CA PRO A 75 25.51 -18.82 16.03
C PRO A 75 24.06 -19.18 15.76
N ASP A 76 23.25 -18.19 15.38
CA ASP A 76 21.85 -18.41 15.07
C ASP A 76 21.67 -19.44 13.96
N GLU A 77 22.59 -19.41 12.99
CA GLU A 77 22.57 -20.37 11.88
C GLU A 77 22.66 -21.81 12.38
N GLU A 78 23.58 -22.05 13.31
CA GLU A 78 23.83 -23.40 13.82
C GLU A 78 22.71 -23.88 14.73
N ALA A 79 22.15 -22.98 15.51
CA ALA A 79 21.03 -23.30 16.40
C ALA A 79 19.81 -23.74 15.61
N GLU A 80 19.61 -23.13 14.44
CA GLU A 80 18.47 -23.44 13.59
C GLU A 80 18.53 -24.87 13.04
N LYS A 81 19.73 -25.42 12.95
CA LYS A 81 19.92 -26.76 12.38
C LYS A 81 19.55 -27.85 13.38
N ILE A 82 19.56 -27.52 14.67
CA ILE A 82 19.36 -28.50 15.72
C ILE A 82 17.90 -28.59 16.14
N THR A 83 17.32 -29.78 16.01
CA THR A 83 15.93 -29.98 16.39
C THR A 83 15.76 -31.20 17.30
N THR A 84 16.83 -31.97 17.47
CA THR A 84 16.78 -33.18 18.28
C THR A 84 17.88 -33.20 19.35
N VAL A 85 17.67 -34.00 20.39
CA VAL A 85 18.61 -34.10 21.49
C VAL A 85 20.00 -34.54 21.01
N GLN A 86 20.04 -35.59 20.20
CA GLN A 86 21.30 -36.12 19.69
C GLN A 86 22.08 -35.07 18.90
N ALA A 87 21.37 -34.26 18.12
CA ALA A 87 22.00 -33.22 17.31
C ALA A 87 22.69 -32.18 18.17
N ALA A 88 22.09 -31.86 19.32
CA ALA A 88 22.68 -30.92 20.27
C ALA A 88 23.94 -31.51 20.90
N ILE A 89 23.88 -32.79 21.23
CA ILE A 89 25.05 -33.50 21.75
C ILE A 89 26.17 -33.56 20.71
N ASP A 90 25.79 -33.80 19.45
CA ASP A 90 26.74 -33.85 18.35
C ASP A 90 27.46 -32.53 18.15
N TYR A 91 26.71 -31.43 18.25
CA TYR A 91 27.27 -30.09 18.04
C TYR A 91 28.33 -29.76 19.09
N ILE A 92 28.03 -30.09 20.35
CA ILE A 92 28.92 -29.77 21.46
C ILE A 92 30.19 -30.61 21.43
N ASN A 93 30.06 -31.86 20.97
CA ASN A 93 31.22 -32.74 20.81
C ASN A 93 32.13 -32.31 19.67
N GLY A 94 31.54 -31.70 18.64
CA GLY A 94 32.29 -31.26 17.48
C GLY A 94 32.84 -29.85 17.60
N HIS A 95 32.48 -29.18 18.69
CA HIS A 95 32.90 -27.80 18.91
C HIS A 95 33.43 -27.61 20.33
N SER B 9 28.88 -4.06 22.04
CA SER B 9 29.61 -2.81 22.41
C SER B 9 29.87 -1.94 21.19
N GLU B 10 30.26 -2.56 20.09
CA GLU B 10 30.52 -1.84 18.84
C GLU B 10 29.20 -1.42 18.20
N PHE B 11 28.16 -2.21 18.43
CA PHE B 11 26.82 -1.88 17.96
C PHE B 11 26.21 -0.77 18.81
N LEU B 12 26.53 -0.76 20.09
CA LEU B 12 25.97 0.22 21.02
C LEU B 12 26.53 1.62 20.80
N LYS B 13 27.79 1.68 20.37
CA LYS B 13 28.45 2.96 20.09
C LYS B 13 27.85 3.64 18.86
N ASN B 14 27.61 2.85 17.82
CA ASN B 14 27.06 3.35 16.57
C ASN B 14 26.22 2.30 15.86
N PRO B 15 24.93 2.20 16.24
CA PRO B 15 24.02 1.20 15.67
C PRO B 15 23.59 1.57 14.25
N TYR B 16 23.84 2.81 13.85
CA TYR B 16 23.30 3.35 12.61
C TYR B 16 24.04 2.84 11.37
N SER B 17 25.31 2.49 11.55
CA SER B 17 26.06 1.81 10.50
C SER B 17 25.52 0.39 10.29
N PHE B 18 25.14 -0.26 11.38
CA PHE B 18 24.53 -1.59 11.32
C PHE B 18 23.15 -1.54 10.66
N TYR B 19 22.39 -0.48 10.95
CA TYR B 19 21.08 -0.29 10.32
C TYR B 19 21.23 -0.04 8.83
N ASP B 20 22.29 0.67 8.45
CA ASP B 20 22.50 1.07 7.06
C ASP B 20 22.80 -0.12 6.16
N THR B 21 23.58 -1.07 6.66
CA THR B 21 23.93 -2.26 5.88
C THR B 21 22.73 -3.17 5.67
N LEU B 22 21.78 -3.13 6.60
CA LEU B 22 20.51 -3.85 6.43
C LEU B 22 19.64 -3.15 5.39
N ARG B 23 19.58 -1.82 5.49
CA ARG B 23 18.77 -1.01 4.57
C ARG B 23 19.27 -1.13 3.13
N ALA B 24 20.58 -1.30 2.98
CA ALA B 24 21.20 -1.39 1.65
C ALA B 24 20.79 -2.67 0.92
N VAL B 25 20.60 -3.75 1.68
CA VAL B 25 20.11 -5.00 1.12
C VAL B 25 18.61 -4.88 0.82
N HIS B 26 17.83 -4.59 1.85
CA HIS B 26 16.39 -4.41 1.72
C HIS B 26 15.82 -3.75 2.97
N PRO B 27 14.89 -2.80 2.79
CA PRO B 27 14.25 -2.11 3.90
C PRO B 27 13.39 -3.04 4.76
N ILE B 28 13.04 -4.19 4.19
CA ILE B 28 12.46 -5.29 4.97
C ILE B 28 13.36 -6.51 4.87
N TYR B 29 14.09 -6.78 5.95
CA TYR B 29 15.21 -7.71 5.92
C TYR B 29 14.90 -8.98 6.70
N LYS B 30 14.92 -10.13 6.02
CA LYS B 30 14.75 -11.41 6.69
C LYS B 30 16.05 -11.84 7.34
N GLY B 31 16.02 -12.02 8.65
CA GLY B 31 17.22 -12.39 9.39
C GLY B 31 16.94 -12.92 10.78
N SER B 32 18.00 -13.09 11.55
CA SER B 32 17.88 -13.57 12.92
C SER B 32 18.92 -12.86 13.79
N PHE B 33 18.46 -12.32 14.92
CA PHE B 33 19.35 -11.61 15.84
C PHE B 33 19.03 -11.96 17.28
N LEU B 34 20.06 -12.28 18.05
CA LEU B 34 19.90 -12.77 19.42
C LEU B 34 18.91 -13.93 19.50
N LYS B 35 18.98 -14.81 18.49
CA LYS B 35 18.19 -16.05 18.46
C LYS B 35 16.73 -15.81 18.05
N TYR B 36 16.41 -14.60 17.65
CA TYR B 36 15.03 -14.28 17.28
C TYR B 36 14.87 -14.01 15.78
N PRO B 37 14.33 -14.99 15.05
CA PRO B 37 14.15 -14.88 13.60
C PRO B 37 12.93 -14.05 13.25
N GLY B 38 13.01 -13.31 12.14
CA GLY B 38 11.89 -12.52 11.67
C GLY B 38 12.28 -11.49 10.63
N TRP B 39 11.37 -10.56 10.35
CA TRP B 39 11.62 -9.50 9.39
C TRP B 39 12.02 -8.20 10.09
N TYR B 40 13.21 -7.71 9.79
CA TYR B 40 13.74 -6.51 10.44
C TYR B 40 13.68 -5.30 9.51
N VAL B 41 12.85 -4.32 9.88
CA VAL B 41 12.50 -3.23 9.00
C VAL B 41 13.28 -1.95 9.32
N THR B 42 13.99 -1.43 8.33
CA THR B 42 14.78 -0.21 8.51
C THR B 42 14.25 0.93 7.65
N GLY B 43 13.31 0.63 6.76
CA GLY B 43 12.73 1.64 5.88
C GLY B 43 11.62 2.43 6.54
N TYR B 44 11.59 3.73 6.27
CA TYR B 44 10.59 4.62 6.87
C TYR B 44 9.18 4.27 6.39
N GLU B 45 8.98 4.24 5.08
CA GLU B 45 7.65 4.03 4.52
C GLU B 45 7.15 2.62 4.83
N GLU B 46 8.06 1.66 4.89
CA GLU B 46 7.72 0.29 5.27
C GLU B 46 7.33 0.20 6.74
N THR B 47 8.06 0.91 7.59
CA THR B 47 7.73 0.95 9.02
C THR B 47 6.35 1.57 9.24
N ALA B 48 6.12 2.75 8.65
CA ALA B 48 4.87 3.45 8.79
C ALA B 48 3.69 2.61 8.30
N ALA B 49 3.88 1.95 7.16
CA ALA B 49 2.84 1.10 6.57
C ALA B 49 2.46 -0.06 7.49
N ILE B 50 3.47 -0.72 8.04
CA ILE B 50 3.25 -1.88 8.92
C ILE B 50 2.52 -1.47 10.20
N LEU B 51 2.92 -0.35 10.78
CA LEU B 51 2.32 0.13 12.03
C LEU B 51 0.87 0.56 11.83
N LYS B 52 0.58 1.05 10.62
CA LYS B 52 -0.75 1.53 10.28
C LYS B 52 -1.71 0.37 9.97
N ASP B 53 -1.15 -0.79 9.64
CA ASP B 53 -1.93 -1.93 9.17
C ASP B 53 -2.32 -2.86 10.31
N ALA B 54 -3.63 -2.95 10.57
CA ALA B 54 -4.14 -3.71 11.71
C ALA B 54 -3.98 -5.22 11.55
N ARG B 55 -3.59 -5.65 10.35
CA ARG B 55 -3.31 -7.07 10.11
C ARG B 55 -2.01 -7.50 10.79
N PHE B 56 -1.10 -6.56 10.97
CA PHE B 56 0.06 -6.76 11.84
C PHE B 56 -0.34 -6.45 13.28
N LYS B 57 -0.51 -7.50 14.07
CA LYS B 57 -1.04 -7.36 15.43
C LYS B 57 0.08 -7.25 16.45
N VAL B 58 -0.19 -6.59 17.56
CA VAL B 58 0.68 -6.69 18.73
C VAL B 58 0.49 -8.07 19.37
N ARG B 59 1.46 -8.48 20.18
CA ARG B 59 1.41 -9.78 20.80
C ARG B 59 2.10 -9.76 22.16
N THR B 60 1.93 -10.83 22.93
CA THR B 60 2.57 -10.94 24.22
C THR B 60 4.07 -11.18 24.06
N PRO B 61 4.89 -10.46 24.84
CA PRO B 61 6.35 -10.51 24.72
C PRO B 61 6.94 -11.83 25.22
N LEU B 62 6.14 -12.60 25.95
CA LEU B 62 6.46 -14.00 26.24
C LEU B 62 5.33 -14.87 25.65
N PRO B 63 5.63 -16.15 25.37
CA PRO B 63 4.63 -17.04 24.77
C PRO B 63 3.28 -16.99 25.48
N GLU B 64 2.21 -17.01 24.70
CA GLU B 64 0.84 -16.85 25.22
C GLU B 64 0.53 -17.79 26.38
N SER B 65 0.82 -19.08 26.19
CA SER B 65 0.41 -20.10 27.14
C SER B 65 1.50 -20.48 28.13
N SER B 66 2.57 -19.69 28.16
CA SER B 66 3.68 -19.94 29.06
C SER B 66 3.29 -19.68 30.52
N THR B 67 3.65 -20.61 31.40
CA THR B 67 3.44 -20.42 32.83
C THR B 67 4.74 -20.58 33.62
N LYS B 68 5.86 -20.47 32.91
CA LYS B 68 7.18 -20.52 33.54
C LYS B 68 7.37 -19.31 34.45
N TYR B 69 6.90 -18.16 33.98
CA TYR B 69 6.86 -16.94 34.80
C TYR B 69 5.43 -16.46 34.90
N GLN B 70 4.64 -17.18 35.70
CA GLN B 70 3.19 -17.05 35.70
C GLN B 70 2.71 -15.63 36.01
N ASP B 71 3.32 -15.01 37.02
CA ASP B 71 2.89 -13.69 37.45
C ASP B 71 3.35 -12.59 36.47
N LEU B 72 4.59 -12.68 36.03
CA LEU B 72 5.10 -11.77 35.00
C LEU B 72 4.22 -11.78 33.76
N SER B 73 3.91 -12.98 33.26
CA SER B 73 3.07 -13.13 32.09
C SER B 73 1.69 -12.51 32.28
N HIS B 74 1.09 -12.77 33.44
CA HIS B 74 -0.26 -12.27 33.73
C HIS B 74 -0.31 -10.74 33.76
N VAL B 75 0.72 -10.13 34.34
CA VAL B 75 0.81 -8.66 34.39
C VAL B 75 1.06 -8.08 33.00
N GLN B 76 1.96 -8.70 32.25
CA GLN B 76 2.27 -8.26 30.89
C GLN B 76 1.03 -8.30 29.99
N ASN B 77 0.36 -9.44 29.98
CA ASN B 77 -0.69 -9.70 29.00
C ASN B 77 -1.95 -8.87 29.19
N GLN B 78 -2.06 -8.21 30.34
CA GLN B 78 -3.21 -7.36 30.64
C GLN B 78 -3.04 -5.93 30.12
N MET B 79 -1.81 -5.58 29.76
CA MET B 79 -1.48 -4.21 29.36
C MET B 79 -1.97 -3.89 27.94
N MET B 80 -2.44 -2.66 27.75
CA MET B 80 -2.97 -2.22 26.46
C MET B 80 -1.95 -2.33 25.33
N LEU B 81 -0.67 -2.22 25.69
CA LEU B 81 0.42 -2.29 24.73
C LEU B 81 0.44 -3.63 23.98
N PHE B 82 -0.06 -4.68 24.63
CA PHE B 82 -0.03 -6.02 24.06
C PHE B 82 -1.43 -6.59 23.85
N GLN B 83 -2.42 -5.72 23.82
CA GLN B 83 -3.80 -6.12 23.55
C GLN B 83 -4.24 -5.68 22.16
N ASN B 84 -5.04 -6.50 21.52
CA ASN B 84 -5.67 -6.13 20.26
C ASN B 84 -7.16 -5.83 20.44
N GLN B 85 -7.89 -5.73 19.34
CA GLN B 85 -9.32 -5.39 19.39
C GLN B 85 -10.14 -6.53 19.99
N PRO B 86 -11.19 -6.19 20.76
CA PRO B 86 -11.61 -4.83 21.07
C PRO B 86 -11.05 -4.33 22.40
N ASP B 87 -10.26 -5.16 23.07
CA ASP B 87 -9.77 -4.84 24.40
C ASP B 87 -8.84 -3.64 24.44
N HIS B 88 -8.08 -3.43 23.37
CA HIS B 88 -7.12 -2.33 23.31
C HIS B 88 -7.81 -0.96 23.42
N ARG B 89 -8.84 -0.74 22.61
CA ARG B 89 -9.54 0.54 22.60
CA ARG B 89 -9.54 0.54 22.60
C ARG B 89 -10.16 0.85 23.95
N ARG B 90 -10.75 -0.15 24.58
CA ARG B 90 -11.36 0.01 25.89
C ARG B 90 -10.32 0.48 26.90
N LEU B 91 -9.20 -0.21 26.96
CA LEU B 91 -8.14 0.09 27.93
C LEU B 91 -7.49 1.45 27.66
N ARG B 92 -7.20 1.73 26.39
CA ARG B 92 -6.54 2.98 26.03
C ARG B 92 -7.42 4.19 26.35
N THR B 93 -8.68 4.12 25.96
CA THR B 93 -9.63 5.21 26.19
C THR B 93 -9.74 5.56 27.67
N LEU B 94 -9.80 4.53 28.52
CA LEU B 94 -9.92 4.73 29.96
C LEU B 94 -8.71 5.43 30.57
N ALA B 95 -7.53 5.17 30.00
CA ALA B 95 -6.29 5.74 30.51
C ALA B 95 -6.00 7.12 29.91
N SER B 96 -6.67 7.43 28.79
CA SER B 96 -6.32 8.60 27.99
C SER B 96 -6.65 9.92 28.69
N GLY B 97 -7.58 9.88 29.63
CA GLY B 97 -8.04 11.09 30.32
C GLY B 97 -6.92 11.88 30.98
N ALA B 98 -5.89 11.17 31.43
CA ALA B 98 -4.80 11.80 32.16
C ALA B 98 -3.72 12.35 31.23
N PHE B 99 -3.90 12.17 29.93
CA PHE B 99 -2.86 12.53 28.97
C PHE B 99 -3.36 13.36 27.78
N THR B 100 -4.53 13.97 27.94
CA THR B 100 -5.04 14.89 26.93
C THR B 100 -4.22 16.18 26.92
N PRO B 101 -4.19 16.87 25.78
CA PRO B 101 -3.52 18.16 25.64
C PRO B 101 -3.76 19.09 26.82
N ARG B 102 -5.03 19.26 27.21
CA ARG B 102 -5.39 20.18 28.28
C ARG B 102 -4.91 19.71 29.65
N THR B 103 -5.07 18.42 29.93
CA THR B 103 -4.62 17.85 31.19
C THR B 103 -3.09 17.89 31.28
N THR B 104 -2.43 17.60 30.16
CA THR B 104 -0.97 17.65 30.10
C THR B 104 -0.44 19.05 30.38
N GLU B 105 -1.14 20.06 29.87
CA GLU B 105 -0.77 21.45 30.10
C GLU B 105 -0.86 21.84 31.58
N SER B 106 -1.76 21.16 32.29
CA SER B 106 -1.97 21.45 33.71
C SER B 106 -0.85 20.88 34.59
N TYR B 107 0.00 20.05 33.99
CA TYR B 107 1.15 19.48 34.69
C TYR B 107 2.33 20.43 34.71
N GLN B 108 2.25 21.49 33.90
CA GLN B 108 3.39 22.37 33.66
C GLN B 108 3.94 23.03 34.93
N PRO B 109 3.04 23.55 35.80
CA PRO B 109 3.47 24.12 37.07
C PRO B 109 4.31 23.17 37.92
N TYR B 110 3.86 21.93 38.09
CA TYR B 110 4.58 20.96 38.89
C TYR B 110 5.92 20.57 38.26
N ILE B 111 5.92 20.45 36.94
CA ILE B 111 7.14 20.10 36.20
C ILE B 111 8.20 21.19 36.34
N ILE B 112 7.80 22.43 36.05
CA ILE B 112 8.69 23.58 36.19
C ILE B 112 9.23 23.69 37.62
N GLU B 113 8.35 23.54 38.60
CA GLU B 113 8.72 23.59 40.00
C GLU B 113 9.72 22.51 40.36
N THR B 114 9.47 21.29 39.89
CA THR B 114 10.36 20.16 40.17
C THR B 114 11.72 20.36 39.49
N VAL B 115 11.71 20.88 38.27
CA VAL B 115 12.95 21.15 37.54
C VAL B 115 13.86 22.11 38.32
N HIS B 116 13.27 23.19 38.82
CA HIS B 116 14.04 24.20 39.56
C HIS B 116 14.55 23.64 40.89
N HIS B 117 13.74 22.83 41.55
CA HIS B 117 14.12 22.20 42.81
C HIS B 117 15.34 21.30 42.64
N LEU B 118 15.38 20.57 41.53
CA LEU B 118 16.47 19.64 41.27
C LEU B 118 17.75 20.37 40.86
N LEU B 119 17.61 21.43 40.06
CA LEU B 119 18.75 22.24 39.66
C LEU B 119 19.33 23.01 40.85
N ASP B 120 18.48 23.34 41.81
CA ASP B 120 18.91 24.00 43.04
C ASP B 120 19.89 23.14 43.83
N GLN B 121 19.68 21.83 43.83
CA GLN B 121 20.46 20.91 44.66
C GLN B 121 21.88 20.69 44.13
N VAL B 122 22.14 21.15 42.90
CA VAL B 122 23.44 20.97 42.29
C VAL B 122 24.04 22.29 41.82
N GLN B 123 23.27 23.37 41.97
CA GLN B 123 23.63 24.66 41.38
C GLN B 123 25.03 25.14 41.78
N GLY B 124 25.40 24.93 43.04
CA GLY B 124 26.68 25.42 43.55
C GLY B 124 27.80 24.40 43.43
N LYS B 125 27.52 23.26 42.81
CA LYS B 125 28.46 22.15 42.80
C LYS B 125 29.40 22.16 41.58
N LYS B 126 29.01 22.90 40.55
CA LYS B 126 29.85 23.04 39.35
C LYS B 126 29.92 21.75 38.54
N LYS B 127 29.25 20.72 39.04
CA LYS B 127 29.24 19.40 38.40
C LYS B 127 27.89 18.73 38.63
N MET B 128 27.46 17.92 37.68
CA MET B 128 26.29 17.06 37.88
C MET B 128 26.29 15.85 36.97
N GLU B 129 25.63 14.79 37.40
CA GLU B 129 25.33 13.66 36.53
C GLU B 129 23.88 13.77 36.06
N VAL B 130 23.71 14.11 34.79
CA VAL B 130 22.41 14.53 34.26
C VAL B 130 21.30 13.52 34.55
N ILE B 131 21.61 12.23 34.45
CA ILE B 131 20.60 11.19 34.61
C ILE B 131 20.12 11.07 36.05
N SER B 132 21.04 10.76 36.96
CA SER B 132 20.68 10.49 38.36
C SER B 132 20.30 11.75 39.13
N ASP B 133 20.87 12.89 38.74
CA ASP B 133 20.66 14.14 39.46
C ASP B 133 19.46 14.93 38.95
N PHE B 134 19.08 14.70 37.69
CA PHE B 134 18.14 15.59 37.01
C PHE B 134 17.08 14.83 36.21
N ALA B 135 17.53 14.12 35.18
CA ALA B 135 16.61 13.45 34.26
C ALA B 135 15.70 12.45 34.95
N PHE B 136 16.28 11.55 35.74
CA PHE B 136 15.50 10.51 36.39
C PHE B 136 14.56 11.02 37.48
N PRO B 137 15.09 11.80 38.44
CA PRO B 137 14.26 12.35 39.52
C PRO B 137 13.05 13.12 38.98
N LEU B 138 13.25 13.93 37.95
CA LEU B 138 12.14 14.67 37.35
C LEU B 138 11.07 13.73 36.83
N ALA B 139 11.46 12.81 35.96
CA ALA B 139 10.51 11.89 35.35
C ALA B 139 9.81 11.03 36.39
N SER B 140 10.56 10.61 37.41
CA SER B 140 10.02 9.79 38.49
C SER B 140 8.96 10.55 39.31
N PHE B 141 9.32 11.74 39.76
CA PHE B 141 8.40 12.55 40.57
C PHE B 141 7.13 12.88 39.80
N VAL B 142 7.28 13.17 38.51
CA VAL B 142 6.15 13.57 37.68
C VAL B 142 5.13 12.44 37.51
N ILE B 143 5.59 11.28 37.05
CA ILE B 143 4.67 10.17 36.77
C ILE B 143 4.03 9.63 38.05
N ALA B 144 4.81 9.59 39.13
CA ALA B 144 4.30 9.12 40.42
C ALA B 144 3.21 10.06 40.95
N ASN B 145 3.39 11.35 40.73
CA ASN B 145 2.39 12.34 41.11
C ASN B 145 1.11 12.18 40.31
N ILE B 146 1.26 11.94 39.01
CA ILE B 146 0.13 11.73 38.11
C ILE B 146 -0.67 10.48 38.48
N ILE B 147 0.04 9.37 38.68
CA ILE B 147 -0.60 8.11 39.03
C ILE B 147 -1.25 8.17 40.41
N GLY B 148 -0.52 8.74 41.37
CA GLY B 148 -1.03 8.88 42.74
C GLY B 148 -0.22 8.09 43.74
N VAL B 149 1.05 7.88 43.43
CA VAL B 149 1.95 7.16 44.33
C VAL B 149 2.63 8.14 45.27
N PRO B 150 2.46 7.93 46.59
CA PRO B 150 3.07 8.80 47.59
C PRO B 150 4.59 8.76 47.56
N GLU B 151 5.23 9.85 47.99
CA GLU B 151 6.68 9.98 47.91
C GLU B 151 7.40 8.84 48.64
N GLU B 152 6.73 8.27 49.64
CA GLU B 152 7.33 7.22 50.46
C GLU B 152 7.54 5.93 49.68
N ASP B 153 6.79 5.76 48.59
CA ASP B 153 6.78 4.49 47.86
C ASP B 153 7.45 4.60 46.48
N ARG B 154 8.02 5.76 46.19
CA ARG B 154 8.51 6.05 44.84
C ARG B 154 9.85 5.39 44.53
N GLU B 155 10.55 4.96 45.57
CA GLU B 155 11.80 4.23 45.41
C GLU B 155 11.54 2.77 45.04
N GLN B 156 10.48 2.20 45.59
CA GLN B 156 10.00 0.88 45.18
C GLN B 156 9.63 0.88 43.70
N LEU B 157 8.99 1.96 43.27
CA LEU B 157 8.52 2.09 41.88
C LEU B 157 9.69 2.11 40.91
N LYS B 158 10.75 2.81 41.28
CA LYS B 158 11.97 2.85 40.49
C LYS B 158 12.56 1.45 40.30
N GLU B 159 12.52 0.65 41.35
CA GLU B 159 13.06 -0.70 41.32
C GLU B 159 12.27 -1.61 40.38
N TRP B 160 10.94 -1.55 40.48
CA TRP B 160 10.08 -2.36 39.63
C TRP B 160 10.25 -1.99 38.15
N ALA B 161 10.29 -0.70 37.87
CA ALA B 161 10.40 -0.21 36.50
C ALA B 161 11.66 -0.71 35.81
N ALA B 162 12.81 -0.53 36.49
CA ALA B 162 14.09 -0.93 35.93
C ALA B 162 14.16 -2.43 35.68
N SER B 163 13.51 -3.21 36.55
CA SER B 163 13.50 -4.66 36.41
C SER B 163 12.56 -5.13 35.31
N LEU B 164 11.38 -4.52 35.25
CA LEU B 164 10.34 -4.98 34.33
C LEU B 164 10.61 -4.59 32.88
N ILE B 165 11.30 -3.46 32.68
CA ILE B 165 11.64 -3.00 31.33
C ILE B 165 12.55 -3.99 30.60
N GLN B 166 13.35 -4.72 31.36
CA GLN B 166 14.28 -5.69 30.80
C GLN B 166 13.57 -6.92 30.24
N THR B 167 12.37 -7.18 30.74
CA THR B 167 11.67 -8.43 30.46
C THR B 167 11.11 -8.50 29.03
N ILE B 168 11.11 -7.38 28.33
CA ILE B 168 10.59 -7.33 26.97
C ILE B 168 11.71 -7.21 25.94
N ASP B 169 12.93 -7.01 26.42
CA ASP B 169 14.07 -6.71 25.54
C ASP B 169 14.74 -7.99 25.03
N PHE B 170 15.29 -7.90 23.81
CA PHE B 170 16.05 -9.00 23.21
C PHE B 170 17.15 -9.51 24.14
N THR B 171 17.69 -8.63 24.97
CA THR B 171 18.87 -8.95 25.79
C THR B 171 18.50 -9.64 27.10
N ARG B 172 17.22 -9.93 27.30
CA ARG B 172 16.75 -10.55 28.53
C ARG B 172 17.35 -11.94 28.74
N SER B 173 17.41 -12.36 30.00
CA SER B 173 17.92 -13.68 30.34
C SER B 173 16.99 -14.37 31.34
N ARG B 174 17.26 -15.65 31.60
CA ARG B 174 16.48 -16.43 32.57
C ARG B 174 16.43 -15.75 33.93
N LYS B 175 17.55 -15.18 34.35
CA LYS B 175 17.63 -14.52 35.65
C LYS B 175 16.90 -13.18 35.66
N ALA B 176 16.86 -12.53 34.50
CA ALA B 176 16.11 -11.28 34.35
C ALA B 176 14.60 -11.54 34.41
N LEU B 177 14.17 -12.67 33.85
CA LEU B 177 12.76 -13.02 33.84
C LEU B 177 12.30 -13.57 35.19
N THR B 178 13.19 -14.27 35.88
CA THR B 178 12.91 -14.74 37.24
C THR B 178 12.77 -13.56 38.20
N GLU B 179 13.67 -12.59 38.06
CA GLU B 179 13.60 -11.36 38.83
C GLU B 179 12.34 -10.56 38.49
N GLY B 180 12.02 -10.51 37.19
CA GLY B 180 10.83 -9.83 36.72
C GLY B 180 9.55 -10.38 37.33
N ASN B 181 9.50 -11.70 37.50
CA ASN B 181 8.34 -12.34 38.11
C ASN B 181 8.13 -11.92 39.55
N ILE B 182 9.23 -11.81 40.30
CA ILE B 182 9.18 -11.32 41.68
C ILE B 182 8.69 -9.88 41.76
N MET B 183 9.20 -9.04 40.87
CA MET B 183 8.79 -7.64 40.83
C MET B 183 7.34 -7.48 40.39
N ALA B 184 6.88 -8.40 39.55
CA ALA B 184 5.48 -8.42 39.11
C ALA B 184 4.55 -8.70 40.28
N VAL B 185 4.93 -9.66 41.13
CA VAL B 185 4.18 -9.96 42.33
C VAL B 185 4.09 -8.73 43.26
N GLN B 186 5.24 -8.12 43.51
CA GLN B 186 5.32 -6.95 44.40
C GLN B 186 4.49 -5.78 43.88
N ALA B 187 4.64 -5.46 42.60
CA ALA B 187 3.99 -4.31 42.00
C ALA B 187 2.47 -4.48 41.95
N MET B 188 2.01 -5.66 41.55
CA MET B 188 0.59 -5.95 41.46
C MET B 188 -0.07 -5.88 42.84
N ALA B 189 0.57 -6.49 43.83
CA ALA B 189 0.07 -6.45 45.21
C ALA B 189 -0.02 -5.03 45.74
N TYR B 190 1.00 -4.23 45.44
CA TYR B 190 1.04 -2.85 45.91
C TYR B 190 -0.08 -1.99 45.32
N PHE B 191 -0.26 -2.08 44.01
CA PHE B 191 -1.26 -1.26 43.34
C PHE B 191 -2.68 -1.71 43.67
N LYS B 192 -2.85 -3.00 43.94
CA LYS B 192 -4.13 -3.52 44.41
C LYS B 192 -4.53 -2.86 45.73
N GLU B 193 -3.56 -2.74 46.64
CA GLU B 193 -3.79 -2.09 47.93
C GLU B 193 -4.08 -0.60 47.78
N LEU B 194 -3.32 0.06 46.90
CA LEU B 194 -3.50 1.48 46.64
C LEU B 194 -4.87 1.76 46.03
N ILE B 195 -5.34 0.85 45.18
CA ILE B 195 -6.65 0.97 44.56
C ILE B 195 -7.77 0.80 45.59
N GLN B 196 -7.57 -0.09 46.56
CA GLN B 196 -8.52 -0.28 47.64
C GLN B 196 -8.63 0.98 48.50
N LYS B 197 -7.50 1.64 48.71
CA LYS B 197 -7.46 2.90 49.44
C LYS B 197 -8.23 3.99 48.70
N ARG B 198 -7.95 4.13 47.40
CA ARG B 198 -8.58 5.16 46.58
C ARG B 198 -10.06 4.89 46.36
N LYS B 199 -10.46 3.62 46.46
CA LYS B 199 -11.85 3.24 46.32
C LYS B 199 -12.68 3.76 47.50
N ARG B 200 -12.12 3.65 48.70
CA ARG B 200 -12.77 4.17 49.90
C ARG B 200 -12.64 5.69 49.98
N HIS B 201 -11.44 6.20 49.71
CA HIS B 201 -11.19 7.63 49.73
C HIS B 201 -10.47 8.08 48.47
N PRO B 202 -11.24 8.49 47.44
CA PRO B 202 -10.68 8.97 46.19
C PRO B 202 -9.85 10.23 46.37
N GLN B 203 -8.80 10.39 45.56
CA GLN B 203 -7.96 11.58 45.59
C GLN B 203 -7.86 12.17 44.20
N GLN B 204 -7.12 13.28 44.08
CA GLN B 204 -6.90 13.92 42.78
CA GLN B 204 -6.89 13.91 42.79
C GLN B 204 -5.73 13.27 42.05
N ASP B 205 -5.93 12.04 41.58
CA ASP B 205 -4.90 11.32 40.85
C ASP B 205 -5.51 10.42 39.78
N MET B 206 -4.67 9.71 39.06
CA MET B 206 -5.12 8.91 37.92
C MET B 206 -5.82 7.63 38.36
N ILE B 207 -5.36 7.05 39.46
CA ILE B 207 -5.97 5.82 39.98
C ILE B 207 -7.44 6.04 40.32
N SER B 208 -7.74 7.18 40.93
CA SER B 208 -9.12 7.53 41.25
C SER B 208 -9.94 7.83 40.00
N MET B 209 -9.29 8.39 38.98
CA MET B 209 -9.92 8.57 37.68
C MET B 209 -10.32 7.23 37.09
N LEU B 210 -9.47 6.23 37.24
CA LEU B 210 -9.73 4.88 36.73
C LEU B 210 -10.90 4.22 37.46
N LEU B 211 -11.12 4.62 38.71
CA LEU B 211 -12.20 4.05 39.51
C LEU B 211 -13.53 4.73 39.20
N LYS B 212 -13.47 5.93 38.65
CA LYS B 212 -14.67 6.65 38.22
C LYS B 212 -15.24 6.04 36.94
N GLY B 213 -14.35 5.64 36.04
CA GLY B 213 -14.75 4.98 34.80
C GLY B 213 -15.41 5.93 33.82
N LYS B 218 -16.40 -2.36 32.26
CA LYS B 218 -15.55 -1.21 32.52
C LYS B 218 -14.08 -1.63 32.59
N LEU B 219 -13.59 -1.84 33.81
CA LEU B 219 -12.17 -2.07 34.06
C LEU B 219 -11.98 -2.82 35.35
N THR B 220 -11.48 -4.05 35.28
CA THR B 220 -11.20 -4.84 36.47
C THR B 220 -10.08 -4.19 37.28
N GLU B 221 -10.01 -4.53 38.56
CA GLU B 221 -9.03 -3.93 39.45
C GLU B 221 -7.61 -4.38 39.11
N GLU B 222 -7.49 -5.57 38.54
CA GLU B 222 -6.20 -6.05 38.04
C GLU B 222 -5.78 -5.30 36.79
N GLU B 223 -6.74 -5.01 35.92
CA GLU B 223 -6.48 -4.22 34.72
C GLU B 223 -6.05 -2.80 35.06
N ALA B 224 -6.70 -2.22 36.07
CA ALA B 224 -6.31 -0.90 36.57
C ALA B 224 -4.90 -0.93 37.14
N ALA B 225 -4.57 -2.00 37.85
CA ALA B 225 -3.24 -2.15 38.42
C ALA B 225 -2.18 -2.27 37.33
N SER B 226 -2.43 -3.13 36.35
CA SER B 226 -1.47 -3.36 35.26
C SER B 226 -1.32 -2.12 34.38
N THR B 227 -2.37 -1.31 34.28
CA THR B 227 -2.31 -0.03 33.59
C THR B 227 -1.36 0.93 34.32
N CYS B 228 -1.49 0.99 35.64
CA CYS B 228 -0.61 1.81 36.47
C CYS B 228 0.85 1.39 36.31
N ILE B 229 1.09 0.08 36.27
CA ILE B 229 2.44 -0.45 36.13
C ILE B 229 3.03 -0.07 34.76
N LEU B 230 2.24 -0.22 33.71
CA LEU B 230 2.66 0.17 32.37
C LEU B 230 3.10 1.63 32.33
N LEU B 231 2.26 2.51 32.87
CA LEU B 231 2.54 3.95 32.85
C LEU B 231 3.73 4.31 33.72
N ALA B 232 3.87 3.64 34.86
CA ALA B 232 5.02 3.84 35.73
C ALA B 232 6.32 3.49 35.02
N ILE B 233 6.32 2.37 34.32
CA ILE B 233 7.50 1.92 33.58
C ILE B 233 7.89 2.91 32.48
N ALA B 234 6.92 3.27 31.65
CA ALA B 234 7.15 4.21 30.55
C ALA B 234 7.65 5.56 31.05
N GLY B 235 7.10 6.01 32.17
CA GLY B 235 7.49 7.28 32.77
C GLY B 235 8.90 7.29 33.33
N HIS B 236 9.39 6.11 33.71
CA HIS B 236 10.68 6.00 34.38
C HIS B 236 11.85 5.71 33.42
N GLU B 237 11.53 5.15 32.26
CA GLU B 237 12.58 4.65 31.36
C GLU B 237 12.80 5.56 30.16
N THR B 238 11.77 5.73 29.34
CA THR B 238 11.90 6.39 28.04
C THR B 238 12.09 7.90 28.15
N THR B 239 11.33 8.54 29.03
CA THR B 239 11.40 9.98 29.21
C THR B 239 12.79 10.41 29.69
N VAL B 240 13.35 9.61 30.61
CA VAL B 240 14.70 9.87 31.11
C VAL B 240 15.73 9.81 29.98
N ASN B 241 15.55 8.85 29.08
CA ASN B 241 16.44 8.70 27.94
C ASN B 241 16.31 9.86 26.94
N LEU B 242 15.08 10.33 26.76
CA LEU B 242 14.82 11.48 25.89
C LEU B 242 15.60 12.71 26.35
N ILE B 243 15.49 13.02 27.64
CA ILE B 243 16.18 14.19 28.19
C ILE B 243 17.69 14.04 28.11
N SER B 244 18.20 12.89 28.52
CA SER B 244 19.64 12.65 28.56
C SER B 244 20.27 12.55 27.16
N ASN B 245 19.57 11.89 26.24
CA ASN B 245 20.03 11.81 24.85
C ASN B 245 20.07 13.19 24.19
N SER B 246 19.10 14.04 24.52
CA SER B 246 19.01 15.38 23.95
C SER B 246 20.16 16.28 24.41
N VAL B 247 20.46 16.22 25.70
CA VAL B 247 21.53 17.04 26.27
C VAL B 247 22.87 16.71 25.61
N LEU B 248 23.13 15.41 25.45
CA LEU B 248 24.36 14.95 24.80
C LEU B 248 24.40 15.40 23.33
N CYS B 249 23.28 15.26 22.64
CA CYS B 249 23.18 15.71 21.25
C CYS B 249 23.56 17.17 21.08
N LEU B 250 22.95 18.03 21.90
CA LEU B 250 23.17 19.46 21.81
C LEU B 250 24.61 19.85 22.14
N LEU B 251 25.17 19.21 23.16
CA LEU B 251 26.54 19.48 23.57
C LEU B 251 27.56 19.01 22.54
N GLN B 252 27.16 18.05 21.71
CA GLN B 252 28.02 17.55 20.65
C GLN B 252 27.90 18.39 19.37
N HIS B 253 26.95 19.31 19.37
CA HIS B 253 26.78 20.26 18.27
C HIS B 253 26.63 21.69 18.81
N PRO B 254 27.74 22.31 19.22
CA PRO B 254 27.72 23.61 19.89
C PRO B 254 27.13 24.72 19.03
N GLU B 255 27.26 24.58 17.72
CA GLU B 255 26.66 25.54 16.79
C GLU B 255 25.17 25.74 17.07
N GLN B 256 24.44 24.63 17.19
CA GLN B 256 23.00 24.68 17.33
C GLN B 256 22.59 24.76 18.80
N LEU B 257 23.49 24.36 19.68
CA LEU B 257 23.32 24.57 21.10
C LEU B 257 23.27 26.07 21.41
N LEU B 258 24.22 26.82 20.84
CA LEU B 258 24.26 28.27 21.00
C LEU B 258 23.02 28.91 20.37
N LYS B 259 22.61 28.40 19.22
CA LYS B 259 21.40 28.84 18.55
C LYS B 259 20.17 28.68 19.44
N LEU B 260 20.07 27.52 20.10
CA LEU B 260 18.95 27.24 21.00
C LEU B 260 19.00 28.11 22.24
N ARG B 261 20.20 28.31 22.78
CA ARG B 261 20.39 29.16 23.96
C ARG B 261 19.97 30.60 23.67
N GLU B 262 20.29 31.08 22.48
CA GLU B 262 19.98 32.45 22.08
C GLU B 262 18.47 32.67 21.89
N ASN B 263 17.77 31.63 21.46
CA ASN B 263 16.31 31.67 21.42
C ASN B 263 15.66 30.37 21.87
N PRO B 264 15.13 30.37 23.11
CA PRO B 264 14.48 29.22 23.72
C PRO B 264 13.18 28.81 23.02
N ASP B 265 12.64 29.68 22.18
CA ASP B 265 11.44 29.37 21.41
C ASP B 265 11.70 28.27 20.39
N LEU B 266 12.97 27.94 20.19
CA LEU B 266 13.35 26.90 19.25
C LEU B 266 13.36 25.53 19.92
N ILE B 267 12.96 25.47 21.18
CA ILE B 267 12.99 24.23 21.95
C ILE B 267 12.05 23.16 21.36
N GLY B 268 10.94 23.62 20.79
CA GLY B 268 10.00 22.71 20.14
C GLY B 268 10.63 21.96 18.99
N THR B 269 11.13 22.69 18.01
CA THR B 269 11.75 22.08 16.84
C THR B 269 13.03 21.32 17.20
N ALA B 270 13.73 21.80 18.23
CA ALA B 270 14.95 21.16 18.70
C ALA B 270 14.68 19.78 19.29
N VAL B 271 13.66 19.69 20.14
CA VAL B 271 13.31 18.42 20.79
C VAL B 271 12.83 17.38 19.77
N GLU B 272 12.18 17.84 18.71
CA GLU B 272 11.73 16.95 17.65
C GLU B 272 12.90 16.33 16.91
N GLU B 273 13.95 17.11 16.70
CA GLU B 273 15.15 16.61 16.02
C GLU B 273 15.98 15.69 16.92
N CYS B 274 15.94 15.94 18.21
CA CYS B 274 16.57 15.02 19.17
C CYS B 274 15.84 13.68 19.18
N LEU B 275 14.52 13.72 19.06
CA LEU B 275 13.71 12.51 18.99
C LEU B 275 14.05 11.69 17.74
N ARG B 276 14.26 12.37 16.62
CA ARG B 276 14.59 11.69 15.37
C ARG B 276 16.01 11.12 15.38
N TYR B 277 16.93 11.87 15.97
CA TYR B 277 18.36 11.58 15.82
C TYR B 277 18.84 10.51 16.78
N GLU B 278 18.35 10.57 18.02
CA GLU B 278 18.67 9.55 19.03
C GLU B 278 17.40 9.07 19.72
N SER B 279 16.64 8.24 19.02
CA SER B 279 15.32 7.81 19.48
C SER B 279 15.43 6.94 20.73
N PRO B 280 14.74 7.34 21.82
CA PRO B 280 14.76 6.62 23.08
C PRO B 280 14.32 5.16 22.92
N THR B 281 13.33 4.94 22.07
CA THR B 281 12.87 3.58 21.77
C THR B 281 13.33 3.17 20.38
N GLN B 282 14.14 2.12 20.30
CA GLN B 282 14.76 1.72 19.04
C GLN B 282 13.97 0.62 18.32
N MET B 283 13.06 -0.02 19.04
CA MET B 283 12.35 -1.17 18.49
C MET B 283 10.94 -1.35 19.07
N THR B 284 10.00 -1.66 18.19
CA THR B 284 8.77 -2.33 18.60
C THR B 284 8.53 -3.52 17.67
N ALA B 285 7.49 -4.31 17.95
CA ALA B 285 7.29 -5.57 17.24
C ALA B 285 5.83 -5.85 16.91
N ARG B 286 5.62 -6.60 15.84
CA ARG B 286 4.29 -7.07 15.45
C ARG B 286 4.36 -8.51 14.98
N VAL B 287 3.23 -9.20 15.03
CA VAL B 287 3.11 -10.52 14.40
C VAL B 287 2.09 -10.46 13.27
N ALA B 288 2.38 -11.14 12.17
CA ALA B 288 1.46 -11.21 11.03
C ALA B 288 0.31 -12.16 11.34
N SER B 289 -0.91 -11.63 11.32
CA SER B 289 -2.10 -12.43 11.61
C SER B 289 -2.57 -13.18 10.38
N GLU B 290 -1.97 -12.87 9.23
CA GLU B 290 -2.23 -13.57 7.99
C GLU B 290 -1.06 -13.36 7.04
N ASP B 291 -1.12 -13.97 5.86
CA ASP B 291 -0.13 -13.72 4.82
C ASP B 291 -0.28 -12.31 4.27
N ILE B 292 0.83 -11.58 4.21
CA ILE B 292 0.80 -10.18 3.80
C ILE B 292 1.93 -9.85 2.83
N ASP B 293 1.57 -9.30 1.67
CA ASP B 293 2.54 -8.85 0.69
C ASP B 293 2.84 -7.36 0.87
N ILE B 294 4.10 -7.03 1.10
CA ILE B 294 4.52 -5.64 1.26
C ILE B 294 5.93 -5.44 0.72
N CYS B 295 6.12 -4.36 -0.04
CA CYS B 295 7.43 -3.98 -0.53
C CYS B 295 8.15 -5.11 -1.28
N GLY B 296 7.36 -5.94 -1.97
CA GLY B 296 7.92 -6.97 -2.84
C GLY B 296 8.25 -8.28 -2.13
N VAL B 297 7.95 -8.35 -0.84
CA VAL B 297 8.15 -9.59 -0.08
C VAL B 297 6.84 -10.09 0.54
N THR B 298 6.83 -11.36 0.91
CA THR B 298 5.67 -11.97 1.53
C THR B 298 5.97 -12.40 2.97
N ILE B 299 5.26 -11.81 3.91
CA ILE B 299 5.35 -12.21 5.31
C ILE B 299 4.22 -13.16 5.64
N ARG B 300 4.56 -14.41 5.97
CA ARG B 300 3.56 -15.44 6.22
C ARG B 300 2.94 -15.30 7.60
N GLN B 301 1.73 -15.83 7.76
CA GLN B 301 1.01 -15.78 9.03
C GLN B 301 1.86 -16.37 10.16
N GLY B 302 1.99 -15.61 11.25
CA GLY B 302 2.69 -16.09 12.44
C GLY B 302 4.13 -15.64 12.53
N GLU B 303 4.67 -15.14 11.43
CA GLU B 303 6.05 -14.65 11.40
C GLU B 303 6.18 -13.32 12.13
N GLN B 304 7.34 -13.08 12.72
CA GLN B 304 7.54 -11.91 13.57
C GLN B 304 8.15 -10.74 12.81
N VAL B 305 7.68 -9.53 13.10
CA VAL B 305 8.14 -8.34 12.41
C VAL B 305 8.70 -7.32 13.40
N TYR B 306 9.99 -6.99 13.23
CA TYR B 306 10.66 -6.09 14.16
C TYR B 306 10.98 -4.75 13.49
N LEU B 307 10.38 -3.70 14.03
CA LEU B 307 10.46 -2.38 13.43
C LEU B 307 11.52 -1.53 14.12
N LEU B 308 12.56 -1.18 13.37
CA LEU B 308 13.67 -0.43 13.92
C LEU B 308 13.44 1.07 13.74
N LEU B 309 12.82 1.68 14.75
CA LEU B 309 12.35 3.06 14.66
C LEU B 309 13.49 4.05 14.47
N GLY B 310 14.61 3.79 15.14
CA GLY B 310 15.80 4.63 14.98
C GLY B 310 16.32 4.59 13.56
N ALA B 311 16.25 3.41 12.93
CA ALA B 311 16.73 3.24 11.57
C ALA B 311 15.83 3.95 10.57
N ALA B 312 14.52 3.80 10.74
CA ALA B 312 13.55 4.46 9.86
C ALA B 312 13.71 5.98 9.93
N ASN B 313 14.11 6.48 11.10
CA ASN B 313 14.34 7.91 11.29
C ASN B 313 15.59 8.42 10.57
N ARG B 314 16.38 7.50 10.03
CA ARG B 314 17.58 7.85 9.26
C ARG B 314 17.41 7.55 7.77
N ASP B 315 16.17 7.35 7.34
CA ASP B 315 15.88 7.07 5.93
C ASP B 315 16.08 8.31 5.07
N PRO B 316 17.07 8.27 4.16
CA PRO B 316 17.44 9.42 3.35
C PRO B 316 16.37 9.83 2.34
N SER B 317 15.43 8.92 2.05
CA SER B 317 14.34 9.23 1.13
C SER B 317 13.29 10.11 1.78
N ILE B 318 13.41 10.30 3.09
CA ILE B 318 12.49 11.15 3.83
C ILE B 318 13.24 12.33 4.46
N PHE B 319 14.41 12.05 5.02
CA PHE B 319 15.23 13.08 5.64
C PHE B 319 16.54 13.25 4.86
N THR B 320 16.60 14.32 4.08
CA THR B 320 17.60 14.43 3.00
C THR B 320 19.02 14.03 3.38
N ASN B 321 19.57 14.70 4.39
CA ASN B 321 20.87 14.34 4.95
C ASN B 321 20.71 13.76 6.36
N PRO B 322 20.35 12.47 6.45
CA PRO B 322 19.78 11.89 7.67
C PRO B 322 20.74 11.88 8.86
N ASP B 323 22.03 11.71 8.59
CA ASP B 323 23.01 11.60 9.67
C ASP B 323 23.51 12.96 10.15
N VAL B 324 22.89 14.03 9.64
CA VAL B 324 23.19 15.38 10.10
C VAL B 324 22.14 15.84 11.12
N PHE B 325 22.63 16.32 12.26
CA PHE B 325 21.77 16.85 13.32
C PHE B 325 21.41 18.30 13.00
N ASP B 326 20.12 18.56 12.76
CA ASP B 326 19.67 19.88 12.34
C ASP B 326 18.36 20.25 13.02
N ILE B 327 18.44 21.13 14.02
CA ILE B 327 17.28 21.46 14.84
C ILE B 327 16.23 22.26 14.08
N THR B 328 16.57 22.74 12.89
CA THR B 328 15.67 23.59 12.12
C THR B 328 14.80 22.81 11.13
N ARG B 329 14.97 21.49 11.10
CA ARG B 329 14.14 20.63 10.25
C ARG B 329 12.65 20.88 10.48
N SER B 330 11.89 21.07 9.39
CA SER B 330 10.46 21.31 9.48
C SER B 330 9.71 20.85 8.22
N PRO B 331 8.69 20.01 8.39
CA PRO B 331 8.36 19.42 9.69
C PRO B 331 9.31 18.26 9.98
N ASN B 332 9.06 17.55 11.08
CA ASN B 332 9.89 16.42 11.44
C ASN B 332 9.04 15.20 11.75
N PRO B 333 8.63 14.46 10.69
CA PRO B 333 7.69 13.35 10.85
C PRO B 333 8.38 12.06 11.29
N HIS B 334 9.15 12.15 12.37
CA HIS B 334 9.85 10.98 12.89
C HIS B 334 8.86 9.95 13.45
N LEU B 335 9.34 8.72 13.63
CA LEU B 335 8.49 7.63 14.10
C LEU B 335 8.86 7.19 15.51
N SER B 336 9.42 8.11 16.29
CA SER B 336 9.96 7.79 17.61
C SER B 336 8.87 7.41 18.60
N PHE B 337 7.66 7.95 18.39
CA PHE B 337 6.51 7.63 19.23
C PHE B 337 5.62 6.58 18.58
N GLY B 338 6.12 5.96 17.52
CA GLY B 338 5.36 4.94 16.80
C GLY B 338 4.38 5.56 15.82
N HIS B 339 3.31 4.83 15.53
CA HIS B 339 2.40 5.18 14.45
C HIS B 339 1.19 4.27 14.49
N GLY B 340 0.01 4.82 14.18
CA GLY B 340 -1.22 4.03 14.16
C GLY B 340 -1.92 3.98 15.51
N HIS B 341 -2.65 2.89 15.75
CA HIS B 341 -3.54 2.78 16.90
C HIS B 341 -2.84 2.78 18.26
N HIS B 342 -1.61 2.26 18.29
CA HIS B 342 -0.86 2.14 19.53
C HIS B 342 0.09 3.31 19.76
N VAL B 343 -0.02 4.34 18.93
CA VAL B 343 0.87 5.50 19.03
C VAL B 343 0.95 6.03 20.46
N CYS B 344 2.16 6.36 20.89
CA CYS B 344 2.41 6.70 22.30
C CYS B 344 1.30 7.52 22.94
N LEU B 345 0.79 7.02 24.07
CA LEU B 345 -0.27 7.70 24.79
C LEU B 345 0.24 8.95 25.53
N GLY B 346 1.51 8.92 25.93
CA GLY B 346 2.06 9.97 26.78
C GLY B 346 3.03 10.91 26.07
N SER B 347 2.92 11.00 24.74
CA SER B 347 3.88 11.76 23.94
C SER B 347 3.87 13.25 24.27
N SER B 348 2.71 13.79 24.61
CA SER B 348 2.62 15.21 24.98
C SER B 348 3.28 15.48 26.33
N LEU B 349 3.14 14.55 27.26
CA LEU B 349 3.80 14.65 28.56
C LEU B 349 5.32 14.58 28.41
N ALA B 350 5.79 13.62 27.61
CA ALA B 350 7.21 13.43 27.39
C ALA B 350 7.85 14.66 26.74
N ARG B 351 7.16 15.23 25.75
CA ARG B 351 7.65 16.41 25.06
C ARG B 351 7.73 17.61 26.01
N LEU B 352 6.72 17.76 26.85
CA LEU B 352 6.68 18.87 27.81
C LEU B 352 7.78 18.76 28.86
N GLU B 353 7.93 17.57 29.44
CA GLU B 353 9.00 17.32 30.40
C GLU B 353 10.37 17.65 29.80
N ALA B 354 10.59 17.23 28.56
CA ALA B 354 11.87 17.44 27.89
C ALA B 354 12.11 18.91 27.56
N GLN B 355 11.09 19.56 27.01
CA GLN B 355 11.21 20.97 26.63
C GLN B 355 11.53 21.87 27.82
N ILE B 356 10.84 21.63 28.93
CA ILE B 356 11.03 22.43 30.14
C ILE B 356 12.38 22.14 30.79
N ALA B 357 12.76 20.87 30.83
CA ALA B 357 14.02 20.46 31.44
C ALA B 357 15.21 21.04 30.68
N ILE B 358 15.21 20.92 29.36
CA ILE B 358 16.34 21.34 28.53
C ILE B 358 16.48 22.87 28.50
N ASN B 359 15.38 23.56 28.27
CA ASN B 359 15.39 25.02 28.26
C ASN B 359 15.86 25.62 29.57
N THR B 360 15.33 25.11 30.68
CA THR B 360 15.69 25.62 32.01
C THR B 360 17.16 25.32 32.34
N LEU B 361 17.61 24.11 31.97
CA LEU B 361 18.99 23.73 32.19
C LEU B 361 19.95 24.67 31.45
N LEU B 362 19.66 24.93 30.18
CA LEU B 362 20.49 25.82 29.37
C LEU B 362 20.47 27.25 29.90
N GLN B 363 19.35 27.62 30.51
CA GLN B 363 19.18 28.96 31.05
C GLN B 363 19.98 29.15 32.33
N ARG B 364 19.92 28.15 33.22
CA ARG B 364 20.54 28.26 34.54
C ARG B 364 22.00 27.82 34.54
N MET B 365 22.39 27.04 33.53
CA MET B 365 23.77 26.60 33.39
C MET B 365 24.37 27.06 32.06
N PRO B 366 24.73 28.35 31.96
CA PRO B 366 25.11 29.01 30.71
C PRO B 366 26.38 28.47 30.08
N SER B 367 27.30 27.98 30.90
CA SER B 367 28.56 27.43 30.39
C SER B 367 28.60 25.91 30.56
N LEU B 368 27.54 25.25 30.13
CA LEU B 368 27.44 23.80 30.23
C LEU B 368 28.44 23.10 29.31
N ASN B 369 29.14 22.11 29.84
CA ASN B 369 30.11 21.35 29.06
C ASN B 369 30.10 19.87 29.43
N LEU B 370 30.45 19.03 28.47
CA LEU B 370 30.63 17.60 28.72
C LEU B 370 31.87 17.38 29.59
N ALA B 371 31.78 16.46 30.53
CA ALA B 371 32.92 16.09 31.36
C ALA B 371 33.86 15.16 30.60
N GLU B 374 33.68 9.02 25.67
CA GLU B 374 33.56 7.62 26.05
C GLU B 374 32.26 7.36 26.83
N TRP B 375 31.14 7.70 26.23
CA TRP B 375 29.83 7.46 26.84
C TRP B 375 29.39 6.02 26.63
N ARG B 376 28.95 5.38 27.71
CA ARG B 376 28.50 3.99 27.64
C ARG B 376 26.98 3.91 27.61
N TYR B 377 26.46 2.96 26.85
CA TYR B 377 25.02 2.75 26.78
C TYR B 377 24.60 1.49 27.51
N ARG B 378 23.42 1.52 28.11
CA ARG B 378 22.86 0.35 28.78
C ARG B 378 22.70 -0.80 27.79
N PRO B 379 22.85 -2.05 28.28
CA PRO B 379 22.84 -3.22 27.41
C PRO B 379 21.43 -3.60 26.97
N LEU B 380 20.73 -2.66 26.33
CA LEU B 380 19.38 -2.91 25.82
C LEU B 380 19.34 -2.64 24.33
N PHE B 381 18.72 -3.55 23.58
CA PHE B 381 18.71 -3.46 22.13
C PHE B 381 17.47 -2.75 21.59
N GLY B 382 16.42 -2.69 22.40
CA GLY B 382 15.17 -2.04 22.00
C GLY B 382 15.07 -0.60 22.46
N PHE B 383 16.05 -0.15 23.22
CA PHE B 383 16.09 1.23 23.71
C PHE B 383 17.51 1.80 23.62
N ARG B 384 17.60 3.09 23.38
CA ARG B 384 18.89 3.78 23.39
C ARG B 384 19.05 4.60 24.67
N ALA B 385 19.77 4.03 25.63
CA ALA B 385 19.83 4.60 26.97
C ALA B 385 21.26 4.70 27.48
N LEU B 386 21.67 5.91 27.85
CA LEU B 386 22.99 6.13 28.42
C LEU B 386 23.07 5.60 29.85
N GLU B 387 24.23 5.07 30.22
CA GLU B 387 24.48 4.65 31.60
C GLU B 387 24.55 5.87 32.51
N GLU B 388 25.27 6.89 32.07
CA GLU B 388 25.35 8.16 32.80
C GLU B 388 25.85 9.28 31.89
N LEU B 389 25.63 10.52 32.33
CA LEU B 389 26.03 11.68 31.54
C LEU B 389 26.55 12.81 32.44
N PRO B 390 27.85 12.76 32.79
CA PRO B 390 28.46 13.78 33.63
C PRO B 390 28.73 15.07 32.86
N VAL B 391 28.40 16.20 33.47
CA VAL B 391 28.62 17.51 32.86
C VAL B 391 29.23 18.48 33.86
N THR B 392 29.83 19.56 33.35
CA THR B 392 30.34 20.64 34.19
C THR B 392 29.73 21.98 33.75
N PHE B 393 29.72 22.95 34.66
CA PHE B 393 29.10 24.24 34.37
C PHE B 393 29.64 25.34 35.28
N GLU B 394 29.26 26.59 34.97
CA GLU B 394 29.60 27.75 35.79
C GLU B 394 31.08 27.85 36.12
N GLY C 17 -52.40 33.41 -30.87
CA GLY C 17 -52.41 34.54 -29.90
C GLY C 17 -51.26 34.46 -28.92
N SER C 18 -50.26 35.32 -29.10
CA SER C 18 -49.09 35.34 -28.23
C SER C 18 -49.41 35.97 -26.88
N HIS C 19 -48.53 35.75 -25.91
CA HIS C 19 -48.69 36.32 -24.57
C HIS C 19 -47.36 36.33 -23.82
N MET C 20 -47.28 37.15 -22.78
CA MET C 20 -46.11 37.19 -21.92
C MET C 20 -45.98 35.88 -21.12
N SER C 21 -44.74 35.49 -20.84
CA SER C 21 -44.47 34.21 -20.18
C SER C 21 -45.12 34.12 -18.80
N THR C 22 -45.84 33.02 -18.57
CA THR C 22 -46.46 32.77 -17.26
C THR C 22 -45.44 32.13 -16.32
N ILE C 23 -45.81 32.03 -15.04
CA ILE C 23 -44.96 31.37 -14.05
C ILE C 23 -44.64 29.95 -14.48
N GLU C 24 -45.69 29.20 -14.84
CA GLU C 24 -45.53 27.81 -15.28
C GLU C 24 -44.65 27.69 -16.52
N GLU C 25 -44.88 28.57 -17.49
CA GLU C 25 -44.11 28.55 -18.74
C GLU C 25 -42.64 28.85 -18.48
N ARG C 26 -42.37 29.71 -17.52
CA ARG C 26 -40.99 30.05 -17.14
C ARG C 26 -40.30 28.88 -16.47
N VAL C 27 -41.02 28.21 -15.56
CA VAL C 27 -40.50 27.03 -14.88
C VAL C 27 -40.15 25.93 -15.88
N LYS C 28 -41.05 25.67 -16.82
CA LYS C 28 -40.89 24.59 -17.79
C LYS C 28 -39.80 24.88 -18.82
N LYS C 29 -39.65 26.15 -19.18
CA LYS C 29 -38.59 26.56 -20.10
C LYS C 29 -37.23 26.23 -19.52
N ILE C 30 -37.06 26.50 -18.23
CA ILE C 30 -35.82 26.21 -17.53
C ILE C 30 -35.56 24.70 -17.44
N ILE C 31 -36.60 23.95 -17.09
CA ILE C 31 -36.50 22.49 -17.02
C ILE C 31 -36.10 21.90 -18.36
N GLY C 32 -36.68 22.42 -19.43
CA GLY C 32 -36.40 21.95 -20.78
C GLY C 32 -34.98 22.25 -21.24
N GLU C 33 -34.50 23.44 -20.90
CA GLU C 33 -33.14 23.84 -21.25
C GLU C 33 -32.10 23.05 -20.48
N GLN C 34 -32.41 22.77 -19.21
CA GLN C 34 -31.46 22.09 -18.32
C GLN C 34 -31.34 20.60 -18.66
N LEU C 35 -32.48 19.95 -18.90
CA LEU C 35 -32.51 18.51 -19.05
C LEU C 35 -32.55 18.06 -20.50
N GLY C 36 -32.55 19.02 -21.42
CA GLY C 36 -32.51 18.72 -22.86
C GLY C 36 -33.81 18.13 -23.38
N VAL C 37 -34.93 18.65 -22.88
CA VAL C 37 -36.24 18.21 -23.34
C VAL C 37 -37.07 19.40 -23.80
N LYS C 38 -38.21 19.12 -24.45
CA LYS C 38 -39.09 20.18 -24.93
C LYS C 38 -39.94 20.74 -23.79
N GLN C 39 -40.00 22.07 -23.72
CA GLN C 39 -40.80 22.76 -22.71
C GLN C 39 -42.26 22.32 -22.76
N GLU C 40 -42.71 21.93 -23.94
CA GLU C 40 -44.10 21.54 -24.15
C GLU C 40 -44.42 20.18 -23.55
N GLU C 41 -43.40 19.33 -23.44
CA GLU C 41 -43.59 17.95 -22.98
C GLU C 41 -43.15 17.77 -21.52
N VAL C 42 -43.17 18.86 -20.76
CA VAL C 42 -42.95 18.79 -19.32
C VAL C 42 -44.27 18.99 -18.58
N THR C 43 -44.60 18.04 -17.72
CA THR C 43 -45.88 18.06 -17.01
C THR C 43 -45.71 18.52 -15.56
N ASN C 44 -46.79 19.02 -14.98
CA ASN C 44 -46.76 19.55 -13.60
C ASN C 44 -46.55 18.47 -12.55
N ASN C 45 -46.99 17.25 -12.87
CA ASN C 45 -46.92 16.15 -11.90
C ASN C 45 -45.60 15.39 -12.01
N ALA C 46 -44.80 15.71 -13.01
CA ALA C 46 -43.56 14.99 -13.27
C ALA C 46 -42.54 15.18 -12.16
N SER C 47 -41.88 14.09 -11.78
CA SER C 47 -40.82 14.14 -10.78
C SER C 47 -39.47 14.33 -11.46
N PHE C 48 -38.68 15.26 -10.92
CA PHE C 48 -37.41 15.61 -11.54
C PHE C 48 -36.45 14.42 -11.62
N VAL C 49 -36.34 13.67 -10.53
CA VAL C 49 -35.40 12.57 -10.44
C VAL C 49 -35.86 11.34 -11.22
N GLU C 50 -37.07 10.87 -10.92
CA GLU C 50 -37.59 9.65 -11.52
C GLU C 50 -38.05 9.86 -12.95
N ASP C 51 -39.01 10.77 -13.14
CA ASP C 51 -39.64 10.97 -14.43
C ASP C 51 -38.75 11.73 -15.42
N LEU C 52 -38.16 12.82 -14.94
CA LEU C 52 -37.40 13.72 -15.81
C LEU C 52 -35.93 13.32 -15.95
N GLY C 53 -35.47 12.47 -15.04
CA GLY C 53 -34.13 11.88 -15.15
C GLY C 53 -32.99 12.82 -14.77
N ALA C 54 -33.24 13.68 -13.79
CA ALA C 54 -32.22 14.62 -13.32
C ALA C 54 -31.20 13.93 -12.42
N ASP C 55 -29.92 14.15 -12.70
CA ASP C 55 -28.84 13.55 -11.91
C ASP C 55 -28.45 14.45 -10.74
N SER C 56 -27.37 14.07 -10.04
CA SER C 56 -26.97 14.77 -8.82
C SER C 56 -26.33 16.13 -9.07
N LEU C 57 -26.22 16.52 -10.35
CA LEU C 57 -25.80 17.87 -10.72
C LEU C 57 -26.98 18.64 -11.30
N ASP C 58 -27.78 17.97 -12.11
CA ASP C 58 -28.95 18.58 -12.73
C ASP C 58 -29.85 19.25 -11.71
N THR C 59 -30.17 18.52 -10.64
CA THR C 59 -31.10 19.03 -9.62
C THR C 59 -30.56 20.28 -8.92
N VAL C 60 -29.25 20.32 -8.70
CA VAL C 60 -28.62 21.48 -8.09
C VAL C 60 -28.68 22.69 -9.02
N GLU C 61 -28.32 22.48 -10.29
CA GLU C 61 -28.35 23.55 -11.29
C GLU C 61 -29.77 24.04 -11.56
N LEU C 62 -30.74 23.14 -11.43
CA LEU C 62 -32.14 23.51 -11.54
C LEU C 62 -32.52 24.54 -10.48
N VAL C 63 -32.20 24.26 -9.23
CA VAL C 63 -32.51 25.15 -8.13
C VAL C 63 -31.91 26.54 -8.35
N MET C 64 -30.66 26.56 -8.80
CA MET C 64 -29.96 27.82 -9.04
C MET C 64 -30.64 28.64 -10.14
N ALA C 65 -31.03 27.96 -11.21
CA ALA C 65 -31.70 28.61 -12.33
C ALA C 65 -33.06 29.17 -11.93
N LEU C 66 -33.79 28.42 -11.11
CA LEU C 66 -35.11 28.85 -10.65
C LEU C 66 -35.01 29.98 -9.63
N GLU C 67 -34.02 29.89 -8.74
CA GLU C 67 -33.76 30.96 -7.78
C GLU C 67 -33.38 32.25 -8.50
N GLU C 68 -32.66 32.11 -9.62
CA GLU C 68 -32.23 33.27 -10.40
C GLU C 68 -33.39 33.89 -11.17
N GLU C 69 -34.20 33.04 -11.79
CA GLU C 69 -35.29 33.50 -12.64
C GLU C 69 -36.40 34.20 -11.86
N PHE C 70 -36.67 33.71 -10.66
CA PHE C 70 -37.78 34.21 -9.86
C PHE C 70 -37.34 35.07 -8.68
N ASP C 71 -36.07 35.46 -8.68
CA ASP C 71 -35.50 36.29 -7.62
C ASP C 71 -35.93 35.81 -6.24
N THR C 72 -35.67 34.54 -5.95
CA THR C 72 -36.06 33.95 -4.69
C THR C 72 -34.94 33.07 -4.13
N GLU C 73 -35.07 32.69 -2.86
CA GLU C 73 -34.09 31.81 -2.23
C GLU C 73 -34.77 30.71 -1.43
N ILE C 74 -34.39 29.47 -1.69
CA ILE C 74 -35.01 28.33 -1.04
C ILE C 74 -34.00 27.55 -0.20
N PRO C 75 -34.26 27.45 1.11
CA PRO C 75 -33.40 26.69 2.02
C PRO C 75 -33.30 25.23 1.61
N ASP C 76 -32.17 24.61 1.95
CA ASP C 76 -31.92 23.22 1.57
C ASP C 76 -33.03 22.27 2.04
N GLU C 77 -33.60 22.57 3.21
CA GLU C 77 -34.64 21.73 3.79
C GLU C 77 -35.89 21.69 2.91
N GLU C 78 -36.28 22.84 2.38
CA GLU C 78 -37.44 22.91 1.50
C GLU C 78 -37.17 22.29 0.14
N ALA C 79 -35.97 22.52 -0.39
CA ALA C 79 -35.60 22.01 -1.71
C ALA C 79 -35.66 20.50 -1.79
N GLU C 80 -35.38 19.84 -0.66
CA GLU C 80 -35.46 18.38 -0.59
C GLU C 80 -36.89 17.92 -0.73
N LYS C 81 -37.83 18.71 -0.23
CA LYS C 81 -39.25 18.37 -0.25
C LYS C 81 -39.86 18.57 -1.63
N ILE C 82 -39.23 19.42 -2.45
CA ILE C 82 -39.72 19.69 -3.79
C ILE C 82 -39.28 18.59 -4.77
N THR C 83 -40.16 17.61 -4.96
CA THR C 83 -39.83 16.44 -5.77
C THR C 83 -40.50 16.50 -7.14
N THR C 84 -41.51 17.33 -7.28
CA THR C 84 -42.26 17.43 -8.53
C THR C 84 -42.27 18.86 -9.08
N VAL C 85 -42.67 19.00 -10.34
CA VAL C 85 -42.76 20.31 -10.98
C VAL C 85 -43.79 21.21 -10.30
N GLN C 86 -44.94 20.63 -9.94
CA GLN C 86 -46.00 21.38 -9.29
C GLN C 86 -45.53 21.98 -7.96
N ALA C 87 -44.80 21.18 -7.19
CA ALA C 87 -44.23 21.64 -5.92
C ALA C 87 -43.36 22.86 -6.12
N ALA C 88 -42.53 22.83 -7.18
CA ALA C 88 -41.69 23.96 -7.54
C ALA C 88 -42.53 25.20 -7.83
N ILE C 89 -43.57 25.02 -8.65
CA ILE C 89 -44.49 26.11 -8.98
C ILE C 89 -45.18 26.65 -7.73
N ASP C 90 -45.60 25.75 -6.85
CA ASP C 90 -46.29 26.13 -5.62
C ASP C 90 -45.41 26.97 -4.71
N TYR C 91 -44.13 26.62 -4.64
CA TYR C 91 -43.18 27.35 -3.81
C TYR C 91 -42.98 28.77 -4.32
N ILE C 92 -42.89 28.90 -5.64
CA ILE C 92 -42.76 30.22 -6.27
C ILE C 92 -43.96 31.10 -5.94
N ASN C 93 -45.16 30.58 -6.19
CA ASN C 93 -46.40 31.30 -5.92
C ASN C 93 -46.64 31.53 -4.44
N THR D 6 -25.01 39.98 5.38
CA THR D 6 -25.13 38.75 4.54
C THR D 6 -24.54 37.54 5.27
N ALA D 7 -25.20 36.40 5.15
CA ALA D 7 -24.78 35.19 5.83
C ALA D 7 -23.43 34.69 5.32
N SER D 8 -23.25 34.74 3.99
CA SER D 8 -22.02 34.25 3.37
C SER D 8 -20.84 35.17 3.63
N SER D 9 -21.11 36.47 3.71
CA SER D 9 -20.08 37.46 4.03
C SER D 9 -19.54 37.25 5.43
N GLU D 10 -20.44 36.99 6.38
CA GLU D 10 -20.05 36.72 7.75
C GLU D 10 -19.34 35.38 7.87
N PHE D 11 -19.77 34.40 7.08
CA PHE D 11 -19.14 33.09 7.06
C PHE D 11 -17.71 33.18 6.55
N LEU D 12 -17.51 33.96 5.49
CA LEU D 12 -16.20 34.11 4.88
C LEU D 12 -15.23 34.88 5.78
N LYS D 13 -15.78 35.80 6.56
CA LYS D 13 -14.98 36.56 7.52
C LYS D 13 -14.59 35.70 8.72
N ASN D 14 -15.46 34.74 9.06
CA ASN D 14 -15.26 33.89 10.23
C ASN D 14 -15.96 32.55 10.09
N PRO D 15 -15.37 31.62 9.33
CA PRO D 15 -15.98 30.31 9.12
C PRO D 15 -15.86 29.41 10.36
N TYR D 16 -14.94 29.76 11.25
CA TYR D 16 -14.60 28.91 12.38
C TYR D 16 -15.69 28.91 13.44
N SER D 17 -16.40 30.01 13.56
CA SER D 17 -17.59 30.08 14.41
C SER D 17 -18.64 29.08 13.92
N PHE D 18 -18.82 29.02 12.61
CA PHE D 18 -19.76 28.08 12.00
C PHE D 18 -19.32 26.64 12.24
N TYR D 19 -18.04 26.38 12.07
CA TYR D 19 -17.48 25.05 12.32
C TYR D 19 -17.69 24.62 13.77
N ASP D 20 -17.58 25.56 14.69
CA ASP D 20 -17.74 25.29 16.11
C ASP D 20 -19.16 24.82 16.43
N THR D 21 -20.14 25.46 15.81
CA THR D 21 -21.55 25.11 16.02
C THR D 21 -21.82 23.66 15.61
N LEU D 22 -21.29 23.26 14.46
CA LEU D 22 -21.46 21.90 13.96
C LEU D 22 -20.78 20.90 14.90
N ARG D 23 -19.59 21.23 15.37
CA ARG D 23 -18.79 20.31 16.17
C ARG D 23 -19.47 19.98 17.51
N ALA D 24 -20.12 20.98 18.10
CA ALA D 24 -20.78 20.81 19.40
C ALA D 24 -22.02 19.92 19.31
N VAL D 25 -22.62 19.86 18.12
CA VAL D 25 -23.73 18.94 17.87
C VAL D 25 -23.20 17.53 17.68
N HIS D 26 -22.32 17.36 16.69
CA HIS D 26 -21.66 16.08 16.44
C HIS D 26 -20.50 16.29 15.47
N PRO D 27 -19.34 15.71 15.79
CA PRO D 27 -18.13 15.81 14.95
C PRO D 27 -18.37 15.26 13.54
N ILE D 28 -19.38 14.41 13.40
CA ILE D 28 -19.85 13.99 12.08
C ILE D 28 -21.31 14.40 11.92
N TYR D 29 -21.53 15.49 11.20
CA TYR D 29 -22.83 16.15 11.17
C TYR D 29 -23.57 15.84 9.87
N LYS D 30 -24.74 15.22 10.01
CA LYS D 30 -25.61 14.94 8.86
C LYS D 30 -26.47 16.15 8.55
N GLY D 31 -26.33 16.67 7.33
CA GLY D 31 -27.09 17.84 6.91
C GLY D 31 -26.89 18.18 5.44
N SER D 32 -27.12 19.44 5.10
CA SER D 32 -26.99 19.90 3.72
C SER D 32 -26.64 21.37 3.67
N PHE D 33 -25.63 21.70 2.86
CA PHE D 33 -25.23 23.09 2.69
C PHE D 33 -24.97 23.40 1.22
N LEU D 34 -25.48 24.55 0.76
CA LEU D 34 -25.43 24.92 -0.65
C LEU D 34 -26.00 23.84 -1.56
N LYS D 35 -27.01 23.13 -1.06
CA LYS D 35 -27.74 22.13 -1.83
C LYS D 35 -27.00 20.80 -1.95
N TYR D 36 -25.93 20.63 -1.17
CA TYR D 36 -25.18 19.38 -1.15
C TYR D 36 -25.38 18.64 0.17
N PRO D 37 -26.15 17.52 0.13
CA PRO D 37 -26.43 16.72 1.31
C PRO D 37 -25.31 15.73 1.62
N GLY D 38 -25.08 15.48 2.90
CA GLY D 38 -24.09 14.49 3.31
C GLY D 38 -23.63 14.66 4.73
N TRP D 39 -22.49 14.06 5.06
CA TRP D 39 -21.92 14.16 6.39
C TRP D 39 -20.80 15.19 6.42
N TYR D 40 -20.94 16.19 7.27
CA TYR D 40 -19.94 17.25 7.38
C TYR D 40 -19.09 17.08 8.63
N VAL D 41 -17.81 16.85 8.42
CA VAL D 41 -16.91 16.41 9.49
C VAL D 41 -16.03 17.54 9.99
N THR D 42 -16.17 17.87 11.27
CA THR D 42 -15.39 18.94 11.89
C THR D 42 -14.45 18.39 12.95
N GLY D 43 -14.52 17.08 13.17
CA GLY D 43 -13.70 16.43 14.19
C GLY D 43 -12.39 15.93 13.64
N TYR D 44 -11.32 16.15 14.40
CA TYR D 44 -9.97 15.78 13.98
C TYR D 44 -9.82 14.27 13.81
N GLU D 45 -10.08 13.53 14.88
CA GLU D 45 -9.92 12.07 14.85
C GLU D 45 -10.82 11.44 13.79
N GLU D 46 -12.02 12.00 13.62
CA GLU D 46 -12.95 11.50 12.62
C GLU D 46 -12.46 11.77 11.21
N THR D 47 -11.94 12.98 10.98
CA THR D 47 -11.37 13.34 9.69
C THR D 47 -10.21 12.42 9.32
N ALA D 48 -9.28 12.27 10.26
CA ALA D 48 -8.12 11.40 10.05
C ALA D 48 -8.53 9.97 9.73
N ALA D 49 -9.44 9.43 10.55
CA ALA D 49 -9.93 8.06 10.36
C ALA D 49 -10.54 7.87 8.98
N ILE D 50 -11.35 8.83 8.55
CA ILE D 50 -12.02 8.76 7.25
C ILE D 50 -11.01 8.83 6.11
N LEU D 51 -10.04 9.72 6.23
CA LEU D 51 -9.03 9.91 5.19
C LEU D 51 -8.11 8.70 5.02
N LYS D 52 -7.90 7.95 6.10
CA LYS D 52 -7.07 6.75 6.06
C LYS D 52 -7.83 5.57 5.46
N ASP D 53 -9.14 5.56 5.66
CA ASP D 53 -9.97 4.41 5.31
C ASP D 53 -10.25 4.38 3.82
N ALA D 54 -9.71 3.38 3.13
CA ALA D 54 -9.82 3.27 1.69
C ALA D 54 -11.25 2.97 1.24
N ARG D 55 -12.09 2.49 2.16
CA ARG D 55 -13.50 2.29 1.88
C ARG D 55 -14.18 3.61 1.52
N PHE D 56 -13.70 4.70 2.13
CA PHE D 56 -14.06 6.03 1.69
C PHE D 56 -13.22 6.41 0.48
N LYS D 57 -13.84 6.40 -0.70
CA LYS D 57 -13.11 6.62 -1.94
C LYS D 57 -13.18 8.08 -2.37
N VAL D 58 -12.17 8.51 -3.12
CA VAL D 58 -12.28 9.77 -3.86
C VAL D 58 -13.23 9.57 -5.03
N ARG D 59 -13.71 10.65 -5.60
CA ARG D 59 -14.60 10.55 -6.75
C ARG D 59 -14.70 11.83 -7.56
N THR D 60 -15.22 11.70 -8.77
CA THR D 60 -15.37 12.83 -9.68
C THR D 60 -16.24 13.92 -9.06
N PRO D 61 -15.75 15.17 -9.07
CA PRO D 61 -16.46 16.30 -8.49
C PRO D 61 -17.69 16.70 -9.31
N LEU D 62 -17.87 16.04 -10.45
CA LEU D 62 -19.12 16.09 -11.20
C LEU D 62 -19.59 14.65 -11.44
N PRO D 63 -20.91 14.46 -11.61
CA PRO D 63 -21.42 13.12 -11.88
C PRO D 63 -20.57 12.38 -12.90
N GLU D 64 -20.19 11.15 -12.58
CA GLU D 64 -19.18 10.42 -13.34
C GLU D 64 -19.56 10.21 -14.81
N SER D 65 -20.85 9.98 -15.05
CA SER D 65 -21.34 9.68 -16.40
C SER D 65 -22.06 10.87 -17.03
N SER D 66 -21.71 12.08 -16.58
CA SER D 66 -22.32 13.29 -17.11
C SER D 66 -21.51 13.86 -18.27
N THR D 67 -22.21 14.25 -19.33
CA THR D 67 -21.55 14.80 -20.51
C THR D 67 -22.00 16.23 -20.79
N LYS D 68 -22.56 16.88 -19.78
CA LYS D 68 -22.96 18.29 -19.89
C LYS D 68 -21.73 19.18 -20.02
N TYR D 69 -20.67 18.82 -19.30
CA TYR D 69 -19.38 19.49 -19.44
C TYR D 69 -18.31 18.44 -19.74
N GLN D 70 -18.41 17.86 -20.93
CA GLN D 70 -17.67 16.64 -21.27
C GLN D 70 -16.16 16.80 -21.16
N ASP D 71 -15.64 17.92 -21.64
CA ASP D 71 -14.21 18.15 -21.67
C ASP D 71 -13.65 18.42 -20.28
N LEU D 72 -14.43 19.15 -19.48
CA LEU D 72 -14.08 19.39 -18.08
C LEU D 72 -14.10 18.09 -17.29
N SER D 73 -15.14 17.28 -17.51
CA SER D 73 -15.28 16.00 -16.82
C SER D 73 -14.11 15.06 -17.15
N HIS D 74 -13.73 15.01 -18.42
CA HIS D 74 -12.66 14.12 -18.87
C HIS D 74 -11.33 14.50 -18.25
N VAL D 75 -11.04 15.79 -18.19
CA VAL D 75 -9.80 16.28 -17.61
C VAL D 75 -9.72 15.97 -16.12
N GLN D 76 -10.82 16.23 -15.41
CA GLN D 76 -10.89 16.00 -13.98
C GLN D 76 -10.73 14.52 -13.62
N ASN D 77 -11.33 13.65 -14.42
CA ASN D 77 -11.40 12.22 -14.09
C ASN D 77 -10.08 11.48 -14.28
N GLN D 78 -9.19 12.04 -15.10
CA GLN D 78 -7.87 11.45 -15.32
C GLN D 78 -6.85 11.91 -14.29
N MET D 79 -7.24 12.85 -13.43
CA MET D 79 -6.37 13.36 -12.38
C MET D 79 -6.25 12.36 -11.23
N MET D 80 -5.04 12.20 -10.70
CA MET D 80 -4.79 11.25 -9.60
C MET D 80 -5.61 11.60 -8.37
N LEU D 81 -5.94 12.88 -8.23
CA LEU D 81 -6.71 13.38 -7.10
C LEU D 81 -8.11 12.74 -7.03
N PHE D 82 -8.65 12.38 -8.19
CA PHE D 82 -9.97 11.80 -8.25
C PHE D 82 -9.93 10.35 -8.75
N GLN D 83 -8.77 9.73 -8.62
CA GLN D 83 -8.59 8.34 -9.03
C GLN D 83 -8.43 7.42 -7.83
N ASN D 84 -9.05 6.25 -7.89
CA ASN D 84 -8.81 5.20 -6.91
C ASN D 84 -7.90 4.11 -7.48
N GLN D 85 -7.83 2.98 -6.79
CA GLN D 85 -6.94 1.90 -7.21
C GLN D 85 -7.50 1.13 -8.40
N PRO D 86 -6.59 0.57 -9.23
CA PRO D 86 -5.15 0.63 -9.06
C PRO D 86 -4.49 1.79 -9.81
N ASP D 87 -5.32 2.67 -10.38
CA ASP D 87 -4.81 3.76 -11.21
C ASP D 87 -4.08 4.84 -10.41
N HIS D 88 -4.52 5.04 -9.17
CA HIS D 88 -3.98 6.13 -8.34
C HIS D 88 -2.50 5.97 -8.07
N ARG D 89 -2.10 4.83 -7.50
CA ARG D 89 -0.70 4.57 -7.17
C ARG D 89 0.18 4.78 -8.39
N ARG D 90 -0.27 4.26 -9.53
CA ARG D 90 0.45 4.41 -10.80
C ARG D 90 0.68 5.88 -11.13
N LEU D 91 -0.41 6.65 -11.18
CA LEU D 91 -0.33 8.07 -11.52
C LEU D 91 0.50 8.87 -10.52
N ARG D 92 0.35 8.57 -9.23
CA ARG D 92 1.06 9.30 -8.19
C ARG D 92 2.57 9.04 -8.22
N THR D 93 2.95 7.77 -8.33
CA THR D 93 4.37 7.40 -8.35
C THR D 93 5.11 8.06 -9.52
N LEU D 94 4.46 8.10 -10.67
CA LEU D 94 5.09 8.64 -11.88
C LEU D 94 5.38 10.14 -11.78
N ALA D 95 4.58 10.85 -10.98
CA ALA D 95 4.72 12.29 -10.85
C ALA D 95 5.51 12.68 -9.60
N SER D 96 5.75 11.72 -8.72
CA SER D 96 6.30 12.01 -7.39
C SER D 96 7.78 12.43 -7.46
N GLY D 97 8.45 12.07 -8.55
CA GLY D 97 9.89 12.26 -8.67
C GLY D 97 10.34 13.71 -8.59
N ALA D 98 9.44 14.64 -8.94
CA ALA D 98 9.78 16.06 -8.95
C ALA D 98 9.46 16.74 -7.62
N PHE D 99 8.97 15.97 -6.65
CA PHE D 99 8.50 16.54 -5.40
C PHE D 99 9.08 15.85 -4.16
N THR D 100 10.09 15.01 -4.39
CA THR D 100 10.78 14.35 -3.28
C THR D 100 11.55 15.36 -2.45
N PRO D 101 11.81 15.05 -1.17
CA PRO D 101 12.57 15.93 -0.28
C PRO D 101 13.86 16.42 -0.94
N ARG D 102 14.58 15.52 -1.61
CA ARG D 102 15.86 15.86 -2.21
C ARG D 102 15.72 16.83 -3.37
N THR D 103 14.79 16.54 -4.28
CA THR D 103 14.57 17.39 -5.46
C THR D 103 14.02 18.75 -5.06
N THR D 104 13.17 18.78 -4.04
CA THR D 104 12.59 20.02 -3.55
C THR D 104 13.66 20.99 -3.04
N GLU D 105 14.64 20.45 -2.32
CA GLU D 105 15.70 21.27 -1.73
C GLU D 105 16.55 21.96 -2.80
N SER D 106 16.64 21.34 -3.97
CA SER D 106 17.43 21.89 -5.08
C SER D 106 16.76 23.11 -5.71
N TYR D 107 15.48 23.31 -5.42
CA TYR D 107 14.74 24.45 -5.94
C TYR D 107 15.07 25.74 -5.17
N GLN D 108 15.58 25.58 -3.96
CA GLN D 108 15.73 26.71 -3.03
C GLN D 108 16.43 27.93 -3.62
N PRO D 109 17.64 27.74 -4.19
CA PRO D 109 18.39 28.87 -4.74
C PRO D 109 17.55 29.70 -5.73
N TYR D 110 16.84 29.02 -6.63
CA TYR D 110 16.02 29.72 -7.63
C TYR D 110 14.88 30.49 -6.98
N ILE D 111 14.26 29.90 -5.97
CA ILE D 111 13.16 30.54 -5.27
C ILE D 111 13.64 31.83 -4.58
N ILE D 112 14.77 31.74 -3.91
CA ILE D 112 15.36 32.91 -3.25
C ILE D 112 15.71 34.00 -4.26
N GLU D 113 16.31 33.62 -5.39
CA GLU D 113 16.61 34.56 -6.46
C GLU D 113 15.36 35.30 -6.92
N THR D 114 14.31 34.54 -7.20
CA THR D 114 13.05 35.09 -7.70
C THR D 114 12.41 36.05 -6.69
N VAL D 115 12.41 35.66 -5.42
CA VAL D 115 11.84 36.48 -4.35
C VAL D 115 12.56 37.83 -4.26
N HIS D 116 13.89 37.81 -4.33
CA HIS D 116 14.68 39.04 -4.29
C HIS D 116 14.38 39.93 -5.50
N HIS D 117 14.29 39.31 -6.68
CA HIS D 117 13.97 40.02 -7.91
C HIS D 117 12.61 40.73 -7.81
N LEU D 118 11.63 40.04 -7.24
CA LEU D 118 10.28 40.57 -7.14
C LEU D 118 10.21 41.74 -6.16
N LEU D 119 10.96 41.65 -5.07
CA LEU D 119 11.00 42.71 -4.07
C LEU D 119 11.81 43.91 -4.58
N ASP D 120 12.65 43.68 -5.58
CA ASP D 120 13.41 44.75 -6.21
C ASP D 120 12.53 45.67 -7.04
N GLN D 121 11.50 45.09 -7.66
CA GLN D 121 10.61 45.85 -8.55
C GLN D 121 9.71 46.81 -7.78
N VAL D 122 9.57 46.57 -6.47
CA VAL D 122 8.62 47.31 -5.67
C VAL D 122 9.32 48.13 -4.58
N GLN D 123 10.59 47.84 -4.33
CA GLN D 123 11.36 48.53 -3.30
C GLN D 123 11.65 49.97 -3.70
N GLY D 124 10.84 50.90 -3.20
CA GLY D 124 10.95 52.31 -3.57
C GLY D 124 9.58 52.94 -3.74
N LYS D 125 8.57 52.12 -3.94
CA LYS D 125 7.20 52.59 -4.09
C LYS D 125 6.50 52.71 -2.74
N LYS D 126 7.08 52.07 -1.73
CA LYS D 126 6.62 52.18 -0.34
C LYS D 126 5.28 51.48 -0.09
N LYS D 127 4.68 50.96 -1.15
CA LYS D 127 3.45 50.17 -1.03
C LYS D 127 3.45 48.99 -1.99
N MET D 128 2.66 47.97 -1.66
CA MET D 128 2.71 46.70 -2.37
C MET D 128 1.38 45.95 -2.25
N GLU D 129 1.00 45.24 -3.30
CA GLU D 129 -0.10 44.30 -3.24
C GLU D 129 0.46 42.88 -3.19
N VAL D 130 0.43 42.28 -2.00
CA VAL D 130 1.17 41.05 -1.73
C VAL D 130 0.91 39.93 -2.75
N ILE D 131 -0.33 39.82 -3.20
CA ILE D 131 -0.72 38.75 -4.12
C ILE D 131 -0.16 38.98 -5.53
N SER D 132 -0.58 40.07 -6.16
CA SER D 132 -0.22 40.32 -7.56
C SER D 132 1.23 40.76 -7.74
N ASP D 133 1.80 41.37 -6.70
CA ASP D 133 3.15 41.91 -6.78
C ASP D 133 4.22 40.93 -6.31
N PHE D 134 3.79 39.89 -5.58
CA PHE D 134 4.74 39.05 -4.86
C PHE D 134 4.38 37.57 -4.86
N ALA D 135 3.26 37.24 -4.22
CA ALA D 135 2.87 35.84 -4.02
C ALA D 135 2.60 35.09 -5.32
N PHE D 136 1.81 35.69 -6.20
CA PHE D 136 1.47 35.03 -7.46
C PHE D 136 2.67 34.86 -8.40
N PRO D 137 3.37 35.97 -8.70
CA PRO D 137 4.52 35.88 -9.61
C PRO D 137 5.51 34.79 -9.19
N LEU D 138 5.79 34.71 -7.90
CA LEU D 138 6.68 33.67 -7.38
C LEU D 138 6.15 32.27 -7.65
N ALA D 139 4.92 32.01 -7.19
CA ALA D 139 4.30 30.71 -7.35
C ALA D 139 4.21 30.30 -8.81
N SER D 140 3.86 31.27 -9.67
CA SER D 140 3.76 31.02 -11.11
C SER D 140 5.10 30.66 -11.72
N PHE D 141 6.13 31.44 -11.39
CA PHE D 141 7.48 31.19 -11.89
C PHE D 141 7.99 29.80 -11.52
N VAL D 142 7.76 29.41 -10.27
CA VAL D 142 8.28 28.15 -9.75
C VAL D 142 7.67 26.94 -10.47
N ILE D 143 6.34 26.87 -10.48
CA ILE D 143 5.64 25.68 -10.95
C ILE D 143 5.74 25.54 -12.48
N ALA D 144 5.77 26.66 -13.19
CA ALA D 144 5.88 26.65 -14.63
C ALA D 144 7.27 26.16 -15.06
N ASN D 145 8.29 26.52 -14.29
CA ASN D 145 9.64 26.06 -14.54
C ASN D 145 9.81 24.57 -14.24
N ILE D 146 9.14 24.10 -13.19
CA ILE D 146 9.16 22.69 -12.84
C ILE D 146 8.46 21.84 -13.89
N ILE D 147 7.28 22.29 -14.33
CA ILE D 147 6.51 21.59 -15.34
C ILE D 147 7.20 21.63 -16.71
N GLY D 148 7.70 22.80 -17.09
CA GLY D 148 8.39 22.97 -18.35
C GLY D 148 7.61 23.83 -19.33
N VAL D 149 6.89 24.81 -18.80
CA VAL D 149 6.11 25.72 -19.62
C VAL D 149 6.92 26.97 -19.96
N PRO D 150 7.13 27.23 -21.26
CA PRO D 150 7.90 28.38 -21.74
C PRO D 150 7.38 29.70 -21.18
N GLU D 151 8.26 30.68 -21.04
CA GLU D 151 7.92 31.96 -20.41
C GLU D 151 6.86 32.74 -21.18
N GLU D 152 6.66 32.37 -22.44
CA GLU D 152 5.68 33.05 -23.29
C GLU D 152 4.25 32.64 -22.92
N ASP D 153 4.10 31.42 -22.43
CA ASP D 153 2.78 30.85 -22.19
C ASP D 153 2.42 30.78 -20.71
N ARG D 154 3.28 31.36 -19.86
CA ARG D 154 3.08 31.32 -18.42
C ARG D 154 1.88 32.16 -17.99
N GLU D 155 1.57 33.19 -18.76
CA GLU D 155 0.44 34.06 -18.46
C GLU D 155 -0.90 33.37 -18.72
N GLN D 156 -0.93 32.53 -19.76
CA GLN D 156 -2.13 31.76 -20.09
C GLN D 156 -2.44 30.72 -19.02
N LEU D 157 -1.40 30.25 -18.33
CA LEU D 157 -1.58 29.31 -17.23
C LEU D 157 -2.40 29.91 -16.10
N LYS D 158 -2.17 31.20 -15.84
CA LYS D 158 -2.89 31.90 -14.78
C LYS D 158 -4.40 31.86 -14.99
N GLU D 159 -4.83 32.15 -16.21
CA GLU D 159 -6.25 32.19 -16.53
C GLU D 159 -6.88 30.81 -16.40
N TRP D 160 -6.18 29.78 -16.87
CA TRP D 160 -6.66 28.41 -16.79
C TRP D 160 -6.81 27.96 -15.34
N ALA D 161 -5.79 28.23 -14.54
CA ALA D 161 -5.78 27.82 -13.13
C ALA D 161 -6.89 28.51 -12.33
N ALA D 162 -7.04 29.81 -12.55
CA ALA D 162 -8.02 30.60 -11.80
C ALA D 162 -9.45 30.21 -12.14
N SER D 163 -9.67 29.77 -13.38
CA SER D 163 -11.00 29.37 -13.83
C SER D 163 -11.34 27.93 -13.42
N LEU D 164 -10.36 27.04 -13.55
CA LEU D 164 -10.59 25.62 -13.32
C LEU D 164 -10.73 25.28 -11.84
N ILE D 165 -10.09 26.07 -10.98
CA ILE D 165 -10.20 25.86 -9.54
C ILE D 165 -11.62 26.10 -9.04
N GLN D 166 -12.35 26.95 -9.75
CA GLN D 166 -13.73 27.28 -9.39
C GLN D 166 -14.68 26.11 -9.65
N THR D 167 -14.28 25.21 -10.55
CA THR D 167 -15.18 24.16 -11.04
C THR D 167 -15.39 23.02 -10.06
N ILE D 168 -14.62 23.01 -8.96
CA ILE D 168 -14.75 21.96 -7.96
C ILE D 168 -15.33 22.48 -6.65
N ASP D 169 -15.51 23.79 -6.57
CA ASP D 169 -15.96 24.43 -5.33
C ASP D 169 -17.47 24.38 -5.19
N PHE D 170 -17.94 24.44 -3.95
CA PHE D 170 -19.37 24.49 -3.65
C PHE D 170 -20.04 25.70 -4.30
N THR D 171 -19.30 26.78 -4.43
CA THR D 171 -19.84 28.05 -4.90
C THR D 171 -19.97 28.12 -6.42
N ARG D 172 -19.63 27.03 -7.10
CA ARG D 172 -19.61 27.03 -8.57
C ARG D 172 -21.00 27.30 -9.16
N SER D 173 -21.03 27.76 -10.39
CA SER D 173 -22.27 28.07 -11.08
C SER D 173 -22.25 27.53 -12.50
N ARG D 174 -23.38 27.60 -13.19
CA ARG D 174 -23.47 27.19 -14.58
C ARG D 174 -22.46 27.95 -15.44
N LYS D 175 -22.34 29.25 -15.19
CA LYS D 175 -21.41 30.09 -15.92
C LYS D 175 -19.97 29.66 -15.66
N ALA D 176 -19.68 29.32 -14.41
CA ALA D 176 -18.33 28.89 -14.01
C ALA D 176 -17.93 27.60 -14.69
N LEU D 177 -18.88 26.67 -14.82
CA LEU D 177 -18.61 25.37 -15.39
C LEU D 177 -18.51 25.44 -16.92
N THR D 178 -19.27 26.35 -17.51
CA THR D 178 -19.20 26.58 -18.95
C THR D 178 -17.83 27.15 -19.34
N GLU D 179 -17.37 28.16 -18.60
CA GLU D 179 -16.03 28.70 -18.79
C GLU D 179 -14.97 27.64 -18.52
N GLY D 180 -15.21 26.84 -17.48
CA GLY D 180 -14.29 25.75 -17.13
C GLY D 180 -14.09 24.76 -18.27
N ASN D 181 -15.18 24.46 -18.98
CA ASN D 181 -15.11 23.54 -20.12
C ASN D 181 -14.27 24.11 -21.25
N ILE D 182 -14.38 25.42 -21.48
CA ILE D 182 -13.57 26.11 -22.48
C ILE D 182 -12.09 26.07 -22.12
N MET D 183 -11.78 26.35 -20.85
CA MET D 183 -10.41 26.31 -20.36
C MET D 183 -9.83 24.90 -20.45
N ALA D 184 -10.67 23.91 -20.15
CA ALA D 184 -10.26 22.51 -20.21
C ALA D 184 -9.80 22.12 -21.62
N VAL D 185 -10.53 22.58 -22.62
CA VAL D 185 -10.17 22.32 -24.01
C VAL D 185 -8.85 23.01 -24.37
N GLN D 186 -8.72 24.27 -23.99
CA GLN D 186 -7.53 25.07 -24.29
C GLN D 186 -6.28 24.48 -23.65
N ALA D 187 -6.37 24.17 -22.36
CA ALA D 187 -5.24 23.66 -21.60
C ALA D 187 -4.80 22.27 -22.08
N MET D 188 -5.78 21.40 -22.32
CA MET D 188 -5.51 20.05 -22.79
C MET D 188 -4.85 20.06 -24.17
N ALA D 189 -5.32 20.95 -25.04
CA ALA D 189 -4.74 21.10 -26.37
C ALA D 189 -3.31 21.63 -26.30
N TYR D 190 -3.06 22.52 -25.34
CA TYR D 190 -1.75 23.12 -25.18
C TYR D 190 -0.71 22.09 -24.72
N PHE D 191 -1.05 21.34 -23.67
CA PHE D 191 -0.11 20.39 -23.11
C PHE D 191 0.12 19.18 -24.00
N LYS D 192 -0.86 18.88 -24.86
CA LYS D 192 -0.70 17.84 -25.87
C LYS D 192 0.33 18.25 -26.92
N GLU D 193 0.32 19.52 -27.29
CA GLU D 193 1.29 20.06 -28.24
C GLU D 193 2.67 20.13 -27.61
N LEU D 194 2.72 20.51 -26.34
CA LEU D 194 3.97 20.57 -25.60
C LEU D 194 4.56 19.18 -25.41
N ILE D 195 3.69 18.19 -25.21
CA ILE D 195 4.11 16.80 -25.06
C ILE D 195 4.72 16.26 -26.35
N GLN D 196 4.11 16.61 -27.48
CA GLN D 196 4.61 16.20 -28.78
C GLN D 196 6.01 16.75 -29.03
N LYS D 197 6.26 17.97 -28.57
CA LYS D 197 7.58 18.58 -28.70
C LYS D 197 8.59 17.93 -27.75
N ARG D 198 8.11 17.53 -26.57
CA ARG D 198 8.98 16.91 -25.56
C ARG D 198 9.31 15.47 -25.92
N LYS D 199 8.45 14.83 -26.70
CA LYS D 199 8.70 13.48 -27.18
C LYS D 199 9.88 13.45 -28.14
N ARG D 200 9.90 14.41 -29.06
CA ARG D 200 10.95 14.47 -30.07
C ARG D 200 12.20 15.17 -29.55
N HIS D 201 12.00 16.10 -28.61
CA HIS D 201 13.11 16.79 -27.97
C HIS D 201 12.92 16.87 -26.45
N PRO D 202 13.26 15.78 -25.74
CA PRO D 202 13.11 15.70 -24.29
C PRO D 202 13.92 16.76 -23.56
N GLN D 203 13.33 17.35 -22.53
CA GLN D 203 14.04 18.33 -21.70
C GLN D 203 14.20 17.80 -20.28
N GLN D 204 14.70 18.65 -19.39
CA GLN D 204 14.86 18.27 -17.99
C GLN D 204 13.72 18.82 -17.15
N ASP D 205 12.50 18.45 -17.51
CA ASP D 205 11.31 18.97 -16.83
C ASP D 205 10.33 17.85 -16.47
N MET D 206 9.22 18.22 -15.84
CA MET D 206 8.21 17.28 -15.40
C MET D 206 7.63 16.49 -16.57
N ILE D 207 7.26 17.20 -17.63
CA ILE D 207 6.64 16.59 -18.80
C ILE D 207 7.46 15.42 -19.33
N SER D 208 8.75 15.66 -19.54
CA SER D 208 9.66 14.63 -20.04
C SER D 208 9.77 13.46 -19.06
N MET D 209 9.83 13.77 -17.77
CA MET D 209 9.91 12.76 -16.73
C MET D 209 8.69 11.83 -16.78
N LEU D 210 7.53 12.41 -17.03
CA LEU D 210 6.28 11.64 -17.11
C LEU D 210 6.24 10.77 -18.36
N LEU D 211 6.84 11.24 -19.44
CA LEU D 211 6.81 10.53 -20.72
C LEU D 211 7.61 9.23 -20.68
N LYS D 212 8.61 9.18 -19.81
CA LYS D 212 9.37 7.95 -19.56
C LYS D 212 9.07 7.41 -18.16
N GLY D 213 10.02 6.67 -17.59
CA GLY D 213 9.82 5.98 -16.32
C GLY D 213 8.48 5.25 -16.34
N ARG D 214 7.99 4.85 -15.16
CA ARG D 214 8.80 4.54 -14.00
C ARG D 214 8.61 3.05 -13.71
N GLU D 215 9.49 2.22 -14.26
CA GLU D 215 9.41 0.77 -14.05
C GLU D 215 8.15 0.17 -14.65
N LYS D 216 7.36 -0.49 -13.80
CA LYS D 216 6.13 -1.15 -14.22
C LYS D 216 5.01 -0.16 -14.50
N ASP D 217 5.33 1.12 -14.45
CA ASP D 217 4.32 2.17 -14.54
C ASP D 217 4.51 3.05 -15.78
N LYS D 218 3.43 3.22 -16.54
CA LYS D 218 3.45 4.09 -17.72
C LYS D 218 2.18 4.93 -17.82
N LEU D 219 2.26 6.04 -18.53
CA LEU D 219 1.14 6.97 -18.66
C LEU D 219 0.78 7.23 -20.11
N THR D 220 -0.50 7.46 -20.36
CA THR D 220 -0.95 7.93 -21.67
C THR D 220 -0.65 9.43 -21.80
N GLU D 221 -0.67 9.94 -23.02
CA GLU D 221 -0.36 11.34 -23.27
C GLU D 221 -1.42 12.27 -22.70
N GLU D 222 -2.65 11.77 -22.59
CA GLU D 222 -3.74 12.54 -21.97
C GLU D 222 -3.61 12.54 -20.44
N GLU D 223 -3.14 11.44 -19.88
CA GLU D 223 -2.91 11.34 -18.45
C GLU D 223 -1.78 12.26 -18.01
N ALA D 224 -0.78 12.40 -18.87
CA ALA D 224 0.35 13.29 -18.59
C ALA D 224 -0.08 14.75 -18.63
N ALA D 225 -0.94 15.08 -19.60
CA ALA D 225 -1.46 16.43 -19.72
C ALA D 225 -2.37 16.79 -18.54
N SER D 226 -3.20 15.84 -18.14
CA SER D 226 -4.08 16.03 -16.99
C SER D 226 -3.29 16.21 -15.70
N THR D 227 -2.17 15.49 -15.59
CA THR D 227 -1.27 15.62 -14.46
C THR D 227 -0.69 17.03 -14.39
N CYS D 228 -0.22 17.52 -15.54
CA CYS D 228 0.38 18.86 -15.62
C CYS D 228 -0.61 19.94 -15.24
N ILE D 229 -1.85 19.82 -15.71
CA ILE D 229 -2.90 20.76 -15.37
C ILE D 229 -3.19 20.76 -13.87
N LEU D 230 -3.26 19.57 -13.27
CA LEU D 230 -3.44 19.45 -11.83
C LEU D 230 -2.34 20.17 -11.06
N LEU D 231 -1.10 19.95 -11.50
CA LEU D 231 0.06 20.54 -10.83
C LEU D 231 0.12 22.05 -11.02
N ALA D 232 -0.28 22.51 -12.20
CA ALA D 232 -0.31 23.95 -12.49
C ALA D 232 -1.32 24.68 -11.61
N ILE D 233 -2.48 24.08 -11.43
CA ILE D 233 -3.53 24.67 -10.61
C ILE D 233 -3.11 24.75 -9.14
N ALA D 234 -2.62 23.64 -8.61
CA ALA D 234 -2.20 23.57 -7.21
C ALA D 234 -1.09 24.56 -6.90
N GLY D 235 -0.23 24.81 -7.88
CA GLY D 235 0.89 25.72 -7.72
C GLY D 235 0.51 27.19 -7.92
N HIS D 236 -0.61 27.42 -8.60
CA HIS D 236 -1.06 28.78 -8.89
C HIS D 236 -2.09 29.29 -7.89
N GLU D 237 -2.70 28.39 -7.14
CA GLU D 237 -3.82 28.74 -6.28
C GLU D 237 -3.53 28.57 -4.79
N THR D 238 -3.29 27.32 -4.38
CA THR D 238 -3.10 27.02 -2.97
C THR D 238 -1.81 27.62 -2.40
N THR D 239 -0.75 27.56 -3.18
CA THR D 239 0.55 28.11 -2.77
C THR D 239 0.46 29.62 -2.53
N VAL D 240 -0.21 30.31 -3.45
CA VAL D 240 -0.45 31.75 -3.31
C VAL D 240 -1.26 32.03 -2.06
N ASN D 241 -2.27 31.20 -1.81
CA ASN D 241 -3.08 31.31 -0.61
C ASN D 241 -2.26 31.18 0.66
N LEU D 242 -1.35 30.20 0.69
CA LEU D 242 -0.49 29.98 1.85
C LEU D 242 0.35 31.21 2.15
N ILE D 243 1.02 31.74 1.12
CA ILE D 243 1.86 32.92 1.30
C ILE D 243 1.06 34.12 1.78
N SER D 244 -0.05 34.43 1.10
CA SER D 244 -0.86 35.59 1.43
C SER D 244 -1.55 35.47 2.79
N ASN D 245 -2.09 34.28 3.08
CA ASN D 245 -2.73 34.04 4.37
C ASN D 245 -1.75 34.19 5.53
N SER D 246 -0.52 33.74 5.32
CA SER D 246 0.51 33.78 6.34
C SER D 246 0.92 35.22 6.64
N VAL D 247 1.03 36.03 5.60
CA VAL D 247 1.39 37.43 5.73
C VAL D 247 0.33 38.21 6.51
N LEU D 248 -0.93 38.01 6.14
CA LEU D 248 -2.04 38.66 6.83
C LEU D 248 -2.11 38.20 8.29
N CYS D 249 -1.93 36.90 8.50
CA CYS D 249 -2.00 36.32 9.83
C CYS D 249 -0.93 36.89 10.75
N LEU D 250 0.28 37.06 10.22
CA LEU D 250 1.39 37.59 11.00
C LEU D 250 1.21 39.08 11.32
N LEU D 251 0.64 39.81 10.38
CA LEU D 251 0.40 41.24 10.57
C LEU D 251 -0.79 41.50 11.50
N GLN D 252 -1.70 40.54 11.57
CA GLN D 252 -2.84 40.63 12.47
C GLN D 252 -2.46 40.24 13.89
N HIS D 253 -1.31 39.60 14.03
CA HIS D 253 -0.77 39.26 15.34
C HIS D 253 0.66 39.80 15.48
N PRO D 254 0.78 41.12 15.71
CA PRO D 254 2.07 41.82 15.70
C PRO D 254 3.07 41.22 16.68
N GLU D 255 2.58 40.67 17.78
CA GLU D 255 3.44 40.07 18.79
C GLU D 255 4.19 38.85 18.25
N GLN D 256 3.51 38.10 17.36
CA GLN D 256 4.11 36.92 16.75
C GLN D 256 5.07 37.33 15.64
N LEU D 257 4.71 38.37 14.91
CA LEU D 257 5.51 38.85 13.78
C LEU D 257 6.88 39.36 14.22
N LEU D 258 6.90 40.16 15.29
CA LEU D 258 8.15 40.67 15.83
C LEU D 258 9.04 39.52 16.31
N LYS D 259 8.42 38.51 16.90
CA LYS D 259 9.12 37.31 17.35
C LYS D 259 9.81 36.62 16.17
N LEU D 260 9.09 36.47 15.06
CA LEU D 260 9.66 35.86 13.86
C LEU D 260 10.77 36.72 13.25
N ARG D 261 10.55 38.03 13.24
CA ARG D 261 11.54 38.97 12.74
C ARG D 261 12.91 38.75 13.38
N GLU D 262 12.92 38.64 14.70
CA GLU D 262 14.16 38.58 15.46
C GLU D 262 14.76 37.18 15.48
N ASN D 263 13.94 36.19 15.15
CA ASN D 263 14.43 34.81 15.04
C ASN D 263 13.90 34.12 13.80
N PRO D 264 14.58 34.32 12.66
CA PRO D 264 14.19 33.75 11.37
C PRO D 264 14.17 32.22 11.35
N ASP D 265 14.86 31.61 12.31
CA ASP D 265 14.87 30.15 12.42
C ASP D 265 13.55 29.61 12.94
N LEU D 266 12.67 30.51 13.38
CA LEU D 266 11.32 30.14 13.79
C LEU D 266 10.39 29.97 12.59
N ILE D 267 10.92 30.18 11.39
CA ILE D 267 10.10 30.17 10.19
C ILE D 267 9.41 28.82 9.96
N GLY D 268 10.11 27.74 10.29
CA GLY D 268 9.55 26.40 10.14
C GLY D 268 8.28 26.21 10.96
N THR D 269 8.37 26.44 12.26
CA THR D 269 7.23 26.24 13.14
C THR D 269 6.13 27.28 12.90
N ALA D 270 6.52 28.46 12.44
CA ALA D 270 5.57 29.54 12.15
C ALA D 270 4.72 29.21 10.93
N VAL D 271 5.35 28.70 9.88
CA VAL D 271 4.64 28.31 8.67
C VAL D 271 3.66 27.16 8.94
N GLU D 272 4.04 26.26 9.84
CA GLU D 272 3.16 25.17 10.23
C GLU D 272 1.91 25.67 10.96
N GLU D 273 2.08 26.69 11.80
CA GLU D 273 0.95 27.28 12.51
C GLU D 273 0.08 28.14 11.60
N CYS D 274 0.70 28.75 10.59
CA CYS D 274 -0.06 29.43 9.54
C CYS D 274 -0.92 28.44 8.77
N LEU D 275 -0.35 27.27 8.50
CA LEU D 275 -1.08 26.19 7.84
C LEU D 275 -2.27 25.70 8.68
N ARG D 276 -2.06 25.55 9.98
CA ARG D 276 -3.12 25.10 10.88
C ARG D 276 -4.21 26.16 11.04
N TYR D 277 -3.81 27.42 11.16
CA TYR D 277 -4.72 28.48 11.60
C TYR D 277 -5.58 29.03 10.46
N GLU D 278 -4.97 29.21 9.29
CA GLU D 278 -5.70 29.65 8.10
C GLU D 278 -5.41 28.74 6.93
N SER D 279 -5.94 27.53 6.99
CA SER D 279 -5.63 26.49 6.01
C SER D 279 -6.08 26.88 4.61
N PRO D 280 -5.14 26.92 3.66
CA PRO D 280 -5.43 27.27 2.27
C PRO D 280 -6.56 26.41 1.67
N THR D 281 -6.57 25.12 2.00
CA THR D 281 -7.64 24.22 1.60
C THR D 281 -8.57 23.95 2.76
N GLN D 282 -9.83 24.34 2.62
CA GLN D 282 -10.80 24.25 3.71
C GLN D 282 -11.61 22.95 3.67
N MET D 283 -11.64 22.30 2.52
CA MET D 283 -12.50 21.14 2.32
C MET D 283 -11.93 20.14 1.31
N THR D 284 -12.07 18.85 1.63
CA THR D 284 -12.02 17.81 0.62
C THR D 284 -13.20 16.85 0.84
N ALA D 285 -13.33 15.86 -0.04
CA ALA D 285 -14.54 15.05 -0.06
C ALA D 285 -14.29 13.57 -0.35
N ARG D 286 -15.16 12.72 0.18
CA ARG D 286 -15.12 11.29 -0.09
C ARG D 286 -16.54 10.76 -0.31
N VAL D 287 -16.65 9.58 -0.92
CA VAL D 287 -17.92 8.86 -0.98
C VAL D 287 -17.78 7.46 -0.38
N ALA D 288 -18.76 7.06 0.43
CA ALA D 288 -18.75 5.75 1.06
C ALA D 288 -19.07 4.64 0.05
N SER D 289 -18.13 3.71 -0.11
CA SER D 289 -18.31 2.61 -1.06
C SER D 289 -19.15 1.49 -0.45
N GLU D 290 -19.38 1.56 0.85
CA GLU D 290 -20.22 0.60 1.57
C GLU D 290 -20.68 1.20 2.89
N ASP D 291 -21.57 0.50 3.59
CA ASP D 291 -22.01 0.93 4.91
C ASP D 291 -20.83 0.92 5.88
N ILE D 292 -20.59 2.06 6.54
CA ILE D 292 -19.45 2.20 7.43
C ILE D 292 -19.86 2.77 8.80
N ASP D 293 -19.49 2.08 9.86
CA ASP D 293 -19.75 2.55 11.21
C ASP D 293 -18.57 3.35 11.76
N ILE D 294 -18.83 4.56 12.22
CA ILE D 294 -17.79 5.42 12.76
C ILE D 294 -18.36 6.44 13.74
N CYS D 295 -17.73 6.56 14.91
CA CYS D 295 -18.09 7.58 15.89
C CYS D 295 -19.59 7.58 16.20
N GLY D 296 -20.16 6.38 16.37
CA GLY D 296 -21.54 6.26 16.83
C GLY D 296 -22.59 6.43 15.76
N VAL D 297 -22.16 6.74 14.54
CA VAL D 297 -23.08 6.89 13.42
C VAL D 297 -22.79 5.87 12.32
N THR D 298 -23.73 5.73 11.39
CA THR D 298 -23.54 4.85 10.23
C THR D 298 -23.64 5.63 8.93
N ILE D 299 -22.54 5.69 8.18
CA ILE D 299 -22.54 6.29 6.87
C ILE D 299 -22.87 5.25 5.81
N ARG D 300 -24.00 5.42 5.14
CA ARG D 300 -24.51 4.41 4.22
C ARG D 300 -23.80 4.48 2.87
N GLN D 301 -23.74 3.33 2.20
CA GLN D 301 -23.17 3.27 0.86
C GLN D 301 -23.78 4.33 -0.05
N GLY D 302 -22.92 5.14 -0.66
CA GLY D 302 -23.36 6.13 -1.63
C GLY D 302 -23.42 7.55 -1.11
N GLU D 303 -23.42 7.71 0.21
CA GLU D 303 -23.54 9.02 0.83
C GLU D 303 -22.23 9.81 0.77
N GLN D 304 -22.33 11.13 0.68
CA GLN D 304 -21.17 11.99 0.52
C GLN D 304 -20.62 12.43 1.87
N VAL D 305 -19.29 12.51 1.96
CA VAL D 305 -18.63 12.90 3.20
C VAL D 305 -17.73 14.11 2.94
N TYR D 306 -17.98 15.19 3.67
CA TYR D 306 -17.23 16.42 3.47
C TYR D 306 -16.36 16.75 4.67
N LEU D 307 -15.05 16.68 4.46
CA LEU D 307 -14.09 16.85 5.54
C LEU D 307 -13.59 18.28 5.58
N LEU D 308 -13.90 18.97 6.68
CA LEU D 308 -13.54 20.37 6.84
C LEU D 308 -12.20 20.47 7.56
N LEU D 309 -11.13 20.51 6.78
CA LEU D 309 -9.78 20.45 7.31
C LEU D 309 -9.48 21.62 8.24
N GLY D 310 -9.97 22.80 7.89
CA GLY D 310 -9.83 23.97 8.74
C GLY D 310 -10.46 23.76 10.10
N ALA D 311 -11.63 23.12 10.11
CA ALA D 311 -12.36 22.84 11.34
C ALA D 311 -11.64 21.81 12.21
N ALA D 312 -11.21 20.71 11.57
CA ALA D 312 -10.45 19.68 12.28
C ALA D 312 -9.20 20.28 12.92
N ASN D 313 -8.60 21.26 12.23
CA ASN D 313 -7.43 21.96 12.73
C ASN D 313 -7.71 22.83 13.95
N ARG D 314 -8.97 22.95 14.32
CA ARG D 314 -9.36 23.72 15.50
C ARG D 314 -9.97 22.83 16.60
N ASP D 315 -9.73 21.52 16.51
CA ASP D 315 -10.30 20.57 17.47
C ASP D 315 -9.54 20.59 18.80
N PRO D 316 -10.24 20.98 19.89
CA PRO D 316 -9.66 21.16 21.22
C PRO D 316 -9.07 19.88 21.82
N SER D 317 -9.52 18.73 21.35
CA SER D 317 -9.01 17.46 21.88
C SER D 317 -7.62 17.16 21.33
N ILE D 318 -7.17 17.98 20.38
CA ILE D 318 -5.83 17.84 19.81
C ILE D 318 -4.99 19.09 20.06
N PHE D 319 -5.59 20.25 19.85
CA PHE D 319 -4.86 21.52 19.98
C PHE D 319 -5.37 22.35 21.15
N THR D 320 -4.53 22.50 22.18
CA THR D 320 -4.85 23.38 23.31
C THR D 320 -5.09 24.79 22.82
N ASN D 321 -6.15 25.42 23.34
CA ASN D 321 -6.53 26.76 22.90
C ASN D 321 -6.44 26.91 21.39
N PRO D 322 -7.32 26.20 20.66
CA PRO D 322 -7.20 26.04 19.21
C PRO D 322 -7.39 27.34 18.44
N ASP D 323 -8.05 28.32 19.05
CA ASP D 323 -8.32 29.59 18.39
C ASP D 323 -7.22 30.61 18.66
N VAL D 324 -6.12 30.16 19.24
CA VAL D 324 -4.98 31.02 19.51
C VAL D 324 -3.87 30.77 18.49
N PHE D 325 -3.46 31.83 17.79
CA PHE D 325 -2.36 31.76 16.85
C PHE D 325 -1.02 31.82 17.59
N ASP D 326 -0.31 30.70 17.60
CA ASP D 326 0.93 30.58 18.38
C ASP D 326 2.01 29.92 17.54
N ILE D 327 2.97 30.71 17.06
CA ILE D 327 3.97 30.22 16.12
C ILE D 327 5.01 29.30 16.76
N THR D 328 4.93 29.13 18.08
CA THR D 328 5.85 28.25 18.79
C THR D 328 5.25 26.86 19.02
N ARG D 329 4.02 26.67 18.55
CA ARG D 329 3.30 25.42 18.72
C ARG D 329 4.12 24.22 18.21
N SER D 330 4.35 23.25 19.09
CA SER D 330 5.14 22.07 18.74
C SER D 330 4.74 20.85 19.58
N PRO D 331 4.40 19.74 18.90
CA PRO D 331 4.34 19.69 17.45
C PRO D 331 2.99 20.20 16.97
N ASN D 332 2.75 20.06 15.67
N ASN D 332 2.77 20.20 15.66
CA ASN D 332 1.55 20.61 15.04
CA ASN D 332 1.47 20.58 15.13
C ASN D 332 1.02 19.66 13.96
C ASN D 332 1.01 19.68 14.00
N PRO D 333 0.34 18.58 14.37
CA PRO D 333 -0.12 17.57 13.43
C PRO D 333 -1.42 18.00 12.73
N HIS D 334 -1.38 19.16 12.09
CA HIS D 334 -2.54 19.66 11.35
C HIS D 334 -2.82 18.78 10.14
N LEU D 335 -4.02 18.93 9.57
CA LEU D 335 -4.43 18.11 8.43
C LEU D 335 -4.61 18.97 7.19
N SER D 336 -3.86 20.07 7.11
CA SER D 336 -4.00 21.01 5.99
C SER D 336 -3.59 20.39 4.66
N PHE D 337 -2.70 19.40 4.70
CA PHE D 337 -2.25 18.70 3.50
C PHE D 337 -2.96 17.36 3.34
N GLY D 338 -4.00 17.14 4.14
CA GLY D 338 -4.75 15.90 4.08
C GLY D 338 -4.10 14.79 4.89
N HIS D 339 -4.36 13.55 4.50
CA HIS D 339 -3.93 12.39 5.26
C HIS D 339 -4.18 11.11 4.48
N GLY D 340 -3.31 10.13 4.67
CA GLY D 340 -3.46 8.84 4.01
C GLY D 340 -2.93 8.82 2.58
N HIS D 341 -3.62 8.07 1.72
CA HIS D 341 -3.09 7.74 0.41
C HIS D 341 -3.00 8.93 -0.55
N HIS D 342 -3.86 9.92 -0.34
CA HIS D 342 -3.93 11.07 -1.24
C HIS D 342 -3.24 12.31 -0.65
N VAL D 343 -2.56 12.14 0.47
CA VAL D 343 -1.87 13.25 1.13
C VAL D 343 -1.07 14.08 0.12
N CYS D 344 -1.07 15.40 0.30
CA CYS D 344 -0.52 16.32 -0.68
C CYS D 344 0.84 15.90 -1.22
N LEU D 345 0.96 15.87 -2.54
CA LEU D 345 2.19 15.46 -3.20
C LEU D 345 3.24 16.57 -3.13
N GLY D 346 2.78 17.81 -3.12
CA GLY D 346 3.68 18.96 -3.23
C GLY D 346 3.86 19.75 -1.95
N SER D 347 3.62 19.09 -0.82
CA SER D 347 3.67 19.77 0.48
C SER D 347 5.05 20.36 0.79
N SER D 348 6.11 19.62 0.45
CA SER D 348 7.47 20.09 0.68
C SER D 348 7.77 21.38 -0.08
N LEU D 349 7.36 21.41 -1.35
CA LEU D 349 7.56 22.57 -2.20
C LEU D 349 6.79 23.78 -1.68
N ALA D 350 5.54 23.56 -1.29
CA ALA D 350 4.69 24.63 -0.78
C ALA D 350 5.29 25.24 0.49
N ARG D 351 5.78 24.37 1.37
CA ARG D 351 6.41 24.80 2.61
C ARG D 351 7.67 25.62 2.34
N LEU D 352 8.46 25.18 1.38
CA LEU D 352 9.71 25.87 1.02
C LEU D 352 9.41 27.25 0.45
N GLU D 353 8.50 27.31 -0.52
CA GLU D 353 8.11 28.58 -1.13
C GLU D 353 7.65 29.60 -0.08
N ALA D 354 6.84 29.14 0.88
CA ALA D 354 6.30 30.02 1.90
C ALA D 354 7.37 30.47 2.89
N GLN D 355 8.20 29.53 3.32
CA GLN D 355 9.28 29.85 4.26
C GLN D 355 10.19 30.93 3.69
N ILE D 356 10.59 30.76 2.44
CA ILE D 356 11.51 31.70 1.80
C ILE D 356 10.86 33.06 1.58
N ALA D 357 9.63 33.06 1.05
CA ALA D 357 8.92 34.31 0.77
C ALA D 357 8.71 35.15 2.03
N ILE D 358 8.28 34.51 3.11
CA ILE D 358 7.95 35.21 4.34
C ILE D 358 9.20 35.77 5.02
N ASN D 359 10.22 34.94 5.17
CA ASN D 359 11.45 35.36 5.82
C ASN D 359 12.17 36.49 5.08
N THR D 360 12.20 36.41 3.75
CA THR D 360 12.85 37.43 2.94
C THR D 360 12.08 38.74 2.96
N LEU D 361 10.75 38.65 2.93
CA LEU D 361 9.90 39.82 3.03
C LEU D 361 10.17 40.62 4.30
N LEU D 362 10.15 39.92 5.44
CA LEU D 362 10.42 40.57 6.72
C LEU D 362 11.85 41.08 6.80
N GLN D 363 12.75 40.36 6.14
CA GLN D 363 14.16 40.72 6.08
C GLN D 363 14.37 42.05 5.36
N ARG D 364 13.62 42.25 4.27
CA ARG D 364 13.83 43.40 3.40
C ARG D 364 12.84 44.53 3.66
N MET D 365 11.80 44.25 4.44
CA MET D 365 10.83 45.27 4.81
C MET D 365 10.68 45.37 6.34
N PRO D 366 11.61 46.10 6.98
CA PRO D 366 11.69 46.24 8.44
C PRO D 366 10.43 46.80 9.08
N SER D 367 9.73 47.69 8.37
CA SER D 367 8.56 48.35 8.93
C SER D 367 7.30 48.06 8.10
N LEU D 368 6.94 46.79 8.03
CA LEU D 368 5.81 46.36 7.20
C LEU D 368 4.49 46.48 7.95
N ASN D 369 3.51 47.13 7.33
CA ASN D 369 2.18 47.29 7.93
C ASN D 369 1.06 47.07 6.92
N LEU D 370 -0.13 46.79 7.44
CA LEU D 370 -1.32 46.67 6.60
C LEU D 370 -1.76 48.03 6.07
N ALA D 371 -2.14 48.08 4.80
CA ALA D 371 -2.69 49.30 4.21
C ALA D 371 -4.17 49.45 4.54
N TRP D 375 -10.27 43.18 4.79
CA TRP D 375 -9.85 42.17 3.82
C TRP D 375 -11.04 41.51 3.13
N ARG D 376 -10.90 41.26 1.84
CA ARG D 376 -11.93 40.57 1.07
C ARG D 376 -11.46 39.17 0.69
N TYR D 377 -12.27 38.16 1.03
CA TYR D 377 -12.00 36.80 0.60
C TYR D 377 -12.75 36.48 -0.69
N ARG D 378 -12.10 35.71 -1.55
CA ARG D 378 -12.76 35.21 -2.76
C ARG D 378 -13.93 34.29 -2.37
N PRO D 379 -15.01 34.34 -3.16
CA PRO D 379 -16.20 33.53 -2.89
C PRO D 379 -15.94 32.04 -3.16
N LEU D 380 -15.05 31.46 -2.37
CA LEU D 380 -14.78 30.02 -2.44
C LEU D 380 -14.92 29.41 -1.06
N PHE D 381 -15.67 28.33 -0.96
CA PHE D 381 -15.93 27.69 0.32
C PHE D 381 -14.93 26.58 0.62
N GLY D 382 -14.38 25.99 -0.44
CA GLY D 382 -13.43 24.88 -0.29
C GLY D 382 -12.00 25.36 -0.11
N PHE D 383 -11.80 26.67 -0.24
CA PHE D 383 -10.48 27.28 -0.13
C PHE D 383 -10.56 28.59 0.63
N ARG D 384 -9.49 28.94 1.34
CA ARG D 384 -9.42 30.23 2.01
C ARG D 384 -8.46 31.16 1.27
N ALA D 385 -9.02 31.99 0.40
CA ALA D 385 -8.22 32.79 -0.53
C ALA D 385 -8.64 34.25 -0.51
N LEU D 386 -7.67 35.14 -0.28
CA LEU D 386 -7.92 36.57 -0.27
C LEU D 386 -8.03 37.11 -1.70
N GLU D 387 -8.84 38.16 -1.87
CA GLU D 387 -8.90 38.87 -3.14
C GLU D 387 -7.62 39.68 -3.35
N GLU D 388 -7.33 40.54 -2.38
CA GLU D 388 -6.14 41.37 -2.42
C GLU D 388 -5.56 41.51 -1.02
N LEU D 389 -4.28 41.86 -0.95
CA LEU D 389 -3.64 42.17 0.33
C LEU D 389 -2.67 43.35 0.19
N PRO D 390 -3.21 44.58 0.19
CA PRO D 390 -2.41 45.79 0.11
C PRO D 390 -1.63 46.05 1.40
N VAL D 391 -0.33 46.32 1.27
CA VAL D 391 0.52 46.63 2.41
C VAL D 391 1.38 47.86 2.14
N THR D 392 1.84 48.49 3.21
CA THR D 392 2.82 49.57 3.11
C THR D 392 4.10 49.18 3.85
N PHE D 393 5.23 49.76 3.45
CA PHE D 393 6.52 49.37 4.01
C PHE D 393 7.58 50.48 3.93
N GLU D 394 8.56 50.41 4.83
CA GLU D 394 9.77 51.23 4.78
C GLU D 394 9.53 52.74 4.83
N SER E 18 -67.04 -18.76 -23.31
CA SER E 18 -66.88 -18.14 -21.97
C SER E 18 -67.87 -18.73 -20.97
N HIS E 19 -67.39 -19.03 -19.76
CA HIS E 19 -68.22 -19.62 -18.72
C HIS E 19 -67.60 -19.44 -17.34
N MET E 20 -68.44 -19.52 -16.30
CA MET E 20 -67.95 -19.48 -14.93
C MET E 20 -67.12 -20.71 -14.61
N SER E 21 -66.19 -20.58 -13.67
CA SER E 21 -65.32 -21.70 -13.31
C SER E 21 -66.12 -22.85 -12.73
N THR E 22 -66.02 -24.01 -13.37
CA THR E 22 -66.66 -25.23 -12.85
C THR E 22 -65.83 -25.80 -11.71
N ILE E 23 -66.39 -26.79 -11.03
CA ILE E 23 -65.70 -27.43 -9.91
C ILE E 23 -64.41 -28.10 -10.38
N GLU E 24 -64.48 -28.77 -11.53
CA GLU E 24 -63.32 -29.39 -12.14
C GLU E 24 -62.23 -28.36 -12.45
N GLU E 25 -62.65 -27.25 -13.05
CA GLU E 25 -61.71 -26.18 -13.44
C GLU E 25 -61.08 -25.52 -12.22
N ARG E 26 -61.84 -25.38 -11.15
CA ARG E 26 -61.36 -24.77 -9.92
C ARG E 26 -60.33 -25.65 -9.21
N VAL E 27 -60.58 -26.94 -9.18
CA VAL E 27 -59.66 -27.90 -8.57
C VAL E 27 -58.33 -27.96 -9.34
N LYS E 28 -58.42 -28.03 -10.66
CA LYS E 28 -57.24 -28.16 -11.50
C LYS E 28 -56.38 -26.89 -11.51
N LYS E 29 -57.03 -25.74 -11.37
CA LYS E 29 -56.31 -24.47 -11.26
C LYS E 29 -55.45 -24.45 -10.01
N ILE E 30 -56.03 -24.90 -8.90
CA ILE E 30 -55.32 -24.96 -7.61
C ILE E 30 -54.11 -25.90 -7.69
N ILE E 31 -54.30 -27.07 -8.27
CA ILE E 31 -53.24 -28.05 -8.42
C ILE E 31 -52.11 -27.51 -9.30
N GLY E 32 -52.49 -26.85 -10.38
CA GLY E 32 -51.51 -26.28 -11.31
C GLY E 32 -50.68 -25.18 -10.70
N GLU E 33 -51.31 -24.35 -9.87
CA GLU E 33 -50.59 -23.26 -9.20
C GLU E 33 -49.61 -23.79 -8.16
N GLN E 34 -50.00 -24.87 -7.49
CA GLN E 34 -49.19 -25.45 -6.42
C GLN E 34 -47.94 -26.14 -6.97
N LEU E 35 -48.04 -26.69 -8.18
CA LEU E 35 -46.98 -27.54 -8.73
C LEU E 35 -46.32 -26.94 -9.98
N GLY E 36 -46.78 -25.76 -10.39
CA GLY E 36 -46.18 -25.05 -11.51
C GLY E 36 -46.39 -25.72 -12.86
N VAL E 37 -47.49 -26.47 -12.96
CA VAL E 37 -47.86 -27.12 -14.22
C VAL E 37 -49.36 -26.98 -14.45
N LYS E 38 -49.77 -25.83 -14.96
CA LYS E 38 -51.18 -25.46 -14.98
C LYS E 38 -51.94 -26.01 -16.19
N GLN E 39 -52.94 -26.84 -15.91
CA GLN E 39 -54.04 -27.10 -16.84
C GLN E 39 -53.64 -27.84 -18.13
N GLU E 40 -52.86 -28.90 -17.99
CA GLU E 40 -52.63 -29.85 -19.08
C GLU E 40 -52.22 -31.21 -18.55
N GLU E 41 -51.10 -31.25 -17.85
CA GLU E 41 -50.63 -32.48 -17.22
C GLU E 41 -51.53 -32.88 -16.06
N VAL E 42 -52.44 -31.98 -15.69
CA VAL E 42 -53.42 -32.26 -14.65
C VAL E 42 -54.60 -33.03 -15.23
N THR E 43 -54.37 -34.31 -15.54
CA THR E 43 -55.44 -35.19 -15.98
C THR E 43 -56.17 -35.77 -14.77
N ASN E 44 -57.38 -36.26 -14.99
CA ASN E 44 -58.22 -36.74 -13.89
C ASN E 44 -57.67 -38.01 -13.25
N ASN E 45 -57.00 -38.84 -14.03
CA ASN E 45 -56.45 -40.09 -13.54
C ASN E 45 -55.09 -39.93 -12.86
N ALA E 46 -54.57 -38.70 -12.87
CA ALA E 46 -53.22 -38.44 -12.38
C ALA E 46 -53.12 -38.54 -10.86
N SER E 47 -52.11 -39.27 -10.40
CA SER E 47 -51.82 -39.36 -8.97
C SER E 47 -51.02 -38.14 -8.53
N PHE E 48 -51.38 -37.59 -7.37
CA PHE E 48 -50.73 -36.38 -6.86
C PHE E 48 -49.24 -36.59 -6.62
N VAL E 49 -48.90 -37.68 -5.94
CA VAL E 49 -47.52 -37.93 -5.55
C VAL E 49 -46.70 -38.62 -6.64
N GLU E 50 -47.29 -39.65 -7.26
CA GLU E 50 -46.58 -40.43 -8.28
C GLU E 50 -46.44 -39.67 -9.59
N ASP E 51 -47.56 -39.19 -10.12
CA ASP E 51 -47.58 -38.58 -11.45
C ASP E 51 -47.21 -37.09 -11.42
N LEU E 52 -47.78 -36.36 -10.47
CA LEU E 52 -47.61 -34.91 -10.44
C LEU E 52 -46.44 -34.46 -9.56
N GLY E 53 -45.96 -35.37 -8.71
CA GLY E 53 -44.73 -35.14 -7.96
C GLY E 53 -44.90 -34.33 -6.69
N ALA E 54 -46.08 -34.44 -6.06
CA ALA E 54 -46.36 -33.71 -4.83
C ALA E 54 -45.57 -34.30 -3.66
N ASP E 55 -44.86 -33.44 -2.93
CA ASP E 55 -44.12 -33.88 -1.76
C ASP E 55 -44.94 -33.74 -0.48
N SER E 56 -44.29 -33.91 0.66
CA SER E 56 -45.00 -34.00 1.94
C SER E 56 -45.46 -32.65 2.47
N LEU E 57 -45.11 -31.57 1.76
CA LEU E 57 -45.70 -30.26 2.03
C LEU E 57 -46.76 -29.92 0.98
N ASP E 58 -46.46 -30.24 -0.27
CA ASP E 58 -47.36 -29.97 -1.38
C ASP E 58 -48.77 -30.47 -1.10
N THR E 59 -48.87 -31.73 -0.65
CA THR E 59 -50.17 -32.35 -0.40
C THR E 59 -50.94 -31.65 0.71
N VAL E 60 -50.22 -31.24 1.76
CA VAL E 60 -50.83 -30.48 2.85
C VAL E 60 -51.32 -29.12 2.36
N GLU E 61 -50.48 -28.43 1.60
CA GLU E 61 -50.83 -27.12 1.06
C GLU E 61 -51.97 -27.21 0.03
N LEU E 62 -52.05 -28.34 -0.66
CA LEU E 62 -53.15 -28.57 -1.60
C LEU E 62 -54.49 -28.71 -0.89
N VAL E 63 -54.49 -29.41 0.24
CA VAL E 63 -55.71 -29.55 1.05
C VAL E 63 -56.16 -28.21 1.60
N MET E 64 -55.22 -27.44 2.12
CA MET E 64 -55.51 -26.10 2.64
C MET E 64 -56.15 -25.22 1.56
N ALA E 65 -55.55 -25.24 0.37
CA ALA E 65 -56.01 -24.41 -0.74
C ALA E 65 -57.42 -24.79 -1.20
N LEU E 66 -57.71 -26.09 -1.18
CA LEU E 66 -59.03 -26.58 -1.54
C LEU E 66 -60.06 -26.24 -0.47
N GLU E 67 -59.64 -26.32 0.79
CA GLU E 67 -60.49 -25.91 1.91
C GLU E 67 -60.87 -24.44 1.82
N GLU E 68 -59.90 -23.60 1.45
CA GLU E 68 -60.13 -22.17 1.30
C GLU E 68 -61.03 -21.88 0.10
N GLU E 69 -60.73 -22.50 -1.03
CA GLU E 69 -61.46 -22.26 -2.27
C GLU E 69 -62.93 -22.64 -2.15
N PHE E 70 -63.20 -23.79 -1.54
CA PHE E 70 -64.56 -24.33 -1.46
C PHE E 70 -65.18 -24.13 -0.09
N ASP E 71 -64.50 -23.34 0.75
CA ASP E 71 -65.03 -22.97 2.07
C ASP E 71 -65.57 -24.17 2.84
N THR E 72 -64.72 -25.18 3.04
CA THR E 72 -65.13 -26.40 3.72
C THR E 72 -64.00 -26.92 4.59
N GLU E 73 -64.34 -27.79 5.55
CA GLU E 73 -63.33 -28.43 6.39
C GLU E 73 -63.24 -29.92 6.06
N ILE E 74 -62.06 -30.35 5.64
CA ILE E 74 -61.84 -31.73 5.25
C ILE E 74 -61.10 -32.49 6.35
N PRO E 75 -61.79 -33.45 6.98
CA PRO E 75 -61.20 -34.28 8.04
C PRO E 75 -59.96 -35.04 7.54
N ASP E 76 -59.02 -35.29 8.45
CA ASP E 76 -57.78 -35.96 8.09
C ASP E 76 -58.02 -37.34 7.48
N GLU E 77 -59.06 -38.03 7.95
CA GLU E 77 -59.37 -39.38 7.48
C GLU E 77 -59.91 -39.38 6.06
N GLU E 78 -60.52 -38.27 5.65
CA GLU E 78 -61.09 -38.16 4.30
C GLU E 78 -60.04 -37.72 3.30
N ALA E 79 -59.12 -36.87 3.73
CA ALA E 79 -58.00 -36.45 2.89
C ALA E 79 -57.06 -37.62 2.61
N GLU E 80 -56.97 -38.54 3.58
CA GLU E 80 -56.08 -39.69 3.48
C GLU E 80 -56.57 -40.68 2.42
N LYS E 81 -57.85 -40.64 2.10
CA LYS E 81 -58.43 -41.50 1.08
C LYS E 81 -58.08 -41.04 -0.34
N ILE E 82 -57.83 -39.74 -0.47
CA ILE E 82 -57.68 -39.13 -1.80
C ILE E 82 -56.25 -39.19 -2.29
N THR E 83 -56.06 -39.77 -3.47
CA THR E 83 -54.73 -39.92 -4.04
C THR E 83 -54.67 -39.41 -5.48
N THR E 84 -55.83 -39.26 -6.11
CA THR E 84 -55.90 -38.86 -7.51
C THR E 84 -56.74 -37.60 -7.70
N VAL E 85 -56.54 -36.93 -8.82
CA VAL E 85 -57.26 -35.70 -9.14
C VAL E 85 -58.77 -35.92 -9.18
N GLN E 86 -59.18 -37.04 -9.76
CA GLN E 86 -60.61 -37.37 -9.87
C GLN E 86 -61.25 -37.54 -8.50
N ALA E 87 -60.54 -38.19 -7.59
CA ALA E 87 -61.05 -38.41 -6.24
C ALA E 87 -61.27 -37.10 -5.49
N ALA E 88 -60.39 -36.15 -5.73
CA ALA E 88 -60.52 -34.81 -5.14
C ALA E 88 -61.79 -34.13 -5.65
N ILE E 89 -62.00 -34.18 -6.96
CA ILE E 89 -63.20 -33.64 -7.57
C ILE E 89 -64.46 -34.34 -7.05
N ASP E 90 -64.39 -35.66 -6.94
CA ASP E 90 -65.51 -36.45 -6.44
C ASP E 90 -65.92 -36.04 -5.04
N TYR E 91 -64.94 -35.76 -4.18
CA TYR E 91 -65.21 -35.38 -2.80
C TYR E 91 -65.92 -34.04 -2.72
N ILE E 92 -65.43 -33.07 -3.49
CA ILE E 92 -66.05 -31.74 -3.53
C ILE E 92 -67.50 -31.84 -4.00
N ASN E 93 -67.72 -32.55 -5.12
CA ASN E 93 -69.05 -32.75 -5.66
C ASN E 93 -70.01 -33.42 -4.67
N GLY E 94 -69.49 -34.35 -3.89
CA GLY E 94 -70.31 -35.11 -2.95
C GLY E 94 -70.51 -34.41 -1.62
N HIS E 95 -70.02 -33.17 -1.53
CA HIS E 95 -70.15 -32.38 -0.31
C HIS E 95 -70.61 -30.95 -0.61
N GLU F 10 -60.61 -24.01 21.73
CA GLU F 10 -60.95 -24.71 23.00
C GLU F 10 -59.82 -25.62 23.45
N PHE F 11 -59.00 -26.05 22.50
CA PHE F 11 -57.80 -26.81 22.82
C PHE F 11 -56.75 -25.91 23.47
N LEU F 12 -56.70 -24.65 23.04
CA LEU F 12 -55.76 -23.69 23.59
C LEU F 12 -56.12 -23.30 25.02
N LYS F 13 -57.41 -23.38 25.34
CA LYS F 13 -57.89 -23.08 26.68
C LYS F 13 -57.37 -24.09 27.70
N ASN F 14 -57.45 -25.37 27.34
CA ASN F 14 -56.98 -26.44 28.20
C ASN F 14 -56.59 -27.67 27.38
N PRO F 15 -55.33 -27.72 26.95
CA PRO F 15 -54.82 -28.81 26.12
C PRO F 15 -54.63 -30.10 26.90
N TYR F 16 -54.62 -29.99 28.23
CA TYR F 16 -54.23 -31.10 29.10
C TYR F 16 -55.31 -32.17 29.22
N SER F 17 -56.55 -31.77 28.98
CA SER F 17 -57.65 -32.73 28.85
C SER F 17 -57.48 -33.57 27.59
N PHE F 18 -57.05 -32.92 26.51
CA PHE F 18 -56.83 -33.58 25.23
C PHE F 18 -55.66 -34.56 25.31
N TYR F 19 -54.60 -34.15 26.01
CA TYR F 19 -53.44 -35.02 26.21
C TYR F 19 -53.82 -36.27 26.99
N ASP F 20 -54.64 -36.09 28.03
CA ASP F 20 -55.02 -37.20 28.91
C ASP F 20 -55.79 -38.28 28.18
N THR F 21 -56.65 -37.87 27.25
CA THR F 21 -57.45 -38.81 26.47
C THR F 21 -56.57 -39.66 25.54
N LEU F 22 -55.53 -39.04 25.01
CA LEU F 22 -54.54 -39.76 24.21
C LEU F 22 -53.71 -40.70 25.07
N ARG F 23 -53.36 -40.24 26.27
CA ARG F 23 -52.54 -41.01 27.19
C ARG F 23 -53.28 -42.25 27.69
N ALA F 24 -54.60 -42.12 27.86
CA ALA F 24 -55.43 -43.21 28.37
C ALA F 24 -55.52 -44.36 27.38
N VAL F 25 -55.43 -44.05 26.08
CA VAL F 25 -55.39 -45.06 25.04
C VAL F 25 -54.01 -45.71 24.98
N HIS F 26 -52.99 -44.89 24.77
CA HIS F 26 -51.60 -45.36 24.73
C HIS F 26 -50.64 -44.17 24.81
N PRO F 27 -49.57 -44.31 25.60
CA PRO F 27 -48.54 -43.27 25.72
C PRO F 27 -47.84 -42.99 24.40
N ILE F 28 -47.91 -43.93 23.46
CA ILE F 28 -47.49 -43.69 22.09
C ILE F 28 -48.67 -43.89 21.14
N TYR F 29 -49.28 -42.78 20.74
CA TYR F 29 -50.55 -42.81 20.02
C TYR F 29 -50.34 -42.61 18.52
N LYS F 30 -50.83 -43.56 17.72
CA LYS F 30 -50.82 -43.41 16.27
C LYS F 30 -52.03 -42.60 15.82
N GLY F 31 -51.79 -41.47 15.18
CA GLY F 31 -52.87 -40.58 14.78
C GLY F 31 -52.47 -39.52 13.78
N SER F 32 -53.35 -38.54 13.58
CA SER F 32 -53.12 -37.47 12.63
C SER F 32 -53.80 -36.19 13.14
N PHE F 33 -53.03 -35.11 13.19
CA PHE F 33 -53.57 -33.82 13.62
C PHE F 33 -53.07 -32.70 12.72
N LEU F 34 -53.99 -31.83 12.30
CA LEU F 34 -53.69 -30.78 11.34
C LEU F 34 -53.04 -31.31 10.07
N LYS F 35 -53.50 -32.48 9.63
CA LYS F 35 -53.06 -33.08 8.37
C LYS F 35 -51.68 -33.72 8.44
N TYR F 36 -51.14 -33.83 9.65
CA TYR F 36 -49.82 -34.43 9.83
C TYR F 36 -49.88 -35.74 10.61
N PRO F 37 -49.71 -36.87 9.90
CA PRO F 37 -49.81 -38.19 10.49
C PRO F 37 -48.52 -38.61 11.17
N GLY F 38 -48.63 -39.35 12.27
CA GLY F 38 -47.46 -39.88 12.96
C GLY F 38 -47.77 -40.41 14.34
N TRP F 39 -46.72 -40.57 15.15
CA TRP F 39 -46.88 -41.07 16.51
C TRP F 39 -46.83 -39.92 17.50
N TYR F 40 -47.93 -39.70 18.22
CA TYR F 40 -48.02 -38.62 19.18
C TYR F 40 -47.82 -39.12 20.60
N VAL F 41 -46.73 -38.70 21.22
CA VAL F 41 -46.26 -39.29 22.48
C VAL F 41 -46.60 -38.41 23.67
N THR F 42 -47.34 -38.98 24.64
CA THR F 42 -47.76 -38.26 25.82
C THR F 42 -47.14 -38.83 27.09
N GLY F 43 -46.49 -39.98 26.96
CA GLY F 43 -45.86 -40.64 28.10
C GLY F 43 -44.48 -40.09 28.42
N TYR F 44 -44.16 -39.97 29.70
CA TYR F 44 -42.89 -39.41 30.14
C TYR F 44 -41.73 -40.32 29.80
N GLU F 45 -41.84 -41.59 30.20
CA GLU F 45 -40.77 -42.56 29.95
C GLU F 45 -40.51 -42.72 28.46
N GLU F 46 -41.59 -42.77 27.68
CA GLU F 46 -41.48 -42.94 26.24
C GLU F 46 -40.87 -41.72 25.56
N THR F 47 -41.20 -40.53 26.06
CA THR F 47 -40.66 -39.29 25.50
C THR F 47 -39.15 -39.21 25.74
N ALA F 48 -38.74 -39.46 26.97
CA ALA F 48 -37.32 -39.41 27.33
C ALA F 48 -36.51 -40.43 26.54
N ALA F 49 -37.05 -41.64 26.41
CA ALA F 49 -36.37 -42.72 25.71
C ALA F 49 -36.15 -42.39 24.23
N ILE F 50 -37.17 -41.81 23.61
CA ILE F 50 -37.08 -41.41 22.20
C ILE F 50 -36.03 -40.30 22.01
N LEU F 51 -36.03 -39.33 22.92
CA LEU F 51 -35.10 -38.21 22.83
C LEU F 51 -33.66 -38.61 23.10
N LYS F 52 -33.49 -39.68 23.89
CA LYS F 52 -32.16 -40.22 24.18
C LYS F 52 -31.61 -41.02 23.01
N ASP F 53 -32.50 -41.57 22.20
CA ASP F 53 -32.11 -42.53 21.16
C ASP F 53 -31.76 -41.84 19.86
N ALA F 54 -30.50 -41.98 19.43
CA ALA F 54 -29.99 -41.29 18.25
C ALA F 54 -30.56 -41.83 16.95
N ARG F 55 -31.26 -42.97 17.02
CA ARG F 55 -31.93 -43.53 15.86
C ARG F 55 -33.16 -42.71 15.46
N PHE F 56 -33.73 -42.01 16.45
CA PHE F 56 -34.70 -40.97 16.18
C PHE F 56 -33.97 -39.67 15.86
N LYS F 57 -33.92 -39.31 14.58
CA LYS F 57 -33.15 -38.17 14.14
C LYS F 57 -34.02 -36.93 14.07
N VAL F 58 -33.39 -35.76 14.22
CA VAL F 58 -34.06 -34.51 13.87
C VAL F 58 -34.13 -34.39 12.35
N ARG F 59 -35.00 -33.50 11.88
CA ARG F 59 -35.17 -33.33 10.44
C ARG F 59 -35.59 -31.90 10.12
N THR F 60 -35.48 -31.53 8.85
CA THR F 60 -35.91 -30.21 8.40
C THR F 60 -37.43 -30.11 8.50
N PRO F 61 -37.93 -28.97 9.02
CA PRO F 61 -39.35 -28.75 9.27
C PRO F 61 -40.15 -28.51 7.98
N LEU F 62 -39.44 -28.26 6.88
CA LEU F 62 -40.02 -28.34 5.54
C LEU F 62 -39.30 -29.46 4.78
N PRO F 63 -39.92 -30.00 3.72
CA PRO F 63 -39.28 -31.07 2.95
C PRO F 63 -37.86 -30.70 2.52
N GLU F 64 -36.95 -31.66 2.60
CA GLU F 64 -35.52 -31.42 2.44
C GLU F 64 -35.15 -30.82 1.09
N SER F 65 -35.78 -31.31 0.04
CA SER F 65 -35.44 -30.88 -1.33
C SER F 65 -36.39 -29.79 -1.84
N SER F 66 -37.31 -29.37 -0.99
CA SER F 66 -38.27 -28.33 -1.36
C SER F 66 -37.58 -27.00 -1.65
N THR F 67 -37.99 -26.34 -2.72
CA THR F 67 -37.51 -25.01 -3.04
C THR F 67 -38.65 -24.05 -3.34
N LYS F 68 -39.82 -24.32 -2.76
CA LYS F 68 -40.96 -23.42 -2.87
C LYS F 68 -40.72 -22.18 -2.03
N TYR F 69 -39.98 -22.35 -0.94
CA TYR F 69 -39.53 -21.24 -0.11
C TYR F 69 -38.03 -21.35 0.06
N GLN F 70 -37.31 -21.09 -1.03
CA GLN F 70 -35.90 -21.41 -1.17
C GLN F 70 -35.05 -20.77 -0.08
N ASP F 71 -35.34 -19.51 0.22
CA ASP F 71 -34.56 -18.75 1.19
C ASP F 71 -34.87 -19.19 2.61
N LEU F 72 -36.15 -19.41 2.91
CA LEU F 72 -36.56 -19.93 4.20
C LEU F 72 -35.97 -21.31 4.47
N SER F 73 -35.99 -22.16 3.45
CA SER F 73 -35.46 -23.52 3.56
C SER F 73 -33.96 -23.52 3.82
N HIS F 74 -33.23 -22.70 3.07
CA HIS F 74 -31.77 -22.62 3.20
C HIS F 74 -31.37 -22.14 4.60
N VAL F 75 -32.09 -21.17 5.12
CA VAL F 75 -31.85 -20.65 6.47
C VAL F 75 -32.10 -21.73 7.52
N GLN F 76 -33.28 -22.34 7.44
CA GLN F 76 -33.68 -23.39 8.40
C GLN F 76 -32.68 -24.54 8.44
N ASN F 77 -32.29 -25.03 7.27
CA ASN F 77 -31.57 -26.29 7.16
C ASN F 77 -30.10 -26.22 7.60
N GLN F 78 -29.61 -24.99 7.84
CA GLN F 78 -28.25 -24.80 8.33
C GLN F 78 -28.19 -24.77 9.87
N MET F 79 -29.35 -24.63 10.51
CA MET F 79 -29.42 -24.51 11.95
C MET F 79 -29.12 -25.82 12.67
N MET F 80 -28.46 -25.72 13.82
CA MET F 80 -28.04 -26.91 14.58
C MET F 80 -29.24 -27.74 15.05
N LEU F 81 -30.37 -27.06 15.24
CA LEU F 81 -31.59 -27.70 15.71
C LEU F 81 -32.08 -28.80 14.76
N PHE F 82 -31.83 -28.61 13.48
CA PHE F 82 -32.31 -29.55 12.46
C PHE F 82 -31.14 -30.29 11.81
N GLN F 83 -30.04 -30.41 12.56
CA GLN F 83 -28.82 -31.00 12.06
C GLN F 83 -28.51 -32.28 12.84
N ASN F 84 -28.05 -33.31 12.13
CA ASN F 84 -27.59 -34.53 12.79
C ASN F 84 -26.07 -34.67 12.75
N GLN F 85 -25.56 -35.83 13.14
CA GLN F 85 -24.12 -36.07 13.19
C GLN F 85 -23.52 -36.07 11.78
N PRO F 86 -22.31 -35.52 11.63
CA PRO F 86 -21.49 -34.91 12.68
C PRO F 86 -21.64 -33.39 12.73
N ASP F 87 -22.46 -32.84 11.85
CA ASP F 87 -22.60 -31.39 11.72
C ASP F 87 -23.20 -30.76 12.97
N HIS F 88 -24.03 -31.52 13.69
CA HIS F 88 -24.68 -31.00 14.89
C HIS F 88 -23.69 -30.63 15.98
N ARG F 89 -22.84 -31.58 16.37
CA ARG F 89 -21.87 -31.37 17.45
C ARG F 89 -20.96 -30.19 17.15
N ARG F 90 -20.52 -30.08 15.90
CA ARG F 90 -19.67 -28.98 15.48
C ARG F 90 -20.35 -27.63 15.71
N LEU F 91 -21.56 -27.50 15.21
CA LEU F 91 -22.31 -26.25 15.31
C LEU F 91 -22.63 -25.89 16.76
N ARG F 92 -23.06 -26.89 17.53
CA ARG F 92 -23.39 -26.68 18.94
C ARG F 92 -22.18 -26.20 19.73
N THR F 93 -21.07 -26.92 19.59
CA THR F 93 -19.84 -26.61 20.32
C THR F 93 -19.38 -25.17 20.08
N LEU F 94 -19.48 -24.72 18.83
CA LEU F 94 -19.05 -23.37 18.46
C LEU F 94 -19.91 -22.29 19.09
N ALA F 95 -21.19 -22.58 19.30
CA ALA F 95 -22.13 -21.61 19.86
C ALA F 95 -22.20 -21.68 21.38
N SER F 96 -21.70 -22.77 21.95
CA SER F 96 -21.88 -23.06 23.38
C SER F 96 -21.13 -22.09 24.28
N GLY F 97 -20.09 -21.45 23.74
CA GLY F 97 -19.24 -20.56 24.53
C GLY F 97 -19.99 -19.43 25.22
N ALA F 98 -21.06 -18.96 24.60
CA ALA F 98 -21.80 -17.81 25.12
C ALA F 98 -22.89 -18.22 26.12
N PHE F 99 -22.98 -19.51 26.40
CA PHE F 99 -24.09 -20.03 27.21
C PHE F 99 -23.65 -20.97 28.33
N THR F 100 -22.35 -21.00 28.59
CA THR F 100 -21.83 -21.75 29.74
C THR F 100 -22.33 -21.13 31.03
N PRO F 101 -22.45 -21.95 32.10
CA PRO F 101 -22.83 -21.45 33.41
C PRO F 101 -22.06 -20.19 33.80
N ARG F 102 -20.75 -20.19 33.53
CA ARG F 102 -19.89 -19.08 33.90
C ARG F 102 -20.19 -17.82 33.10
N THR F 103 -20.37 -17.97 31.78
CA THR F 103 -20.70 -16.85 30.92
C THR F 103 -22.12 -16.35 31.20
N THR F 104 -23.03 -17.29 31.47
CA THR F 104 -24.42 -16.96 31.75
C THR F 104 -24.55 -16.11 33.01
N GLU F 105 -23.81 -16.48 34.06
CA GLU F 105 -23.87 -15.75 35.32
C GLU F 105 -23.27 -14.35 35.19
N SER F 106 -22.45 -14.14 34.18
CA SER F 106 -21.86 -12.83 33.92
C SER F 106 -22.85 -11.88 33.24
N TYR F 107 -24.00 -12.43 32.84
CA TYR F 107 -25.06 -11.61 32.25
C TYR F 107 -25.96 -11.00 33.32
N GLN F 108 -25.79 -11.48 34.55
CA GLN F 108 -26.71 -11.13 35.64
C GLN F 108 -26.86 -9.62 35.87
N PRO F 109 -25.75 -8.89 35.96
CA PRO F 109 -25.80 -7.44 36.15
C PRO F 109 -26.68 -6.73 35.11
N TYR F 110 -26.49 -7.05 33.84
CA TYR F 110 -27.26 -6.43 32.77
C TYR F 110 -28.74 -6.78 32.85
N ILE F 111 -29.04 -8.03 33.19
CA ILE F 111 -30.41 -8.48 33.33
C ILE F 111 -31.12 -7.75 34.47
N ILE F 112 -30.46 -7.67 35.62
CA ILE F 112 -31.00 -6.96 36.79
C ILE F 112 -31.22 -5.48 36.47
N GLU F 113 -30.24 -4.87 35.81
CA GLU F 113 -30.33 -3.46 35.43
C GLU F 113 -31.45 -3.21 34.44
N THR F 114 -31.62 -4.12 33.48
CA THR F 114 -32.68 -3.99 32.48
C THR F 114 -34.06 -4.22 33.09
N VAL F 115 -34.14 -5.13 34.07
CA VAL F 115 -35.40 -5.39 34.76
C VAL F 115 -35.89 -4.17 35.53
N HIS F 116 -34.99 -3.56 36.31
CA HIS F 116 -35.34 -2.38 37.09
C HIS F 116 -35.71 -1.19 36.22
N HIS F 117 -35.03 -1.05 35.08
CA HIS F 117 -35.30 0.05 34.16
C HIS F 117 -36.68 -0.07 33.52
N LEU F 118 -37.07 -1.29 33.17
CA LEU F 118 -38.38 -1.54 32.58
C LEU F 118 -39.50 -1.30 33.60
N LEU F 119 -39.28 -1.76 34.84
CA LEU F 119 -40.26 -1.61 35.90
C LEU F 119 -40.37 -0.15 36.35
N ASP F 120 -39.32 0.63 36.12
CA ASP F 120 -39.33 2.05 36.43
C ASP F 120 -40.34 2.79 35.57
N GLN F 121 -40.47 2.35 34.32
CA GLN F 121 -41.29 3.05 33.34
C GLN F 121 -42.78 2.80 33.54
N VAL F 122 -43.12 1.88 34.43
CA VAL F 122 -44.52 1.54 34.70
C VAL F 122 -44.87 1.68 36.17
N GLN F 123 -43.86 1.92 37.02
CA GLN F 123 -44.05 1.90 38.47
C GLN F 123 -45.18 2.84 38.92
N GLY F 124 -45.28 4.00 38.29
CA GLY F 124 -46.25 5.01 38.70
C GLY F 124 -47.62 4.85 38.09
N LYS F 125 -47.79 3.83 37.24
CA LYS F 125 -49.01 3.68 36.45
C LYS F 125 -50.07 2.80 37.13
N LYS F 126 -49.63 1.99 38.08
CA LYS F 126 -50.54 1.11 38.83
C LYS F 126 -51.11 -0.03 37.99
N LYS F 127 -50.65 -0.13 36.75
CA LYS F 127 -51.03 -1.22 35.87
C LYS F 127 -49.96 -1.42 34.79
N MET F 128 -49.92 -2.64 34.23
CA MET F 128 -49.02 -2.92 33.12
C MET F 128 -49.48 -4.15 32.35
N GLU F 129 -49.00 -4.29 31.12
CA GLU F 129 -49.17 -5.50 30.35
C GLU F 129 -47.86 -6.27 30.35
N VAL F 130 -47.83 -7.37 31.11
CA VAL F 130 -46.58 -8.06 31.45
C VAL F 130 -45.72 -8.39 30.22
N ILE F 131 -46.37 -8.75 29.12
CA ILE F 131 -45.65 -9.14 27.91
C ILE F 131 -45.03 -7.92 27.22
N SER F 132 -45.87 -6.97 26.84
CA SER F 132 -45.43 -5.81 26.08
C SER F 132 -44.53 -4.88 26.88
N ASP F 133 -44.81 -4.76 28.18
CA ASP F 133 -44.13 -3.77 29.02
C ASP F 133 -42.88 -4.32 29.70
N PHE F 134 -42.82 -5.65 29.87
CA PHE F 134 -41.84 -6.26 30.78
C PHE F 134 -41.13 -7.46 30.17
N ALA F 135 -41.89 -8.53 29.93
CA ALA F 135 -41.30 -9.81 29.53
C ALA F 135 -40.57 -9.74 28.18
N PHE F 136 -41.23 -9.20 27.18
CA PHE F 136 -40.64 -9.15 25.84
C PHE F 136 -39.44 -8.21 25.73
N PRO F 137 -39.58 -6.97 26.22
CA PRO F 137 -38.45 -6.03 26.22
C PRO F 137 -37.20 -6.62 26.90
N LEU F 138 -37.38 -7.22 28.06
CA LEU F 138 -36.26 -7.83 28.78
C LEU F 138 -35.56 -8.88 27.92
N ALA F 139 -36.33 -9.85 27.43
CA ALA F 139 -35.78 -10.94 26.63
C ALA F 139 -35.12 -10.43 25.36
N SER F 140 -35.74 -9.43 24.73
CA SER F 140 -35.23 -8.85 23.49
C SER F 140 -33.91 -8.11 23.70
N PHE F 141 -33.89 -7.22 24.69
CA PHE F 141 -32.67 -6.49 25.04
C PHE F 141 -31.52 -7.44 25.34
N VAL F 142 -31.81 -8.46 26.15
CA VAL F 142 -30.78 -9.39 26.62
C VAL F 142 -30.13 -10.17 25.47
N ILE F 143 -30.95 -10.80 24.63
CA ILE F 143 -30.43 -11.63 23.54
C ILE F 143 -29.72 -10.79 22.48
N ALA F 144 -30.23 -9.60 22.21
CA ALA F 144 -29.63 -8.71 21.23
C ALA F 144 -28.26 -8.24 21.71
N ASN F 145 -28.14 -8.04 23.03
CA ASN F 145 -26.88 -7.63 23.64
C ASN F 145 -25.84 -8.75 23.59
N ILE F 146 -26.30 -9.98 23.81
CA ILE F 146 -25.42 -11.14 23.75
C ILE F 146 -24.92 -11.38 22.33
N ILE F 147 -25.84 -11.39 21.37
CA ILE F 147 -25.49 -11.62 19.97
C ILE F 147 -24.58 -10.52 19.43
N GLY F 148 -24.94 -9.27 19.69
CA GLY F 148 -24.16 -8.13 19.22
C GLY F 148 -24.95 -7.22 18.30
N VAL F 149 -26.26 -7.25 18.44
CA VAL F 149 -27.15 -6.42 17.63
C VAL F 149 -27.35 -5.06 18.29
N PRO F 150 -27.00 -3.98 17.57
CA PRO F 150 -27.12 -2.62 18.10
C PRO F 150 -28.57 -2.22 18.33
N GLU F 151 -28.79 -1.30 19.28
CA GLU F 151 -30.14 -0.94 19.70
C GLU F 151 -30.99 -0.37 18.57
N GLU F 152 -30.33 0.16 17.54
CA GLU F 152 -31.02 0.72 16.38
C GLU F 152 -31.70 -0.36 15.55
N ASP F 153 -31.20 -1.60 15.64
CA ASP F 153 -31.67 -2.68 14.79
C ASP F 153 -32.52 -3.69 15.56
N ARG F 154 -32.73 -3.43 16.84
CA ARG F 154 -33.44 -4.38 17.71
C ARG F 154 -34.89 -4.60 17.28
N GLU F 155 -35.50 -3.54 16.74
CA GLU F 155 -36.92 -3.59 16.37
C GLU F 155 -37.17 -4.49 15.16
N GLN F 156 -36.23 -4.49 14.21
CA GLN F 156 -36.31 -5.37 13.06
C GLN F 156 -36.10 -6.83 13.45
N LEU F 157 -35.31 -7.04 14.51
CA LEU F 157 -35.04 -8.38 15.01
C LEU F 157 -36.31 -9.01 15.59
N LYS F 158 -37.11 -8.18 16.26
CA LYS F 158 -38.39 -8.62 16.80
C LYS F 158 -39.34 -9.09 15.70
N GLU F 159 -39.32 -8.37 14.58
CA GLU F 159 -40.19 -8.66 13.45
C GLU F 159 -39.85 -10.01 12.80
N TRP F 160 -38.56 -10.26 12.63
CA TRP F 160 -38.10 -11.51 12.05
C TRP F 160 -38.42 -12.70 12.96
N ALA F 161 -38.24 -12.51 14.25
CA ALA F 161 -38.45 -13.58 15.22
C ALA F 161 -39.89 -14.07 15.24
N ALA F 162 -40.83 -13.14 15.30
CA ALA F 162 -42.25 -13.47 15.37
C ALA F 162 -42.76 -14.12 14.08
N SER F 163 -42.18 -13.72 12.96
CA SER F 163 -42.55 -14.28 11.67
C SER F 163 -41.96 -15.68 11.46
N LEU F 164 -40.71 -15.85 11.88
CA LEU F 164 -39.99 -17.09 11.60
C LEU F 164 -40.40 -18.25 12.52
N ILE F 165 -40.81 -17.93 13.74
CA ILE F 165 -41.24 -18.96 14.69
C ILE F 165 -42.46 -19.73 14.17
N GLN F 166 -43.31 -19.04 13.42
CA GLN F 166 -44.53 -19.64 12.88
C GLN F 166 -44.25 -20.68 11.79
N THR F 167 -43.09 -20.57 11.15
CA THR F 167 -42.77 -21.39 9.99
C THR F 167 -42.52 -22.86 10.32
N ILE F 168 -42.40 -23.17 11.62
CA ILE F 168 -42.16 -24.55 12.04
C ILE F 168 -43.37 -25.15 12.76
N ASP F 169 -44.40 -24.34 12.97
CA ASP F 169 -45.56 -24.76 13.73
C ASP F 169 -46.61 -25.44 12.85
N PHE F 170 -47.35 -26.39 13.44
CA PHE F 170 -48.44 -27.06 12.74
C PHE F 170 -49.43 -26.08 12.13
N THR F 171 -49.57 -24.90 12.74
CA THR F 171 -50.61 -23.95 12.37
C THR F 171 -50.19 -23.04 11.20
N ARG F 172 -49.01 -23.29 10.65
CA ARG F 172 -48.49 -22.48 9.57
C ARG F 172 -49.36 -22.57 8.31
N SER F 173 -49.30 -21.53 7.49
CA SER F 173 -50.06 -21.48 6.25
C SER F 173 -49.15 -21.07 5.09
N ARG F 174 -49.70 -21.09 3.88
CA ARG F 174 -48.97 -20.61 2.71
C ARG F 174 -48.51 -19.16 2.90
N LYS F 175 -49.39 -18.33 3.43
CA LYS F 175 -49.09 -16.91 3.66
C LYS F 175 -47.99 -16.73 4.69
N ALA F 176 -48.00 -17.56 5.73
CA ALA F 176 -47.00 -17.49 6.79
C ALA F 176 -45.63 -17.91 6.27
N LEU F 177 -45.60 -18.87 5.35
CA LEU F 177 -44.36 -19.35 4.78
C LEU F 177 -43.82 -18.39 3.73
N THR F 178 -44.73 -17.73 3.01
CA THR F 178 -44.36 -16.67 2.08
C THR F 178 -43.73 -15.49 2.83
N GLU F 179 -44.36 -15.06 3.91
CA GLU F 179 -43.79 -14.01 4.76
C GLU F 179 -42.47 -14.47 5.36
N GLY F 180 -42.42 -15.73 5.81
CA GLY F 180 -41.21 -16.30 6.38
C GLY F 180 -40.02 -16.21 5.44
N ASN F 181 -40.26 -16.48 4.16
CA ASN F 181 -39.20 -16.42 3.15
C ASN F 181 -38.64 -15.01 3.00
N ILE F 182 -39.52 -14.02 3.05
CA ILE F 182 -39.12 -12.61 2.98
C ILE F 182 -38.26 -12.23 4.18
N MET F 183 -38.67 -12.66 5.37
CA MET F 183 -37.94 -12.36 6.59
C MET F 183 -36.60 -13.09 6.62
N ALA F 184 -36.57 -14.28 6.00
CA ALA F 184 -35.33 -15.05 5.90
C ALA F 184 -34.29 -14.31 5.07
N VAL F 185 -34.73 -13.72 3.96
CA VAL F 185 -33.85 -12.91 3.12
C VAL F 185 -33.32 -11.70 3.87
N GLN F 186 -34.21 -11.01 4.59
CA GLN F 186 -33.85 -9.81 5.32
C GLN F 186 -32.88 -10.10 6.47
N ALA F 187 -33.17 -11.17 7.22
CA ALA F 187 -32.37 -11.52 8.39
C ALA F 187 -30.99 -12.04 7.99
N MET F 188 -30.94 -12.83 6.92
CA MET F 188 -29.69 -13.39 6.43
C MET F 188 -28.78 -12.28 5.89
N ALA F 189 -29.35 -11.36 5.15
CA ALA F 189 -28.59 -10.24 4.58
C ALA F 189 -28.04 -9.34 5.67
N TYR F 190 -28.84 -9.10 6.69
CA TYR F 190 -28.44 -8.25 7.81
C TYR F 190 -27.26 -8.84 8.57
N PHE F 191 -27.40 -10.10 8.98
CA PHE F 191 -26.36 -10.74 9.80
C PHE F 191 -25.08 -10.97 9.02
N LYS F 192 -25.20 -11.15 7.70
CA LYS F 192 -24.03 -11.21 6.83
C LYS F 192 -23.26 -9.89 6.84
N GLU F 193 -23.99 -8.79 6.85
CA GLU F 193 -23.37 -7.46 6.90
C GLU F 193 -22.78 -7.16 8.27
N LEU F 194 -23.48 -7.59 9.32
CA LEU F 194 -23.01 -7.42 10.68
C LEU F 194 -21.76 -8.25 10.93
N ILE F 195 -21.70 -9.42 10.30
CA ILE F 195 -20.53 -10.30 10.40
C ILE F 195 -19.30 -9.66 9.75
N GLN F 196 -19.50 -9.00 8.62
CA GLN F 196 -18.41 -8.33 7.92
C GLN F 196 -17.82 -7.21 8.77
N LYS F 197 -18.68 -6.49 9.48
CA LYS F 197 -18.24 -5.40 10.35
C LYS F 197 -17.43 -5.93 11.53
N ARG F 198 -17.83 -7.08 12.05
CA ARG F 198 -17.15 -7.70 13.19
C ARG F 198 -15.85 -8.38 12.75
N LYS F 199 -15.81 -8.82 11.48
CA LYS F 199 -14.58 -9.34 10.90
C LYS F 199 -13.51 -8.25 10.83
N ARG F 200 -13.92 -7.05 10.45
CA ARG F 200 -13.02 -5.90 10.40
C ARG F 200 -12.70 -5.41 11.81
N HIS F 201 -13.74 -5.21 12.61
CA HIS F 201 -13.57 -4.71 13.98
C HIS F 201 -14.37 -5.54 14.98
N PRO F 202 -13.71 -6.55 15.57
CA PRO F 202 -14.35 -7.43 16.56
C PRO F 202 -14.80 -6.68 17.80
N GLN F 203 -15.87 -7.15 18.42
CA GLN F 203 -16.39 -6.54 19.64
C GLN F 203 -16.64 -7.59 20.72
N GLN F 204 -17.06 -7.15 21.90
CA GLN F 204 -17.39 -8.06 22.99
C GLN F 204 -18.79 -8.64 22.82
N ASP F 205 -18.98 -9.44 21.78
CA ASP F 205 -20.26 -10.08 21.53
C ASP F 205 -20.09 -11.50 20.99
N MET F 206 -21.20 -12.19 20.76
CA MET F 206 -21.17 -13.59 20.37
C MET F 206 -20.77 -13.78 18.91
N ILE F 207 -21.14 -12.83 18.05
CA ILE F 207 -20.78 -12.88 16.64
C ILE F 207 -19.27 -12.91 16.47
N SER F 208 -18.57 -12.06 17.22
CA SER F 208 -17.12 -12.02 17.20
C SER F 208 -16.52 -13.33 17.73
N MET F 209 -17.15 -13.88 18.76
CA MET F 209 -16.75 -15.18 19.30
C MET F 209 -16.81 -16.27 18.24
N LEU F 210 -17.88 -16.26 17.44
CA LEU F 210 -18.05 -17.21 16.36
C LEU F 210 -16.95 -17.05 15.30
N LEU F 211 -16.47 -15.82 15.14
CA LEU F 211 -15.46 -15.52 14.12
C LEU F 211 -14.05 -15.90 14.57
N LYS F 212 -13.86 -16.01 15.88
CA LYS F 212 -12.58 -16.45 16.43
C LYS F 212 -12.39 -17.96 16.20
N GLY F 213 -13.43 -18.73 16.44
CA GLY F 213 -13.38 -20.17 16.27
C GLY F 213 -13.20 -20.59 14.82
N LYS F 218 -14.43 -25.56 11.66
CA LYS F 218 -14.67 -24.14 11.40
C LYS F 218 -16.15 -23.85 11.15
N LEU F 219 -16.45 -22.60 10.85
CA LEU F 219 -17.82 -22.15 10.64
C LEU F 219 -17.89 -21.16 9.49
N THR F 220 -18.72 -21.47 8.48
CA THR F 220 -18.93 -20.55 7.37
C THR F 220 -19.72 -19.32 7.83
N GLU F 221 -19.65 -18.25 7.05
CA GLU F 221 -20.32 -17.00 7.40
C GLU F 221 -21.85 -17.15 7.37
N GLU F 222 -22.34 -18.03 6.50
CA GLU F 222 -23.76 -18.32 6.43
C GLU F 222 -24.23 -19.15 7.63
N GLU F 223 -23.39 -20.09 8.05
CA GLU F 223 -23.68 -20.90 9.23
C GLU F 223 -23.68 -20.04 10.50
N ALA F 224 -22.78 -19.06 10.54
CA ALA F 224 -22.73 -18.12 11.65
C ALA F 224 -23.97 -17.23 11.67
N ALA F 225 -24.41 -16.81 10.49
CA ALA F 225 -25.62 -15.99 10.38
C ALA F 225 -26.86 -16.74 10.81
N SER F 226 -27.02 -17.97 10.32
CA SER F 226 -28.19 -18.79 10.67
C SER F 226 -28.18 -19.18 12.15
N THR F 227 -26.99 -19.29 12.72
CA THR F 227 -26.84 -19.53 14.16
C THR F 227 -27.35 -18.32 14.96
N CYS F 228 -27.00 -17.12 14.50
CA CYS F 228 -27.49 -15.90 15.13
C CYS F 228 -29.01 -15.80 15.04
N ILE F 229 -29.55 -16.19 13.89
CA ILE F 229 -31.00 -16.14 13.67
C ILE F 229 -31.72 -17.10 14.61
N LEU F 230 -31.22 -18.33 14.72
CA LEU F 230 -31.79 -19.31 15.64
C LEU F 230 -31.83 -18.80 17.08
N LEU F 231 -30.70 -18.27 17.54
CA LEU F 231 -30.60 -17.78 18.91
C LEU F 231 -31.47 -16.54 19.13
N ALA F 232 -31.55 -15.69 18.12
CA ALA F 232 -32.42 -14.51 18.17
C ALA F 232 -33.88 -14.91 18.34
N ILE F 233 -34.31 -15.91 17.58
CA ILE F 233 -35.69 -16.40 17.66
C ILE F 233 -35.99 -17.01 19.03
N ALA F 234 -35.12 -17.90 19.49
CA ALA F 234 -35.30 -18.58 20.77
C ALA F 234 -35.32 -17.61 21.94
N GLY F 235 -34.51 -16.56 21.86
CA GLY F 235 -34.41 -15.57 22.92
C GLY F 235 -35.63 -14.67 23.02
N HIS F 236 -36.34 -14.51 21.91
CA HIS F 236 -37.50 -13.63 21.86
C HIS F 236 -38.79 -14.37 22.23
N GLU F 237 -38.93 -15.59 21.73
CA GLU F 237 -40.22 -16.28 21.80
C GLU F 237 -40.43 -17.04 23.11
N THR F 238 -39.60 -18.06 23.34
CA THR F 238 -39.82 -19.00 24.45
C THR F 238 -39.57 -18.37 25.82
N THR F 239 -38.55 -17.54 25.91
CA THR F 239 -38.20 -16.90 27.18
C THR F 239 -39.32 -15.97 27.66
N VAL F 240 -39.88 -15.20 26.74
CA VAL F 240 -41.03 -14.36 27.04
C VAL F 240 -42.20 -15.19 27.56
N ASN F 241 -42.44 -16.34 26.93
CA ASN F 241 -43.50 -17.24 27.32
C ASN F 241 -43.30 -17.82 28.72
N LEU F 242 -42.07 -18.17 29.05
CA LEU F 242 -41.76 -18.67 30.39
C LEU F 242 -42.13 -17.65 31.46
N ILE F 243 -41.66 -16.42 31.29
CA ILE F 243 -41.93 -15.36 32.25
C ILE F 243 -43.43 -15.11 32.40
N SER F 244 -44.11 -14.89 31.28
CA SER F 244 -45.53 -14.57 31.30
C SER F 244 -46.40 -15.73 31.80
N ASN F 245 -46.06 -16.95 31.38
CA ASN F 245 -46.76 -18.14 31.86
C ASN F 245 -46.60 -18.32 33.37
N SER F 246 -45.41 -18.02 33.86
CA SER F 246 -45.12 -18.15 35.29
C SER F 246 -45.95 -17.17 36.12
N VAL F 247 -45.99 -15.91 35.69
CA VAL F 247 -46.73 -14.87 36.40
C VAL F 247 -48.21 -15.23 36.51
N LEU F 248 -48.80 -15.68 35.42
CA LEU F 248 -50.18 -16.13 35.43
C LEU F 248 -50.39 -17.29 36.40
N CYS F 249 -49.50 -18.27 36.33
CA CYS F 249 -49.56 -19.43 37.23
C CYS F 249 -49.57 -19.04 38.70
N LEU F 250 -48.63 -18.17 39.07
CA LEU F 250 -48.48 -17.74 40.46
C LEU F 250 -49.71 -16.99 40.95
N LEU F 251 -50.26 -16.12 40.11
CA LEU F 251 -51.45 -15.36 40.46
C LEU F 251 -52.70 -16.23 40.56
N GLN F 252 -52.73 -17.32 39.80
CA GLN F 252 -53.83 -18.28 39.85
C GLN F 252 -53.77 -19.13 41.11
N HIS F 253 -52.60 -19.18 41.73
CA HIS F 253 -52.41 -19.92 42.97
C HIS F 253 -51.82 -19.01 44.04
N PRO F 254 -52.66 -18.16 44.66
CA PRO F 254 -52.22 -17.14 45.60
C PRO F 254 -51.54 -17.72 46.85
N GLU F 255 -51.94 -18.92 47.25
CA GLU F 255 -51.35 -19.57 48.41
C GLU F 255 -49.85 -19.76 48.25
N GLN F 256 -49.42 -20.01 47.02
CA GLN F 256 -48.02 -20.32 46.75
C GLN F 256 -47.24 -19.11 46.27
N LEU F 257 -47.95 -18.14 45.68
CA LEU F 257 -47.36 -16.83 45.41
C LEU F 257 -46.97 -16.16 46.73
N LEU F 258 -47.80 -16.34 47.68
CA LEU F 258 -47.52 -15.83 49.01
C LEU F 258 -46.26 -16.47 49.59
N LYS F 259 -46.16 -17.77 49.50
CA LYS F 259 -44.94 -18.49 49.89
C LYS F 259 -43.71 -17.89 49.22
N LEU F 260 -43.81 -17.65 47.92
CA LEU F 260 -42.68 -17.18 47.13
C LEU F 260 -42.35 -15.72 47.44
N ARG F 261 -43.37 -14.90 47.66
CA ARG F 261 -43.17 -13.49 47.98
C ARG F 261 -42.43 -13.34 49.30
N GLU F 262 -42.85 -14.10 50.31
CA GLU F 262 -42.24 -14.04 51.63
C GLU F 262 -40.87 -14.71 51.65
N ASN F 263 -40.62 -15.56 50.65
CA ASN F 263 -39.36 -16.29 50.57
C ASN F 263 -38.81 -16.34 49.16
N PRO F 264 -38.10 -15.29 48.74
CA PRO F 264 -37.54 -15.15 47.39
C PRO F 264 -36.58 -16.27 47.02
N ASP F 265 -36.07 -17.00 48.01
CA ASP F 265 -35.13 -18.09 47.77
C ASP F 265 -35.80 -19.32 47.15
N LEU F 266 -37.13 -19.32 47.15
CA LEU F 266 -37.89 -20.41 46.56
C LEU F 266 -38.04 -20.24 45.05
N ILE F 267 -37.45 -19.19 44.50
CA ILE F 267 -37.62 -18.85 43.10
C ILE F 267 -37.09 -19.94 42.16
N GLY F 268 -36.03 -20.62 42.60
CA GLY F 268 -35.46 -21.73 41.83
C GLY F 268 -36.45 -22.86 41.61
N THR F 269 -36.95 -23.40 42.71
CA THR F 269 -37.90 -24.51 42.65
C THR F 269 -39.25 -24.08 42.06
N ALA F 270 -39.61 -22.81 42.30
CA ALA F 270 -40.86 -22.26 41.76
C ALA F 270 -40.82 -22.17 40.23
N VAL F 271 -39.71 -21.66 39.69
CA VAL F 271 -39.56 -21.56 38.25
C VAL F 271 -39.58 -22.94 37.57
N GLU F 272 -39.03 -23.94 38.24
CA GLU F 272 -39.02 -25.30 37.71
C GLU F 272 -40.43 -25.88 37.62
N GLU F 273 -41.27 -25.58 38.61
CA GLU F 273 -42.64 -26.07 38.60
C GLU F 273 -43.51 -25.31 37.60
N CYS F 274 -43.15 -24.05 37.33
CA CYS F 274 -43.77 -23.30 36.25
C CYS F 274 -43.42 -23.90 34.89
N LEU F 275 -42.15 -24.32 34.75
CA LEU F 275 -41.70 -24.98 33.53
C LEU F 275 -42.46 -26.28 33.28
N ARG F 276 -42.68 -27.05 34.34
CA ARG F 276 -43.40 -28.32 34.25
C ARG F 276 -44.89 -28.12 33.97
N TYR F 277 -45.48 -27.11 34.60
CA TYR F 277 -46.93 -26.94 34.63
C TYR F 277 -47.45 -26.29 33.35
N GLU F 278 -46.77 -25.24 32.89
CA GLU F 278 -47.15 -24.55 31.67
C GLU F 278 -45.94 -24.38 30.76
N SER F 279 -45.53 -25.48 30.12
CA SER F 279 -44.30 -25.50 29.34
C SER F 279 -44.38 -24.60 28.12
N PRO F 280 -43.45 -23.65 27.99
CA PRO F 280 -43.38 -22.73 26.85
C PRO F 280 -43.34 -23.47 25.52
N THR F 281 -42.59 -24.57 25.47
CA THR F 281 -42.53 -25.41 24.27
C THR F 281 -43.35 -26.67 24.48
N GLN F 282 -44.38 -26.85 23.66
CA GLN F 282 -45.32 -27.95 23.84
C GLN F 282 -44.97 -29.16 22.98
N MET F 283 -44.16 -28.95 21.95
CA MET F 283 -43.87 -30.00 20.98
C MET F 283 -42.46 -29.90 20.41
N THR F 284 -41.82 -31.05 20.23
CA THR F 284 -40.74 -31.18 19.26
C THR F 284 -40.91 -32.48 18.49
N ALA F 285 -40.09 -32.69 17.46
CA ALA F 285 -40.34 -33.79 16.54
C ALA F 285 -39.06 -34.55 16.16
N ARG F 286 -39.25 -35.81 15.79
CA ARG F 286 -38.16 -36.65 15.30
C ARG F 286 -38.67 -37.50 14.14
N VAL F 287 -37.75 -38.04 13.36
CA VAL F 287 -38.09 -39.06 12.37
C VAL F 287 -37.30 -40.35 12.63
N ALA F 288 -37.96 -41.49 12.49
CA ALA F 288 -37.32 -42.77 12.69
C ALA F 288 -36.42 -43.10 11.50
N SER F 289 -35.12 -43.26 11.77
CA SER F 289 -34.15 -43.53 10.70
C SER F 289 -34.08 -45.02 10.37
N GLU F 290 -34.71 -45.83 11.22
CA GLU F 290 -34.84 -47.26 10.97
C GLU F 290 -36.04 -47.80 11.74
N ASP F 291 -36.33 -49.09 11.56
CA ASP F 291 -37.41 -49.73 12.30
C ASP F 291 -37.06 -49.84 13.79
N ILE F 292 -37.94 -49.33 14.64
CA ILE F 292 -37.68 -49.27 16.06
C ILE F 292 -38.86 -49.81 16.88
N ASP F 293 -38.55 -50.72 17.81
CA ASP F 293 -39.56 -51.26 18.71
C ASP F 293 -39.50 -50.57 20.07
N ILE F 294 -40.63 -50.02 20.50
CA ILE F 294 -40.69 -49.29 21.77
C ILE F 294 -42.12 -49.28 22.34
N CYS F 295 -42.23 -49.61 23.62
CA CYS F 295 -43.51 -49.54 24.34
C CYS F 295 -44.59 -50.40 23.68
N GLY F 296 -44.18 -51.54 23.13
CA GLY F 296 -45.13 -52.50 22.57
C GLY F 296 -45.63 -52.13 21.18
N VAL F 297 -44.98 -51.16 20.56
CA VAL F 297 -45.29 -50.80 19.17
C VAL F 297 -44.03 -50.73 18.31
N THR F 298 -44.21 -50.79 17.01
CA THR F 298 -43.10 -50.65 16.08
C THR F 298 -43.24 -49.39 15.22
N ILE F 299 -42.28 -48.48 15.36
CA ILE F 299 -42.23 -47.29 14.54
C ILE F 299 -41.33 -47.53 13.32
N ARG F 300 -41.94 -47.64 12.15
CA ARG F 300 -41.21 -47.98 10.93
C ARG F 300 -40.38 -46.80 10.43
N GLN F 301 -39.30 -47.12 9.73
CA GLN F 301 -38.43 -46.10 9.16
C GLN F 301 -39.20 -45.07 8.35
N GLY F 302 -38.89 -43.80 8.56
CA GLY F 302 -39.47 -42.72 7.76
C GLY F 302 -40.68 -42.06 8.41
N GLU F 303 -41.26 -42.73 9.40
CA GLU F 303 -42.46 -42.21 10.06
C GLU F 303 -42.12 -41.13 11.08
N GLN F 304 -43.02 -40.17 11.25
CA GLN F 304 -42.76 -39.00 12.09
C GLN F 304 -43.22 -39.21 13.53
N VAL F 305 -42.41 -38.73 14.47
CA VAL F 305 -42.72 -38.85 15.89
C VAL F 305 -42.85 -37.48 16.52
N TYR F 306 -43.99 -37.21 17.15
CA TYR F 306 -44.23 -35.91 17.76
C TYR F 306 -44.30 -36.02 19.28
N LEU F 307 -43.35 -35.37 19.94
CA LEU F 307 -43.23 -35.45 21.38
C LEU F 307 -43.92 -34.29 22.07
N LEU F 308 -44.96 -34.60 22.82
CA LEU F 308 -45.76 -33.58 23.50
C LEU F 308 -45.21 -33.35 24.89
N LEU F 309 -44.27 -32.42 25.00
CA LEU F 309 -43.50 -32.21 26.23
C LEU F 309 -44.38 -31.80 27.41
N GLY F 310 -45.38 -30.97 27.14
CA GLY F 310 -46.33 -30.55 28.17
C GLY F 310 -47.13 -31.73 28.71
N ALA F 311 -47.44 -32.67 27.84
CA ALA F 311 -48.19 -33.87 28.22
C ALA F 311 -47.34 -34.81 29.08
N ALA F 312 -46.08 -34.99 28.69
CA ALA F 312 -45.15 -35.82 29.43
C ALA F 312 -44.94 -35.29 30.85
N ASN F 313 -44.96 -33.97 30.98
CA ASN F 313 -44.82 -33.31 32.28
C ASN F 313 -46.04 -33.50 33.17
N ARG F 314 -47.11 -34.05 32.62
CA ARG F 314 -48.32 -34.34 33.38
C ARG F 314 -48.53 -35.85 33.58
N ASP F 315 -47.46 -36.62 33.43
CA ASP F 315 -47.55 -38.07 33.60
C ASP F 315 -47.63 -38.44 35.08
N PRO F 316 -48.77 -39.03 35.50
CA PRO F 316 -49.02 -39.34 36.92
C PRO F 316 -48.10 -40.43 37.46
N SER F 317 -47.43 -41.16 36.57
CA SER F 317 -46.49 -42.20 36.99
C SER F 317 -45.17 -41.60 37.45
N ILE F 318 -44.95 -40.33 37.11
CA ILE F 318 -43.72 -39.64 37.47
C ILE F 318 -44.01 -38.50 38.45
N PHE F 319 -45.08 -37.75 38.17
CA PHE F 319 -45.46 -36.63 39.02
C PHE F 319 -46.80 -36.92 39.70
N THR F 320 -46.75 -37.34 40.95
CA THR F 320 -47.96 -37.60 41.72
C THR F 320 -48.82 -36.35 41.79
N ASN F 321 -50.12 -36.52 41.56
CA ASN F 321 -51.04 -35.38 41.42
C ASN F 321 -50.50 -34.36 40.41
N PRO F 322 -50.40 -34.76 39.14
CA PRO F 322 -49.69 -33.99 38.12
C PRO F 322 -50.36 -32.66 37.79
N ASP F 323 -51.68 -32.60 37.93
CA ASP F 323 -52.43 -31.40 37.60
C ASP F 323 -52.46 -30.40 38.76
N VAL F 324 -51.75 -30.74 39.84
CA VAL F 324 -51.59 -29.83 40.97
C VAL F 324 -50.31 -29.01 40.83
N PHE F 325 -50.46 -27.69 40.94
CA PHE F 325 -49.32 -26.78 40.91
C PHE F 325 -48.69 -26.68 42.30
N ASP F 326 -47.47 -27.15 42.43
CA ASP F 326 -46.79 -27.21 43.73
C ASP F 326 -45.34 -26.77 43.59
N ILE F 327 -45.04 -25.55 44.05
CA ILE F 327 -43.72 -24.96 43.85
C ILE F 327 -42.64 -25.62 44.69
N THR F 328 -43.05 -26.40 45.68
CA THR F 328 -42.10 -27.11 46.53
C THR F 328 -41.80 -28.50 45.96
N ARG F 329 -42.36 -28.79 44.79
CA ARG F 329 -42.26 -30.13 44.21
C ARG F 329 -40.82 -30.63 44.22
N SER F 330 -40.66 -31.94 44.39
CA SER F 330 -39.61 -32.47 45.26
C SER F 330 -38.24 -32.38 44.59
N PRO F 331 -37.90 -33.40 43.82
CA PRO F 331 -37.18 -33.22 42.56
C PRO F 331 -38.14 -33.09 41.37
N ASN F 332 -37.77 -32.27 40.39
CA ASN F 332 -38.68 -31.94 39.29
C ASN F 332 -38.03 -32.18 37.93
N PRO F 333 -37.94 -33.45 37.52
CA PRO F 333 -37.25 -33.81 36.28
C PRO F 333 -38.13 -33.63 35.05
N HIS F 334 -38.61 -32.40 34.83
CA HIS F 334 -39.48 -32.10 33.70
C HIS F 334 -38.71 -32.13 32.39
N LEU F 335 -39.44 -32.18 31.28
CA LEU F 335 -38.83 -32.30 29.96
C LEU F 335 -39.05 -31.05 29.10
N SER F 336 -39.25 -29.91 29.75
CA SER F 336 -39.56 -28.66 29.05
C SER F 336 -38.39 -28.15 28.20
N PHE F 337 -37.17 -28.49 28.60
CA PHE F 337 -35.98 -28.10 27.85
C PHE F 337 -35.50 -29.23 26.93
N GLY F 338 -36.30 -30.28 26.82
CA GLY F 338 -35.94 -31.44 26.01
C GLY F 338 -35.06 -32.41 26.77
N HIS F 339 -34.26 -33.18 26.02
CA HIS F 339 -33.54 -34.31 26.59
C HIS F 339 -32.58 -34.89 25.56
N GLY F 340 -31.39 -35.29 26.00
CA GLY F 340 -30.41 -35.88 25.10
C GLY F 340 -29.52 -34.84 24.43
N HIS F 341 -29.09 -35.15 23.21
CA HIS F 341 -28.04 -34.36 22.55
C HIS F 341 -28.50 -32.94 22.17
N HIS F 342 -29.79 -32.78 21.90
CA HIS F 342 -30.32 -31.50 21.45
C HIS F 342 -30.92 -30.67 22.59
N VAL F 343 -30.69 -31.12 23.83
CA VAL F 343 -31.23 -30.43 25.00
C VAL F 343 -30.91 -28.93 24.96
N CYS F 344 -31.88 -28.10 25.35
CA CYS F 344 -31.78 -26.66 25.19
C CYS F 344 -30.41 -26.10 25.54
N LEU F 345 -29.84 -25.35 24.60
CA LEU F 345 -28.51 -24.77 24.77
C LEU F 345 -28.54 -23.56 25.71
N GLY F 346 -29.67 -22.87 25.76
CA GLY F 346 -29.78 -21.64 26.55
C GLY F 346 -30.65 -21.77 27.77
N SER F 347 -30.72 -22.97 28.33
CA SER F 347 -31.60 -23.23 29.47
C SER F 347 -31.18 -22.46 30.73
N SER F 348 -29.88 -22.24 30.88
CA SER F 348 -29.38 -21.50 32.04
C SER F 348 -29.73 -20.02 31.94
N LEU F 349 -29.63 -19.47 30.74
CA LEU F 349 -30.00 -18.08 30.49
C LEU F 349 -31.50 -17.85 30.66
N ALA F 350 -32.29 -18.80 30.16
CA ALA F 350 -33.74 -18.72 30.27
C ALA F 350 -34.19 -18.74 31.73
N ARG F 351 -33.59 -19.63 32.52
CA ARG F 351 -33.90 -19.73 33.94
C ARG F 351 -33.49 -18.47 34.69
N LEU F 352 -32.32 -17.94 34.36
CA LEU F 352 -31.81 -16.73 35.01
C LEU F 352 -32.71 -15.54 34.75
N GLU F 353 -33.06 -15.31 33.48
CA GLU F 353 -33.96 -14.23 33.11
C GLU F 353 -35.28 -14.30 33.87
N ALA F 354 -35.84 -15.51 33.96
CA ALA F 354 -37.13 -15.72 34.62
C ALA F 354 -37.03 -15.47 36.12
N GLN F 355 -36.01 -16.05 36.76
CA GLN F 355 -35.84 -15.93 38.19
C GLN F 355 -35.73 -14.47 38.62
N ILE F 356 -34.88 -13.71 37.95
CA ILE F 356 -34.67 -12.30 38.26
C ILE F 356 -35.90 -11.46 37.96
N ALA F 357 -36.55 -11.75 36.84
CA ALA F 357 -37.75 -11.00 36.44
C ALA F 357 -38.90 -11.20 37.43
N ILE F 358 -39.15 -12.44 37.81
CA ILE F 358 -40.27 -12.78 38.69
C ILE F 358 -40.03 -12.26 40.12
N ASN F 359 -38.88 -12.58 40.69
CA ASN F 359 -38.55 -12.13 42.04
C ASN F 359 -38.59 -10.60 42.18
N THR F 360 -37.98 -9.90 41.22
CA THR F 360 -37.97 -8.44 41.25
C THR F 360 -39.36 -7.85 41.09
N LEU F 361 -40.15 -8.44 40.20
CA LEU F 361 -41.54 -8.04 40.02
C LEU F 361 -42.35 -8.19 41.30
N LEU F 362 -42.18 -9.34 41.97
CA LEU F 362 -42.92 -9.62 43.21
C LEU F 362 -42.48 -8.70 44.34
N GLN F 363 -41.20 -8.32 44.33
CA GLN F 363 -40.66 -7.42 45.34
C GLN F 363 -41.16 -5.99 45.15
N ARG F 364 -41.21 -5.55 43.90
CA ARG F 364 -41.52 -4.15 43.60
C ARG F 364 -43.01 -3.87 43.45
N MET F 365 -43.79 -4.92 43.18
CA MET F 365 -45.25 -4.81 43.14
C MET F 365 -45.90 -5.71 44.19
N PRO F 366 -45.98 -5.22 45.44
CA PRO F 366 -46.40 -6.03 46.59
C PRO F 366 -47.85 -6.52 46.52
N SER F 367 -48.71 -5.78 45.81
CA SER F 367 -50.12 -6.14 45.70
C SER F 367 -50.52 -6.45 44.27
N LEU F 368 -49.65 -7.16 43.55
CA LEU F 368 -49.91 -7.55 42.16
C LEU F 368 -51.19 -8.35 42.04
N ASN F 369 -52.02 -8.01 41.05
CA ASN F 369 -53.27 -8.71 40.80
C ASN F 369 -53.55 -8.85 39.30
N LEU F 370 -54.24 -9.91 38.93
CA LEU F 370 -54.71 -10.06 37.56
C LEU F 370 -55.80 -9.03 37.26
N ALA F 371 -55.76 -8.47 36.06
CA ALA F 371 -56.75 -7.49 35.63
C ALA F 371 -58.04 -8.16 35.21
N TRP F 375 -58.02 -14.72 29.69
CA TRP F 375 -56.71 -14.89 29.06
C TRP F 375 -56.84 -15.68 27.77
N ARG F 376 -56.11 -15.25 26.73
CA ARG F 376 -56.16 -15.90 25.43
C ARG F 376 -54.76 -16.23 24.92
N TYR F 377 -54.65 -17.37 24.25
CA TYR F 377 -53.35 -17.86 23.79
C TYR F 377 -53.16 -17.65 22.29
N ARG F 378 -51.91 -17.43 21.89
CA ARG F 378 -51.56 -17.33 20.48
C ARG F 378 -51.86 -18.63 19.76
N PRO F 379 -52.32 -18.56 18.50
CA PRO F 379 -52.72 -19.72 17.73
C PRO F 379 -51.53 -20.59 17.30
N LEU F 380 -50.80 -21.12 18.28
CA LEU F 380 -49.69 -22.03 18.03
C LEU F 380 -49.86 -23.29 18.86
N PHE F 381 -49.61 -24.44 18.25
CA PHE F 381 -49.77 -25.72 18.95
C PHE F 381 -48.45 -26.26 19.50
N GLY F 382 -47.34 -25.83 18.88
CA GLY F 382 -46.02 -26.25 19.34
C GLY F 382 -45.53 -25.42 20.51
N PHE F 383 -46.26 -24.36 20.84
CA PHE F 383 -45.87 -23.46 21.91
C PHE F 383 -47.09 -23.00 22.72
N ARG F 384 -46.88 -22.79 24.02
CA ARG F 384 -47.93 -22.23 24.86
C ARG F 384 -47.62 -20.77 25.17
N ALA F 385 -48.26 -19.86 24.44
CA ALA F 385 -47.92 -18.45 24.49
C ALA F 385 -49.17 -17.57 24.64
N LEU F 386 -49.19 -16.75 25.69
CA LEU F 386 -50.28 -15.81 25.91
C LEU F 386 -50.22 -14.66 24.93
N GLU F 387 -51.39 -14.16 24.52
CA GLU F 387 -51.48 -12.97 23.68
C GLU F 387 -51.14 -11.72 24.48
N GLU F 388 -51.73 -11.62 25.67
CA GLU F 388 -51.48 -10.49 26.56
C GLU F 388 -51.72 -10.90 28.01
N LEU F 389 -51.08 -10.19 28.94
CA LEU F 389 -51.27 -10.45 30.37
C LEU F 389 -51.35 -9.15 31.17
N PRO F 390 -52.52 -8.51 31.18
CA PRO F 390 -52.72 -7.27 31.93
C PRO F 390 -52.78 -7.52 33.44
N VAL F 391 -52.08 -6.68 34.20
CA VAL F 391 -52.09 -6.78 35.65
C VAL F 391 -52.23 -5.40 36.28
N THR F 392 -52.62 -5.38 37.56
CA THR F 392 -52.70 -4.14 38.32
C THR F 392 -51.87 -4.25 39.59
N PHE F 393 -51.42 -3.11 40.11
CA PHE F 393 -50.67 -3.09 41.36
C PHE F 393 -50.85 -1.78 42.12
N GLU F 394 -50.35 -1.77 43.36
CA GLU F 394 -50.60 -0.67 44.29
C GLU F 394 -52.06 -0.56 44.70
N GLY G 17 78.28 -32.16 -29.07
CA GLY G 17 77.36 -31.43 -29.98
C GLY G 17 76.31 -30.65 -29.22
N SER G 18 76.72 -29.59 -28.55
CA SER G 18 75.81 -28.77 -27.76
C SER G 18 76.36 -27.35 -27.61
N HIS G 19 75.55 -26.36 -27.98
CA HIS G 19 75.98 -24.96 -27.96
C HIS G 19 74.80 -23.99 -27.93
N MET G 20 75.08 -22.74 -27.57
CA MET G 20 74.09 -21.68 -27.63
C MET G 20 73.75 -21.36 -29.08
N SER G 21 72.54 -20.84 -29.30
CA SER G 21 72.06 -20.58 -30.66
C SER G 21 72.87 -19.50 -31.37
N THR G 22 73.34 -19.81 -32.57
CA THR G 22 74.08 -18.85 -33.38
C THR G 22 73.12 -17.93 -34.13
N ILE G 23 73.66 -16.85 -34.69
CA ILE G 23 72.87 -15.94 -35.52
C ILE G 23 72.13 -16.72 -36.61
N GLU G 24 72.85 -17.58 -37.31
CA GLU G 24 72.28 -18.36 -38.41
C GLU G 24 71.19 -19.31 -37.93
N GLU G 25 71.44 -19.96 -36.80
CA GLU G 25 70.47 -20.90 -36.23
C GLU G 25 69.18 -20.19 -35.83
N ARG G 26 69.32 -18.99 -35.28
CA ARG G 26 68.17 -18.20 -34.85
C ARG G 26 67.34 -17.72 -36.05
N VAL G 27 68.02 -17.30 -37.11
CA VAL G 27 67.33 -16.90 -38.34
C VAL G 27 66.55 -18.06 -38.95
N LYS G 28 67.19 -19.22 -39.04
CA LYS G 28 66.58 -20.38 -39.69
C LYS G 28 65.42 -20.97 -38.87
N LYS G 29 65.53 -20.90 -37.55
CA LYS G 29 64.46 -21.36 -36.68
C LYS G 29 63.19 -20.55 -36.91
N ILE G 30 63.36 -19.24 -37.06
CA ILE G 30 62.25 -18.34 -37.34
C ILE G 30 61.61 -18.63 -38.70
N ILE G 31 62.46 -18.84 -39.71
CA ILE G 31 61.99 -19.17 -41.04
C ILE G 31 61.21 -20.48 -41.04
N GLY G 32 61.75 -21.49 -40.35
CA GLY G 32 61.12 -22.80 -40.27
C GLY G 32 59.76 -22.77 -39.61
N GLU G 33 59.65 -22.04 -38.51
CA GLU G 33 58.39 -21.94 -37.77
C GLU G 33 57.35 -21.15 -38.54
N GLN G 34 57.81 -20.20 -39.34
CA GLN G 34 56.92 -19.34 -40.12
C GLN G 34 56.35 -20.09 -41.33
N LEU G 35 57.16 -20.94 -41.95
CA LEU G 35 56.80 -21.58 -43.21
C LEU G 35 56.54 -23.08 -43.07
N GLY G 36 56.74 -23.60 -41.86
CA GLY G 36 56.42 -24.99 -41.57
C GLY G 36 57.43 -25.99 -42.09
N VAL G 37 58.70 -25.59 -42.09
CA VAL G 37 59.77 -26.47 -42.52
C VAL G 37 60.78 -26.70 -41.40
N LYS G 38 61.58 -27.75 -41.52
CA LYS G 38 62.62 -28.03 -40.54
C LYS G 38 63.70 -26.96 -40.61
N GLN G 39 64.12 -26.48 -39.43
CA GLN G 39 65.17 -25.47 -39.35
C GLN G 39 66.44 -25.96 -40.04
N GLU G 40 66.66 -27.26 -40.02
CA GLU G 40 67.87 -27.86 -40.57
C GLU G 40 67.78 -28.06 -42.08
N GLU G 41 66.62 -27.77 -42.66
CA GLU G 41 66.42 -27.94 -44.10
C GLU G 41 66.50 -26.62 -44.86
N VAL G 42 66.64 -25.52 -44.12
CA VAL G 42 66.73 -24.19 -44.73
C VAL G 42 68.17 -23.87 -45.12
N THR G 43 68.38 -23.52 -46.40
CA THR G 43 69.71 -23.19 -46.89
C THR G 43 69.92 -21.68 -46.94
N ASN G 44 71.19 -21.25 -46.83
CA ASN G 44 71.53 -19.84 -46.84
C ASN G 44 71.25 -19.15 -48.17
N ASN G 45 71.37 -19.89 -49.26
CA ASN G 45 71.22 -19.32 -50.60
C ASN G 45 69.77 -19.23 -51.04
N ALA G 46 68.86 -19.76 -50.24
CA ALA G 46 67.45 -19.84 -50.61
C ALA G 46 66.79 -18.47 -50.67
N SER G 47 66.09 -18.19 -51.76
CA SER G 47 65.26 -17.00 -51.85
C SER G 47 63.94 -17.23 -51.13
N PHE G 48 63.50 -16.25 -50.35
CA PHE G 48 62.30 -16.38 -49.54
C PHE G 48 61.07 -16.68 -50.40
N VAL G 49 60.90 -15.92 -51.48
CA VAL G 49 59.72 -16.04 -52.31
C VAL G 49 59.77 -17.23 -53.27
N GLU G 50 60.78 -17.25 -54.14
CA GLU G 50 60.84 -18.24 -55.21
C GLU G 50 61.18 -19.63 -54.72
N ASP G 51 62.04 -19.71 -53.71
CA ASP G 51 62.52 -21.01 -53.21
C ASP G 51 61.72 -21.52 -52.02
N LEU G 52 61.45 -20.65 -51.05
CA LEU G 52 60.79 -21.05 -49.81
C LEU G 52 59.28 -20.89 -49.86
N GLY G 53 58.78 -20.23 -50.91
CA GLY G 53 57.34 -20.11 -51.13
C GLY G 53 56.65 -19.17 -50.17
N ALA G 54 57.36 -18.13 -49.74
CA ALA G 54 56.79 -17.13 -48.84
C ALA G 54 55.83 -16.20 -49.58
N ASP G 55 54.62 -16.06 -49.06
CA ASP G 55 53.61 -15.20 -49.70
C ASP G 55 53.71 -13.76 -49.23
N SER G 56 52.76 -12.93 -49.66
CA SER G 56 52.81 -11.48 -49.42
C SER G 56 52.52 -11.09 -47.98
N LEU G 57 52.21 -12.08 -47.14
CA LEU G 57 52.12 -11.89 -45.70
C LEU G 57 53.31 -12.52 -45.00
N ASP G 58 53.69 -13.70 -45.48
CA ASP G 58 54.82 -14.44 -44.92
C ASP G 58 56.05 -13.56 -44.77
N THR G 59 56.37 -12.80 -45.82
CA THR G 59 57.57 -11.97 -45.83
C THR G 59 57.49 -10.81 -44.84
N VAL G 60 56.30 -10.24 -44.69
CA VAL G 60 56.09 -9.16 -43.73
C VAL G 60 56.23 -9.66 -42.30
N GLU G 61 55.67 -10.84 -42.03
CA GLU G 61 55.78 -11.46 -40.71
C GLU G 61 57.20 -11.92 -40.41
N LEU G 62 57.93 -12.30 -41.46
CA LEU G 62 59.33 -12.68 -41.30
C LEU G 62 60.20 -11.49 -40.87
N VAL G 63 59.94 -10.33 -41.47
CA VAL G 63 60.64 -9.12 -41.07
C VAL G 63 60.32 -8.76 -39.61
N MET G 64 59.02 -8.80 -39.27
CA MET G 64 58.58 -8.52 -37.91
C MET G 64 59.27 -9.43 -36.89
N ALA G 65 59.34 -10.72 -37.21
CA ALA G 65 59.93 -11.70 -36.31
C ALA G 65 61.44 -11.51 -36.16
N LEU G 66 62.10 -11.20 -37.27
CA LEU G 66 63.55 -10.98 -37.25
C LEU G 66 63.89 -9.69 -36.50
N GLU G 67 63.07 -8.65 -36.71
CA GLU G 67 63.22 -7.39 -35.97
C GLU G 67 63.08 -7.62 -34.46
N GLU G 68 62.13 -8.48 -34.08
CA GLU G 68 61.90 -8.80 -32.68
C GLU G 68 63.07 -9.59 -32.09
N GLU G 69 63.46 -10.65 -32.79
CA GLU G 69 64.48 -11.57 -32.28
C GLU G 69 65.84 -10.91 -32.08
N PHE G 70 66.19 -10.01 -33.00
CA PHE G 70 67.51 -9.38 -32.97
C PHE G 70 67.45 -7.92 -32.51
N ASP G 71 66.28 -7.51 -32.03
CA ASP G 71 66.07 -6.15 -31.52
C ASP G 71 66.62 -5.09 -32.47
N THR G 72 66.25 -5.18 -33.74
CA THR G 72 66.66 -4.19 -34.74
C THR G 72 65.46 -3.66 -35.49
N GLU G 73 65.66 -2.56 -36.23
CA GLU G 73 64.63 -2.01 -37.09
C GLU G 73 65.18 -1.73 -38.48
N ILE G 74 64.56 -2.35 -39.49
CA ILE G 74 65.01 -2.18 -40.87
C ILE G 74 64.01 -1.36 -41.68
N PRO G 75 64.51 -0.31 -42.35
CA PRO G 75 63.66 0.52 -43.23
C PRO G 75 63.13 -0.28 -44.41
N ASP G 76 61.97 0.12 -44.92
CA ASP G 76 61.31 -0.60 -46.01
C ASP G 76 62.20 -0.72 -47.24
N GLU G 77 62.94 0.33 -47.54
CA GLU G 77 63.80 0.37 -48.72
C GLU G 77 64.93 -0.65 -48.64
N GLU G 78 65.36 -0.96 -47.42
CA GLU G 78 66.41 -1.96 -47.20
C GLU G 78 65.84 -3.37 -47.16
N ALA G 79 64.61 -3.50 -46.69
CA ALA G 79 63.95 -4.80 -46.59
C ALA G 79 63.61 -5.35 -47.96
N GLU G 80 63.29 -4.46 -48.89
CA GLU G 80 63.01 -4.86 -50.27
C GLU G 80 64.23 -5.49 -50.92
N LYS G 81 65.42 -5.16 -50.40
CA LYS G 81 66.67 -5.63 -50.98
C LYS G 81 67.12 -6.98 -50.43
N ILE G 82 66.59 -7.36 -49.27
CA ILE G 82 66.91 -8.66 -48.69
C ILE G 82 66.05 -9.77 -49.28
N THR G 83 66.60 -10.48 -50.26
CA THR G 83 65.85 -11.44 -51.05
C THR G 83 66.15 -12.88 -50.65
N THR G 84 67.28 -13.09 -49.99
CA THR G 84 67.72 -14.43 -49.63
C THR G 84 67.95 -14.56 -48.13
N VAL G 85 68.03 -15.80 -47.66
CA VAL G 85 68.36 -16.07 -46.26
C VAL G 85 69.71 -15.45 -45.90
N GLN G 86 70.70 -15.61 -46.77
CA GLN G 86 72.03 -15.06 -46.54
C GLN G 86 72.01 -13.54 -46.40
N ALA G 87 71.23 -12.88 -47.25
CA ALA G 87 71.08 -11.43 -47.18
C ALA G 87 70.54 -10.99 -45.83
N ALA G 88 69.60 -11.76 -45.29
CA ALA G 88 69.05 -11.50 -43.96
C ALA G 88 70.13 -11.61 -42.89
N ILE G 89 70.89 -12.70 -42.94
CA ILE G 89 71.99 -12.92 -42.01
C ILE G 89 73.04 -11.80 -42.10
N ASP G 90 73.34 -11.39 -43.33
CA ASP G 90 74.31 -10.33 -43.58
C ASP G 90 73.88 -8.99 -42.98
N TYR G 91 72.60 -8.67 -43.10
CA TYR G 91 72.08 -7.41 -42.57
C TYR G 91 72.15 -7.41 -41.04
N ILE G 92 71.79 -8.54 -40.44
CA ILE G 92 71.86 -8.68 -38.99
C ILE G 92 73.31 -8.72 -38.51
N ASN G 93 74.13 -9.50 -39.21
CA ASN G 93 75.55 -9.66 -38.88
C ASN G 93 75.86 -10.96 -38.13
N THR H 6 59.39 9.69 -31.12
CA THR H 6 58.99 8.43 -31.80
C THR H 6 58.13 8.72 -33.02
N ALA H 7 58.47 8.08 -34.14
CA ALA H 7 57.85 8.38 -35.43
C ALA H 7 56.36 8.05 -35.45
N SER H 8 55.98 6.95 -34.82
CA SER H 8 54.60 6.50 -34.80
C SER H 8 53.74 7.33 -33.85
N SER H 9 54.36 7.78 -32.75
CA SER H 9 53.67 8.64 -31.79
C SER H 9 53.43 10.03 -32.36
N GLU H 10 54.38 10.50 -33.17
CA GLU H 10 54.25 11.79 -33.84
C GLU H 10 53.20 11.72 -34.95
N PHE H 11 53.14 10.58 -35.63
CA PHE H 11 52.17 10.39 -36.70
C PHE H 11 50.74 10.30 -36.17
N LEU H 12 50.58 9.63 -35.03
CA LEU H 12 49.24 9.48 -34.44
C LEU H 12 48.71 10.82 -33.93
N LYS H 13 49.60 11.64 -33.39
CA LYS H 13 49.22 12.97 -32.93
C LYS H 13 48.87 13.88 -34.10
N ASN H 14 49.63 13.76 -35.19
CA ASN H 14 49.46 14.62 -36.35
C ASN H 14 49.76 13.91 -37.66
N PRO H 15 48.79 13.13 -38.17
CA PRO H 15 48.98 12.40 -39.42
C PRO H 15 48.87 13.31 -40.65
N TYR H 16 48.23 14.46 -40.48
CA TYR H 16 47.88 15.33 -41.61
C TYR H 16 49.09 16.05 -42.20
N SER H 17 50.06 16.37 -41.35
CA SER H 17 51.33 16.89 -41.82
C SER H 17 52.05 15.87 -42.69
N PHE H 18 51.92 14.60 -42.31
CA PHE H 18 52.48 13.51 -43.08
C PHE H 18 51.76 13.36 -44.42
N TYR H 19 50.44 13.55 -44.40
CA TYR H 19 49.64 13.48 -45.61
C TYR H 19 50.02 14.60 -46.59
N ASP H 20 50.37 15.76 -46.04
CA ASP H 20 50.66 16.95 -46.83
C ASP H 20 51.91 16.79 -47.70
N THR H 21 52.94 16.17 -47.15
CA THR H 21 54.22 16.05 -47.87
C THR H 21 54.12 15.03 -49.01
N LEU H 22 53.27 14.02 -48.84
CA LEU H 22 53.02 13.06 -49.90
C LEU H 22 52.28 13.70 -51.06
N ARG H 23 51.28 14.52 -50.74
CA ARG H 23 50.45 15.17 -51.75
C ARG H 23 51.27 16.13 -52.61
N ALA H 24 52.22 16.82 -51.98
CA ALA H 24 53.04 17.81 -52.67
C ALA H 24 53.98 17.19 -53.70
N VAL H 25 54.38 15.94 -53.44
CA VAL H 25 55.16 15.18 -54.41
C VAL H 25 54.26 14.70 -55.54
N HIS H 26 53.25 13.91 -55.19
CA HIS H 26 52.23 13.48 -56.13
C HIS H 26 51.02 12.95 -55.39
N PRO H 27 49.80 13.35 -55.82
CA PRO H 27 48.57 12.91 -55.19
C PRO H 27 48.43 11.38 -55.21
N ILE H 28 49.11 10.74 -56.14
CA ILE H 28 49.30 9.30 -56.11
C ILE H 28 50.79 8.99 -55.91
N TYR H 29 51.12 8.53 -54.73
CA TYR H 29 52.52 8.45 -54.30
C TYR H 29 53.01 7.00 -54.25
N LYS H 30 54.03 6.70 -55.06
CA LYS H 30 54.68 5.40 -55.02
C LYS H 30 55.63 5.33 -53.84
N GLY H 31 55.50 4.29 -53.03
CA GLY H 31 56.35 4.12 -51.87
C GLY H 31 55.98 2.91 -51.02
N SER H 32 56.47 2.88 -49.79
CA SER H 32 56.19 1.79 -48.87
C SER H 32 56.19 2.26 -47.43
N PHE H 33 55.16 1.87 -46.68
CA PHE H 33 55.08 2.19 -45.26
C PHE H 33 54.64 0.96 -44.48
N LEU H 34 55.29 0.71 -43.35
CA LEU H 34 55.06 -0.49 -42.55
C LEU H 34 55.21 -1.78 -43.37
N LYS H 35 56.14 -1.74 -44.31
CA LYS H 35 56.49 -2.93 -45.12
C LYS H 35 55.43 -3.26 -46.17
N TYR H 36 54.56 -2.30 -46.47
CA TYR H 36 53.53 -2.50 -47.48
C TYR H 36 53.76 -1.58 -48.68
N PRO H 37 54.21 -2.16 -49.80
CA PRO H 37 54.50 -1.40 -51.02
C PRO H 37 53.23 -1.15 -51.82
N GLY H 38 53.17 0.01 -52.48
CA GLY H 38 52.04 0.34 -53.33
C GLY H 38 51.90 1.82 -53.57
N TRP H 39 50.75 2.21 -54.12
CA TRP H 39 50.47 3.61 -54.39
C TRP H 39 49.61 4.19 -53.28
N TYR H 40 50.10 5.25 -52.64
CA TYR H 40 49.39 5.90 -51.55
C TYR H 40 48.74 7.20 -52.01
N VAL H 41 47.42 7.25 -51.97
CA VAL H 41 46.67 8.34 -52.57
C VAL H 41 46.19 9.34 -51.53
N THR H 42 46.65 10.59 -51.66
CA THR H 42 46.26 11.66 -50.75
C THR H 42 45.44 12.72 -51.49
N GLY H 43 45.21 12.50 -52.77
CA GLY H 43 44.49 13.46 -53.60
C GLY H 43 43.00 13.16 -53.68
N TYR H 44 42.19 14.18 -53.44
CA TYR H 44 40.74 14.03 -53.47
C TYR H 44 40.24 13.45 -54.79
N GLU H 45 40.55 14.14 -55.89
CA GLU H 45 40.02 13.75 -57.19
C GLU H 45 40.52 12.38 -57.66
N GLU H 46 41.75 12.05 -57.27
CA GLU H 46 42.29 10.72 -57.57
C GLU H 46 41.61 9.65 -56.74
N THR H 47 41.38 9.94 -55.47
CA THR H 47 40.71 9.01 -54.57
C THR H 47 39.31 8.66 -55.09
N ALA H 48 38.52 9.69 -55.37
CA ALA H 48 37.16 9.50 -55.89
C ALA H 48 37.14 8.66 -57.16
N ALA H 49 38.05 8.97 -58.08
CA ALA H 49 38.12 8.29 -59.36
C ALA H 49 38.49 6.81 -59.21
N ILE H 50 39.38 6.53 -58.27
CA ILE H 50 39.80 5.16 -57.99
C ILE H 50 38.67 4.36 -57.36
N LEU H 51 37.97 4.97 -56.41
CA LEU H 51 36.83 4.32 -55.75
C LEU H 51 35.67 4.09 -56.71
N LYS H 52 35.60 4.91 -57.76
CA LYS H 52 34.58 4.77 -58.79
C LYS H 52 34.88 3.62 -59.74
N ASP H 53 36.16 3.34 -59.94
CA ASP H 53 36.60 2.44 -61.01
C ASP H 53 36.58 0.98 -60.58
N ALA H 54 35.71 0.20 -61.21
CA ALA H 54 35.51 -1.20 -60.86
C ALA H 54 36.71 -2.07 -61.22
N ARG H 55 37.61 -1.54 -62.04
CA ARG H 55 38.85 -2.23 -62.38
C ARG H 55 39.79 -2.27 -61.19
N PHE H 56 39.64 -1.30 -60.29
CA PHE H 56 40.24 -1.37 -58.96
C PHE H 56 39.36 -2.20 -58.05
N LYS H 57 39.71 -3.48 -57.90
CA LYS H 57 38.90 -4.40 -57.11
C LYS H 57 39.22 -4.29 -55.63
N VAL H 58 38.23 -4.55 -54.79
CA VAL H 58 38.47 -4.80 -53.38
C VAL H 58 39.09 -6.19 -53.25
N ARG H 59 39.85 -6.38 -52.17
CA ARG H 59 40.54 -7.65 -51.98
C ARG H 59 40.64 -8.03 -50.51
N THR H 60 40.89 -9.31 -50.27
CA THR H 60 41.09 -9.82 -48.92
C THR H 60 42.32 -9.18 -48.28
N PRO H 61 42.18 -8.72 -47.02
CA PRO H 61 43.27 -8.08 -46.28
C PRO H 61 44.32 -9.09 -45.82
N LEU H 62 44.09 -10.36 -46.12
CA LEU H 62 45.12 -11.39 -46.02
C LEU H 62 45.18 -12.12 -47.36
N PRO H 63 46.34 -12.73 -47.67
CA PRO H 63 46.50 -13.48 -48.92
C PRO H 63 45.32 -14.40 -49.18
N GLU H 64 44.82 -14.40 -50.42
CA GLU H 64 43.60 -15.11 -50.78
C GLU H 64 43.58 -16.58 -50.34
N SER H 65 44.65 -17.30 -50.67
CA SER H 65 44.72 -18.73 -50.36
C SER H 65 45.72 -19.03 -49.23
N SER H 66 45.65 -18.26 -48.16
CA SER H 66 46.49 -18.48 -46.99
C SER H 66 45.72 -19.23 -45.90
N THR H 67 46.35 -20.24 -45.32
CA THR H 67 45.71 -21.09 -44.32
C THR H 67 46.36 -20.94 -42.95
N LYS H 68 47.28 -19.98 -42.84
CA LYS H 68 47.94 -19.70 -41.56
C LYS H 68 46.92 -19.27 -40.51
N TYR H 69 45.99 -18.43 -40.92
CA TYR H 69 44.86 -18.07 -40.07
C TYR H 69 43.57 -18.40 -40.80
N GLN H 70 43.31 -19.71 -40.93
CA GLN H 70 42.27 -20.21 -41.82
C GLN H 70 40.88 -19.68 -41.49
N ASP H 71 40.55 -19.64 -40.21
CA ASP H 71 39.21 -19.25 -39.78
C ASP H 71 38.98 -17.75 -39.95
N LEU H 72 40.00 -16.96 -39.64
CA LEU H 72 39.96 -15.52 -39.85
C LEU H 72 39.83 -15.20 -41.34
N SER H 73 40.62 -15.88 -42.16
CA SER H 73 40.57 -15.69 -43.61
C SER H 73 39.20 -16.01 -44.18
N HIS H 74 38.63 -17.13 -43.75
CA HIS H 74 37.30 -17.54 -44.22
C HIS H 74 36.21 -16.55 -43.82
N VAL H 75 36.32 -16.02 -42.61
CA VAL H 75 35.35 -15.05 -42.12
C VAL H 75 35.45 -13.74 -42.89
N GLN H 76 36.68 -13.28 -43.11
CA GLN H 76 36.93 -12.07 -43.88
C GLN H 76 36.50 -12.22 -45.34
N ASN H 77 36.74 -13.41 -45.90
CA ASN H 77 36.52 -13.66 -47.32
C ASN H 77 35.06 -13.58 -47.73
N GLN H 78 34.15 -13.84 -46.80
CA GLN H 78 32.73 -13.89 -47.10
C GLN H 78 32.04 -12.53 -46.91
N MET H 79 32.80 -11.55 -46.43
CA MET H 79 32.28 -10.21 -46.17
C MET H 79 32.13 -9.42 -47.47
N MET H 80 31.01 -8.72 -47.60
CA MET H 80 30.73 -7.92 -48.80
C MET H 80 31.80 -6.86 -49.02
N LEU H 81 32.45 -6.46 -47.94
CA LEU H 81 33.49 -5.43 -47.97
C LEU H 81 34.67 -5.86 -48.83
N PHE H 82 34.93 -7.16 -48.86
CA PHE H 82 36.08 -7.69 -49.59
C PHE H 82 35.66 -8.58 -50.76
N GLN H 83 34.41 -8.43 -51.19
CA GLN H 83 33.86 -9.22 -52.29
C GLN H 83 33.62 -8.36 -53.52
N ASN H 84 33.86 -8.93 -54.69
CA ASN H 84 33.56 -8.26 -55.95
C ASN H 84 32.35 -8.87 -56.65
N GLN H 85 32.16 -8.52 -57.92
CA GLN H 85 31.03 -9.04 -58.69
C GLN H 85 31.19 -10.54 -58.94
N PRO H 86 30.07 -11.28 -58.95
CA PRO H 86 28.71 -10.79 -58.73
C PRO H 86 28.26 -10.97 -57.28
N ASP H 87 29.14 -11.46 -56.42
CA ASP H 87 28.80 -11.74 -55.03
C ASP H 87 28.46 -10.46 -54.25
N HIS H 88 29.14 -9.37 -54.61
CA HIS H 88 29.01 -8.11 -53.88
C HIS H 88 27.57 -7.58 -53.89
N ARG H 89 27.01 -7.40 -55.08
CA ARG H 89 25.64 -6.92 -55.23
C ARG H 89 24.68 -7.77 -54.40
N ARG H 90 24.81 -9.09 -54.53
CA ARG H 90 23.93 -10.02 -53.82
C ARG H 90 23.99 -9.82 -52.31
N LEU H 91 25.20 -9.79 -51.76
CA LEU H 91 25.40 -9.64 -50.32
C LEU H 91 24.94 -8.26 -49.82
N ARG H 92 25.29 -7.22 -50.56
CA ARG H 92 24.94 -5.86 -50.16
C ARG H 92 23.43 -5.63 -50.16
N THR H 93 22.76 -6.11 -51.21
CA THR H 93 21.32 -5.94 -51.36
C THR H 93 20.54 -6.62 -50.22
N LEU H 94 21.01 -7.79 -49.80
CA LEU H 94 20.33 -8.54 -48.74
C LEU H 94 20.42 -7.87 -47.37
N ALA H 95 21.49 -7.11 -47.14
CA ALA H 95 21.71 -6.46 -45.86
C ALA H 95 21.16 -5.02 -45.85
N SER H 96 20.93 -4.48 -47.04
CA SER H 96 20.57 -3.06 -47.19
C SER H 96 19.25 -2.71 -46.52
N GLY H 97 18.38 -3.70 -46.34
CA GLY H 97 17.02 -3.48 -45.84
C GLY H 97 16.93 -2.75 -44.52
N ALA H 98 17.93 -2.95 -43.65
CA ALA H 98 17.89 -2.39 -42.31
C ALA H 98 18.61 -1.04 -42.20
N PHE H 99 19.03 -0.49 -43.35
CA PHE H 99 19.82 0.74 -43.35
C PHE H 99 19.32 1.78 -44.35
N THR H 100 18.12 1.57 -44.87
CA THR H 100 17.47 2.55 -45.73
C THR H 100 17.11 3.80 -44.94
N PRO H 101 16.99 4.95 -45.62
CA PRO H 101 16.59 6.20 -44.97
C PRO H 101 15.32 6.02 -44.13
N ARG H 102 14.33 5.32 -44.68
CA ARG H 102 13.08 5.06 -43.98
C ARG H 102 13.31 4.26 -42.70
N THR H 103 14.01 3.13 -42.82
CA THR H 103 14.28 2.26 -41.69
C THR H 103 15.14 2.96 -40.64
N THR H 104 16.16 3.67 -41.09
CA THR H 104 17.03 4.43 -40.21
C THR H 104 16.23 5.43 -39.37
N GLU H 105 15.32 6.13 -40.03
CA GLU H 105 14.46 7.11 -39.36
C GLU H 105 13.61 6.47 -38.26
N SER H 106 13.31 5.19 -38.43
CA SER H 106 12.47 4.47 -37.47
C SER H 106 13.23 4.10 -36.20
N TYR H 107 14.55 4.25 -36.24
CA TYR H 107 15.39 3.99 -35.07
C TYR H 107 15.43 5.19 -34.13
N GLN H 108 15.02 6.35 -34.64
CA GLN H 108 15.20 7.62 -33.92
C GLN H 108 14.64 7.60 -32.49
N PRO H 109 13.38 7.14 -32.33
CA PRO H 109 12.79 7.06 -30.99
C PRO H 109 13.66 6.27 -30.02
N TYR H 110 14.17 5.13 -30.45
CA TYR H 110 14.99 4.28 -29.59
C TYR H 110 16.33 4.93 -29.24
N ILE H 111 16.91 5.66 -30.19
CA ILE H 111 18.20 6.29 -29.98
C ILE H 111 18.12 7.44 -28.97
N ILE H 112 17.13 8.30 -29.16
CA ILE H 112 16.88 9.39 -28.21
C ILE H 112 16.67 8.86 -26.80
N GLU H 113 15.82 7.85 -26.69
CA GLU H 113 15.52 7.22 -25.41
C GLU H 113 16.78 6.70 -24.73
N THR H 114 17.64 6.03 -25.49
CA THR H 114 18.86 5.43 -24.96
C THR H 114 19.89 6.49 -24.55
N VAL H 115 20.00 7.53 -25.37
CA VAL H 115 20.95 8.62 -25.10
C VAL H 115 20.63 9.33 -23.78
N HIS H 116 19.37 9.67 -23.59
CA HIS H 116 18.93 10.32 -22.35
C HIS H 116 19.09 9.42 -21.13
N HIS H 117 18.82 8.14 -21.33
CA HIS H 117 19.01 7.14 -20.27
C HIS H 117 20.46 7.12 -19.81
N LEU H 118 21.39 7.02 -20.77
CA LEU H 118 22.81 6.92 -20.46
C LEU H 118 23.32 8.17 -19.74
N LEU H 119 22.79 9.33 -20.12
CA LEU H 119 23.21 10.59 -19.51
C LEU H 119 22.62 10.77 -18.12
N ASP H 120 21.47 10.14 -17.88
CA ASP H 120 20.85 10.13 -16.56
C ASP H 120 21.75 9.48 -15.52
N GLN H 121 22.57 8.52 -15.97
CA GLN H 121 23.40 7.74 -15.07
C GLN H 121 24.66 8.49 -14.64
N VAL H 122 24.94 9.61 -15.30
CA VAL H 122 26.16 10.38 -15.03
C VAL H 122 25.87 11.84 -14.69
N GLN H 123 24.63 12.27 -14.89
CA GLN H 123 24.24 13.64 -14.56
C GLN H 123 24.36 13.90 -13.06
N GLY H 124 25.08 14.96 -12.71
CA GLY H 124 25.29 15.30 -11.31
C GLY H 124 26.57 14.71 -10.75
N LYS H 125 27.13 13.75 -11.45
CA LYS H 125 28.40 13.13 -11.04
C LYS H 125 29.58 14.00 -11.42
N LYS H 126 29.30 15.04 -12.21
CA LYS H 126 30.28 16.10 -12.50
C LYS H 126 31.45 15.63 -13.36
N LYS H 127 31.40 14.38 -13.81
CA LYS H 127 32.42 13.84 -14.71
C LYS H 127 31.93 12.57 -15.41
N MET H 128 32.58 12.22 -16.52
CA MET H 128 32.25 11.00 -17.24
C MET H 128 33.35 10.62 -18.24
N GLU H 129 33.34 9.36 -18.66
CA GLU H 129 34.21 8.90 -19.73
C GLU H 129 33.39 8.73 -21.01
N VAL H 130 33.48 9.70 -21.90
CA VAL H 130 32.60 9.77 -23.07
C VAL H 130 32.50 8.45 -23.82
N ILE H 131 33.60 7.72 -23.92
CA ILE H 131 33.62 6.44 -24.64
C ILE H 131 32.94 5.34 -23.84
N SER H 132 33.43 5.11 -22.62
CA SER H 132 32.95 4.01 -21.79
C SER H 132 31.55 4.24 -21.24
N ASP H 133 31.21 5.51 -21.01
CA ASP H 133 29.96 5.86 -20.32
C ASP H 133 28.87 6.33 -21.26
N PHE H 134 29.21 6.58 -22.51
CA PHE H 134 28.26 7.19 -23.45
C PHE H 134 28.34 6.62 -24.86
N ALA H 135 29.44 6.87 -25.55
CA ALA H 135 29.57 6.54 -26.97
C ALA H 135 29.43 5.05 -27.23
N PHE H 136 30.19 4.24 -26.50
CA PHE H 136 30.19 2.80 -26.69
C PHE H 136 28.84 2.14 -26.34
N PRO H 137 28.33 2.41 -25.13
CA PRO H 137 27.04 1.85 -24.72
C PRO H 137 25.93 2.12 -25.75
N LEU H 138 25.87 3.35 -26.26
CA LEU H 138 24.87 3.73 -27.25
C LEU H 138 25.02 2.91 -28.52
N ALA H 139 26.21 2.94 -29.11
CA ALA H 139 26.48 2.23 -30.35
C ALA H 139 26.27 0.73 -30.18
N SER H 140 26.66 0.20 -29.02
CA SER H 140 26.49 -1.21 -28.71
C SER H 140 25.02 -1.61 -28.64
N PHE H 141 24.22 -0.82 -27.92
CA PHE H 141 22.79 -1.08 -27.79
C PHE H 141 22.09 -1.09 -29.15
N VAL H 142 22.40 -0.08 -29.97
CA VAL H 142 21.75 0.09 -31.27
C VAL H 142 22.02 -1.09 -32.22
N ILE H 143 23.30 -1.39 -32.44
CA ILE H 143 23.67 -2.40 -33.43
C ILE H 143 23.32 -3.82 -32.98
N ALA H 144 23.39 -4.07 -31.67
CA ALA H 144 23.01 -5.37 -31.12
C ALA H 144 21.52 -5.63 -31.32
N ASN H 145 20.71 -4.59 -31.12
CA ASN H 145 19.27 -4.70 -31.29
C ASN H 145 18.86 -4.87 -32.75
N ILE H 146 19.57 -4.21 -33.65
CA ILE H 146 19.31 -4.34 -35.09
C ILE H 146 19.64 -5.75 -35.57
N ILE H 147 20.81 -6.25 -35.19
CA ILE H 147 21.25 -7.58 -35.60
C ILE H 147 20.42 -8.68 -34.96
N GLY H 148 20.08 -8.51 -33.69
CA GLY H 148 19.29 -9.49 -32.96
C GLY H 148 20.11 -10.25 -31.93
N VAL H 149 21.11 -9.58 -31.38
CA VAL H 149 21.95 -10.17 -30.33
C VAL H 149 21.34 -9.88 -28.96
N PRO H 150 21.00 -10.93 -28.20
CA PRO H 150 20.39 -10.82 -26.88
C PRO H 150 21.20 -9.95 -25.94
N GLU H 151 20.51 -9.30 -25.00
CA GLU H 151 21.13 -8.35 -24.09
C GLU H 151 22.25 -9.00 -23.27
N GLU H 152 22.15 -10.32 -23.09
CA GLU H 152 23.11 -11.04 -22.28
C GLU H 152 24.45 -11.22 -22.98
N ASP H 153 24.43 -11.25 -24.31
CA ASP H 153 25.64 -11.50 -25.09
C ASP H 153 26.20 -10.21 -25.68
N ARG H 154 25.77 -9.08 -25.13
CA ARG H 154 26.12 -7.77 -25.68
C ARG H 154 27.59 -7.42 -25.41
N GLU H 155 28.09 -7.82 -24.24
CA GLU H 155 29.44 -7.44 -23.82
C GLU H 155 30.49 -8.45 -24.27
N GLN H 156 30.04 -9.61 -24.75
CA GLN H 156 30.94 -10.57 -25.39
C GLN H 156 31.13 -10.19 -26.86
N LEU H 157 30.13 -9.52 -27.43
CA LEU H 157 30.18 -9.09 -28.81
C LEU H 157 31.21 -7.98 -29.01
N LYS H 158 31.44 -7.19 -27.96
CA LYS H 158 32.33 -6.05 -28.04
C LYS H 158 33.80 -6.46 -28.11
N GLU H 159 34.15 -7.56 -27.45
CA GLU H 159 35.52 -8.02 -27.42
C GLU H 159 35.93 -8.70 -28.73
N TRP H 160 34.94 -9.23 -29.44
CA TRP H 160 35.18 -9.74 -30.79
C TRP H 160 35.47 -8.59 -31.74
N ALA H 161 34.67 -7.54 -31.65
CA ALA H 161 34.81 -6.37 -32.52
C ALA H 161 36.14 -5.65 -32.30
N ALA H 162 36.56 -5.57 -31.04
CA ALA H 162 37.81 -4.91 -30.69
C ALA H 162 39.02 -5.68 -31.22
N SER H 163 38.92 -7.00 -31.19
CA SER H 163 40.02 -7.86 -31.62
C SER H 163 40.08 -8.00 -33.14
N LEU H 164 38.92 -8.06 -33.78
CA LEU H 164 38.85 -8.33 -35.22
C LEU H 164 39.18 -7.11 -36.07
N ILE H 165 38.93 -5.92 -35.53
CA ILE H 165 39.22 -4.68 -36.25
C ILE H 165 40.73 -4.49 -36.44
N GLN H 166 41.51 -5.08 -35.52
CA GLN H 166 42.96 -5.00 -35.58
C GLN H 166 43.55 -5.83 -36.72
N THR H 167 42.82 -6.88 -37.13
CA THR H 167 43.35 -7.86 -38.08
C THR H 167 43.47 -7.32 -39.51
N ILE H 168 42.89 -6.16 -39.77
CA ILE H 168 42.96 -5.56 -41.11
C ILE H 168 43.86 -4.32 -41.15
N ASP H 169 44.31 -3.90 -39.97
CA ASP H 169 45.05 -2.65 -39.86
C ASP H 169 46.54 -2.84 -40.15
N PHE H 170 47.17 -1.77 -40.62
CA PHE H 170 48.61 -1.78 -40.89
C PHE H 170 49.43 -2.16 -39.66
N THR H 171 48.89 -1.90 -38.48
CA THR H 171 49.63 -2.10 -37.23
C THR H 171 49.53 -3.53 -36.68
N ARG H 172 48.87 -4.41 -37.42
CA ARG H 172 48.63 -5.77 -36.95
C ARG H 172 49.93 -6.53 -36.70
N SER H 173 49.91 -7.40 -35.69
CA SER H 173 51.05 -8.25 -35.39
C SER H 173 50.65 -9.72 -35.48
N ARG H 174 51.63 -10.61 -35.38
CA ARG H 174 51.37 -12.04 -35.39
C ARG H 174 50.48 -12.46 -34.23
N LYS H 175 50.68 -11.82 -33.08
CA LYS H 175 49.85 -12.07 -31.91
C LYS H 175 48.40 -11.62 -32.15
N ALA H 176 48.26 -10.48 -32.82
CA ALA H 176 46.94 -9.93 -33.12
C ALA H 176 46.16 -10.84 -34.07
N LEU H 177 46.88 -11.46 -35.00
CA LEU H 177 46.25 -12.32 -36.00
C LEU H 177 45.89 -13.69 -35.44
N THR H 178 46.73 -14.22 -34.55
CA THR H 178 46.43 -15.48 -33.87
C THR H 178 45.21 -15.33 -32.95
N GLU H 179 45.14 -14.22 -32.23
CA GLU H 179 43.98 -13.91 -31.39
C GLU H 179 42.74 -13.69 -32.24
N GLY H 180 42.92 -13.00 -33.36
CA GLY H 180 41.82 -12.76 -34.30
C GLY H 180 41.20 -14.05 -34.81
N ASN H 181 42.04 -15.05 -35.07
CA ASN H 181 41.57 -16.35 -35.49
C ASN H 181 40.68 -17.00 -34.43
N ILE H 182 41.05 -16.85 -33.17
CA ILE H 182 40.27 -17.39 -32.06
C ILE H 182 38.91 -16.70 -31.93
N MET H 183 38.91 -15.38 -32.12
CA MET H 183 37.67 -14.61 -32.08
C MET H 183 36.79 -14.92 -33.28
N ALA H 184 37.43 -15.23 -34.41
CA ALA H 184 36.71 -15.62 -35.62
C ALA H 184 35.97 -16.94 -35.44
N VAL H 185 36.58 -17.86 -34.69
CA VAL H 185 35.97 -19.14 -34.38
C VAL H 185 34.77 -18.96 -33.43
N GLN H 186 34.98 -18.18 -32.36
CA GLN H 186 33.96 -17.97 -31.36
C GLN H 186 32.75 -17.20 -31.90
N ALA H 187 33.01 -16.12 -32.63
CA ALA H 187 31.95 -15.30 -33.20
C ALA H 187 31.12 -16.10 -34.21
N MET H 188 31.81 -16.87 -35.06
CA MET H 188 31.14 -17.66 -36.07
C MET H 188 30.28 -18.75 -35.45
N ALA H 189 30.78 -19.35 -34.38
CA ALA H 189 30.03 -20.39 -33.66
C ALA H 189 28.82 -19.83 -32.94
N TYR H 190 28.94 -18.59 -32.47
CA TYR H 190 27.84 -17.93 -31.77
C TYR H 190 26.70 -17.58 -32.73
N PHE H 191 27.06 -17.06 -33.89
CA PHE H 191 26.06 -16.61 -34.85
C PHE H 191 25.38 -17.78 -35.58
N LYS H 192 26.13 -18.86 -35.77
CA LYS H 192 25.55 -20.10 -36.30
C LYS H 192 24.53 -20.67 -35.32
N GLU H 193 24.87 -20.62 -34.04
CA GLU H 193 23.96 -21.05 -32.98
C GLU H 193 22.72 -20.17 -32.94
N LEU H 194 22.92 -18.88 -33.19
CA LEU H 194 21.82 -17.92 -33.19
C LEU H 194 20.98 -18.06 -34.45
N ILE H 195 21.60 -18.52 -35.53
CA ILE H 195 20.90 -18.73 -36.80
C ILE H 195 20.02 -19.98 -36.74
N GLN H 196 20.42 -20.96 -35.93
CA GLN H 196 19.61 -22.15 -35.72
C GLN H 196 18.32 -21.82 -34.97
N LYS H 197 18.43 -20.93 -33.99
CA LYS H 197 17.27 -20.49 -33.22
C LYS H 197 16.32 -19.67 -34.08
N ARG H 198 16.87 -18.90 -35.02
CA ARG H 198 16.07 -18.01 -35.85
C ARG H 198 15.42 -18.75 -37.02
N LYS H 199 15.98 -19.91 -37.37
CA LYS H 199 15.41 -20.75 -38.42
C LYS H 199 14.19 -21.53 -37.91
N ARG H 200 14.16 -21.77 -36.61
CA ARG H 200 12.99 -22.40 -35.97
C ARG H 200 11.97 -21.34 -35.57
N HIS H 201 12.47 -20.19 -35.13
CA HIS H 201 11.61 -19.12 -34.65
C HIS H 201 12.14 -17.76 -35.06
N PRO H 202 11.81 -17.32 -36.30
CA PRO H 202 12.21 -16.01 -36.82
C PRO H 202 11.78 -14.86 -35.91
N GLN H 203 12.57 -13.81 -35.87
CA GLN H 203 12.22 -12.61 -35.10
C GLN H 203 12.32 -11.37 -35.98
N GLN H 204 12.10 -10.20 -35.38
CA GLN H 204 12.24 -8.94 -36.10
C GLN H 204 13.66 -8.39 -35.98
N ASP H 205 14.59 -9.04 -36.67
CA ASP H 205 15.99 -8.61 -36.65
C ASP H 205 16.71 -8.88 -37.96
N MET H 206 17.97 -8.45 -38.04
CA MET H 206 18.77 -8.61 -39.25
C MET H 206 18.95 -10.07 -39.64
N ILE H 207 19.30 -10.90 -38.66
CA ILE H 207 19.58 -12.31 -38.88
C ILE H 207 18.43 -13.01 -39.63
N SER H 208 17.21 -12.81 -39.12
CA SER H 208 16.04 -13.42 -39.73
C SER H 208 15.77 -12.84 -41.12
N MET H 209 16.03 -11.55 -41.28
CA MET H 209 15.87 -10.88 -42.56
C MET H 209 16.81 -11.44 -43.62
N LEU H 210 18.04 -11.71 -43.21
CA LEU H 210 19.06 -12.30 -44.10
C LEU H 210 18.68 -13.73 -44.48
N LEU H 211 18.18 -14.48 -43.51
CA LEU H 211 17.78 -15.86 -43.72
C LEU H 211 16.56 -15.97 -44.62
N LYS H 212 15.68 -14.98 -44.54
CA LYS H 212 14.44 -14.97 -45.31
C LYS H 212 14.71 -14.87 -46.81
N GLY H 213 15.75 -14.11 -47.16
CA GLY H 213 16.09 -13.88 -48.56
C GLY H 213 15.35 -12.70 -49.16
N ARG H 214 15.69 -12.37 -50.39
CA ARG H 214 15.11 -11.20 -51.05
C ARG H 214 15.00 -11.44 -52.55
N GLU H 215 13.78 -11.63 -53.04
CA GLU H 215 13.53 -11.94 -54.44
C GLU H 215 14.40 -13.11 -54.91
N LYS H 216 15.32 -12.85 -55.83
CA LYS H 216 16.17 -13.89 -56.38
C LYS H 216 17.53 -13.96 -55.68
N ASP H 217 17.61 -13.38 -54.49
CA ASP H 217 18.86 -13.35 -53.74
C ASP H 217 18.74 -14.10 -52.41
N LYS H 218 19.72 -14.96 -52.14
CA LYS H 218 19.74 -15.73 -50.91
C LYS H 218 21.16 -15.88 -50.38
N LEU H 219 21.28 -16.18 -49.09
CA LEU H 219 22.58 -16.35 -48.44
C LEU H 219 22.73 -17.76 -47.88
N THR H 220 23.98 -18.20 -47.73
CA THR H 220 24.28 -19.37 -46.93
C THR H 220 24.31 -18.98 -45.45
N GLU H 221 24.24 -19.96 -44.57
CA GLU H 221 24.25 -19.70 -43.13
C GLU H 221 25.56 -19.05 -42.68
N GLU H 222 26.65 -19.39 -43.37
CA GLU H 222 27.95 -18.81 -43.05
C GLU H 222 28.08 -17.38 -43.58
N GLU H 223 27.53 -17.13 -44.76
CA GLU H 223 27.49 -15.78 -45.32
C GLU H 223 26.70 -14.83 -44.44
N ALA H 224 25.61 -15.32 -43.87
CA ALA H 224 24.79 -14.53 -42.95
C ALA H 224 25.55 -14.21 -41.67
N ALA H 225 26.27 -15.21 -41.15
CA ALA H 225 27.09 -15.03 -39.96
C ALA H 225 28.19 -13.99 -40.19
N SER H 226 28.86 -14.11 -41.32
CA SER H 226 29.91 -13.15 -41.71
C SER H 226 29.37 -11.73 -41.82
N THR H 227 28.18 -11.61 -42.41
CA THR H 227 27.53 -10.31 -42.57
C THR H 227 27.27 -9.68 -41.20
N CYS H 228 26.73 -10.47 -40.28
CA CYS H 228 26.41 -9.99 -38.94
C CYS H 228 27.66 -9.56 -38.18
N ILE H 229 28.73 -10.33 -38.33
CA ILE H 229 30.02 -9.99 -37.72
C ILE H 229 30.54 -8.66 -38.27
N LEU H 230 30.48 -8.50 -39.59
CA LEU H 230 30.88 -7.25 -40.24
C LEU H 230 30.11 -6.07 -39.66
N LEU H 231 28.79 -6.19 -39.61
CA LEU H 231 27.94 -5.10 -39.12
C LEU H 231 28.17 -4.82 -37.65
N ALA H 232 28.41 -5.87 -36.87
CA ALA H 232 28.70 -5.72 -35.44
C ALA H 232 29.95 -4.88 -35.20
N ILE H 233 31.01 -5.19 -35.97
CA ILE H 233 32.28 -4.47 -35.85
C ILE H 233 32.13 -3.01 -36.27
N ALA H 234 31.47 -2.79 -37.41
CA ALA H 234 31.26 -1.43 -37.91
C ALA H 234 30.41 -0.60 -36.96
N GLY H 235 29.38 -1.23 -36.39
CA GLY H 235 28.49 -0.55 -35.46
C GLY H 235 29.15 -0.19 -34.15
N HIS H 236 30.12 -1.02 -33.74
CA HIS H 236 30.88 -0.74 -32.54
C HIS H 236 31.97 0.29 -32.81
N GLU H 237 33.01 -0.12 -33.52
CA GLU H 237 34.23 0.68 -33.66
C GLU H 237 33.98 2.06 -34.26
N THR H 238 33.61 2.10 -35.54
CA THR H 238 33.60 3.35 -36.29
C THR H 238 32.64 4.39 -35.73
N THR H 239 31.44 3.96 -35.36
CA THR H 239 30.43 4.86 -34.81
C THR H 239 30.89 5.48 -33.49
N VAL H 240 31.49 4.65 -32.63
CA VAL H 240 32.05 5.13 -31.37
C VAL H 240 33.11 6.21 -31.64
N ASN H 241 33.98 5.95 -32.61
CA ASN H 241 35.02 6.90 -32.98
C ASN H 241 34.46 8.24 -33.45
N LEU H 242 33.40 8.19 -34.26
CA LEU H 242 32.75 9.39 -34.76
C LEU H 242 32.25 10.27 -33.61
N ILE H 243 31.54 9.65 -32.67
CA ILE H 243 30.99 10.38 -31.53
C ILE H 243 32.09 11.02 -30.69
N SER H 244 33.09 10.23 -30.31
CA SER H 244 34.17 10.70 -29.46
C SER H 244 35.09 11.72 -30.15
N ASN H 245 35.42 11.47 -31.41
CA ASN H 245 36.20 12.42 -32.20
C ASN H 245 35.51 13.78 -32.31
N SER H 246 34.19 13.75 -32.47
CA SER H 246 33.41 14.97 -32.62
C SER H 246 33.40 15.79 -31.33
N VAL H 247 33.21 15.10 -30.20
CA VAL H 247 33.20 15.76 -28.90
C VAL H 247 34.55 16.44 -28.63
N LEU H 248 35.63 15.71 -28.88
CA LEU H 248 36.97 16.26 -28.70
C LEU H 248 37.23 17.44 -29.63
N CYS H 249 36.77 17.32 -30.88
CA CYS H 249 36.99 18.36 -31.87
C CYS H 249 36.26 19.64 -31.50
N LEU H 250 35.05 19.49 -30.95
CA LEU H 250 34.25 20.64 -30.55
C LEU H 250 34.82 21.33 -29.32
N LEU H 251 35.37 20.54 -28.39
CA LEU H 251 35.98 21.10 -27.19
C LEU H 251 37.34 21.74 -27.49
N GLN H 252 37.99 21.28 -28.54
CA GLN H 252 39.24 21.89 -29.00
C GLN H 252 38.99 23.23 -29.70
N HIS H 253 37.75 23.43 -30.14
CA HIS H 253 37.36 24.68 -30.77
C HIS H 253 36.13 25.27 -30.08
N PRO H 254 36.36 26.00 -28.97
CA PRO H 254 35.29 26.47 -28.10
C PRO H 254 34.31 27.43 -28.80
N GLU H 255 34.80 28.15 -29.80
CA GLU H 255 33.96 29.10 -30.53
C GLU H 255 32.99 28.38 -31.47
N GLN H 256 33.43 27.25 -32.01
CA GLN H 256 32.56 26.39 -32.80
C GLN H 256 31.56 25.65 -31.91
N LEU H 257 32.06 25.13 -30.79
CA LEU H 257 31.20 24.45 -29.82
C LEU H 257 30.05 25.34 -29.38
N LEU H 258 30.35 26.59 -29.06
CA LEU H 258 29.37 27.51 -28.53
C LEU H 258 28.37 27.94 -29.62
N LYS H 259 28.88 28.09 -30.84
CA LYS H 259 28.01 28.24 -32.01
C LYS H 259 26.97 27.13 -32.07
N LEU H 260 27.41 25.91 -31.82
CA LEU H 260 26.53 24.74 -31.92
C LEU H 260 25.56 24.67 -30.74
N ARG H 261 26.04 25.06 -29.56
CA ARG H 261 25.20 25.08 -28.35
C ARG H 261 24.03 26.04 -28.51
N GLU H 262 24.30 27.22 -29.05
CA GLU H 262 23.28 28.26 -29.17
C GLU H 262 22.38 28.01 -30.38
N ASN H 263 22.76 27.06 -31.23
CA ASN H 263 21.99 26.73 -32.41
C ASN H 263 22.06 25.25 -32.76
N PRO H 264 21.24 24.42 -32.09
CA PRO H 264 21.23 22.97 -32.26
C PRO H 264 20.87 22.52 -33.67
N ASP H 265 20.29 23.41 -34.46
CA ASP H 265 19.94 23.09 -35.85
C ASP H 265 21.17 23.03 -36.75
N LEU H 266 22.32 23.46 -36.22
CA LEU H 266 23.58 23.38 -36.96
C LEU H 266 24.20 21.99 -36.86
N ILE H 267 23.56 21.09 -36.13
CA ILE H 267 24.12 19.79 -35.83
C ILE H 267 24.43 18.98 -37.10
N GLY H 268 23.60 19.17 -38.13
CA GLY H 268 23.79 18.47 -39.40
C GLY H 268 25.11 18.81 -40.06
N THR H 269 25.32 20.10 -40.31
CA THR H 269 26.54 20.56 -40.97
C THR H 269 27.76 20.43 -40.06
N ALA H 270 27.54 20.45 -38.75
CA ALA H 270 28.62 20.30 -37.79
C ALA H 270 29.17 18.87 -37.80
N VAL H 271 28.28 17.88 -37.83
CA VAL H 271 28.67 16.48 -37.85
C VAL H 271 29.38 16.13 -39.16
N GLU H 272 28.98 16.76 -40.25
CA GLU H 272 29.64 16.56 -41.54
C GLU H 272 31.06 17.08 -41.52
N GLU H 273 31.29 18.18 -40.82
CA GLU H 273 32.62 18.78 -40.72
C GLU H 273 33.51 17.99 -39.78
N CYS H 274 32.91 17.39 -38.74
CA CYS H 274 33.62 16.47 -37.88
C CYS H 274 34.06 15.23 -38.65
N LEU H 275 33.20 14.78 -39.56
CA LEU H 275 33.52 13.66 -40.44
C LEU H 275 34.68 14.00 -41.37
N ARG H 276 34.71 15.24 -41.86
CA ARG H 276 35.77 15.69 -42.75
C ARG H 276 37.08 15.88 -42.00
N TYR H 277 37.00 16.53 -40.84
CA TYR H 277 38.18 16.99 -40.12
C TYR H 277 38.90 15.86 -39.39
N GLU H 278 38.13 15.00 -38.74
CA GLU H 278 38.71 13.87 -37.99
C GLU H 278 38.03 12.56 -38.38
N SER H 279 38.37 12.06 -39.57
CA SER H 279 37.67 10.93 -40.17
C SER H 279 37.91 9.64 -39.40
N PRO H 280 36.83 9.00 -38.93
CA PRO H 280 36.91 7.74 -38.19
C PRO H 280 37.67 6.67 -38.95
N THR H 281 37.43 6.58 -40.26
CA THR H 281 38.21 5.69 -41.12
C THR H 281 39.24 6.48 -41.90
N GLN H 282 40.51 6.12 -41.74
CA GLN H 282 41.60 6.88 -42.34
C GLN H 282 42.11 6.25 -43.63
N MET H 283 41.81 4.96 -43.81
CA MET H 283 42.31 4.22 -44.96
C MET H 283 41.36 3.14 -45.45
N THR H 284 41.25 3.02 -46.77
CA THR H 284 40.81 1.79 -47.40
C THR H 284 41.77 1.45 -48.55
N ALA H 285 41.52 0.34 -49.23
CA ALA H 285 42.50 -0.17 -50.19
C ALA H 285 41.85 -0.87 -51.38
N ARG H 286 42.56 -0.83 -52.52
CA ARG H 286 42.13 -1.51 -53.73
C ARG H 286 43.31 -2.23 -54.39
N VAL H 287 43.01 -3.17 -55.27
CA VAL H 287 44.04 -3.81 -56.09
C VAL H 287 43.71 -3.68 -57.58
N ALA H 288 44.72 -3.40 -58.39
CA ALA H 288 44.53 -3.28 -59.83
C ALA H 288 44.39 -4.65 -60.49
N SER H 289 43.26 -4.86 -61.16
CA SER H 289 43.01 -6.11 -61.86
C SER H 289 43.66 -6.09 -63.26
N GLU H 290 44.04 -4.90 -63.69
CA GLU H 290 44.73 -4.73 -64.96
C GLU H 290 45.55 -3.43 -64.94
N ASP H 291 46.30 -3.18 -66.01
CA ASP H 291 47.04 -1.92 -66.15
C ASP H 291 46.08 -0.76 -66.32
N ILE H 292 46.29 0.29 -65.53
CA ILE H 292 45.38 1.44 -65.52
C ILE H 292 46.15 2.76 -65.55
N ASP H 293 45.79 3.62 -66.49
CA ASP H 293 46.39 4.95 -66.59
C ASP H 293 45.53 6.00 -65.91
N ILE H 294 46.10 6.69 -64.93
CA ILE H 294 45.42 7.78 -64.23
C ILE H 294 46.41 8.82 -63.73
N CYS H 295 46.03 10.09 -63.81
CA CYS H 295 46.82 11.19 -63.24
C CYS H 295 48.23 11.26 -63.80
N GLY H 296 48.46 10.60 -64.94
CA GLY H 296 49.76 10.63 -65.60
C GLY H 296 50.63 9.43 -65.26
N VAL H 297 50.23 8.67 -64.24
CA VAL H 297 50.97 7.48 -63.84
C VAL H 297 50.25 6.21 -64.26
N THR H 298 50.95 5.09 -64.20
CA THR H 298 50.38 3.81 -64.60
C THR H 298 50.45 2.79 -63.46
N ILE H 299 49.28 2.35 -63.00
CA ILE H 299 49.21 1.32 -61.98
C ILE H 299 49.09 -0.06 -62.62
N ARG H 300 50.14 -0.87 -62.46
CA ARG H 300 50.23 -2.15 -63.13
C ARG H 300 49.32 -3.20 -62.48
N GLN H 301 48.98 -4.22 -63.25
CA GLN H 301 48.16 -5.32 -62.75
C GLN H 301 48.79 -5.96 -61.52
N GLY H 302 48.06 -5.94 -60.40
CA GLY H 302 48.49 -6.63 -59.19
C GLY H 302 48.97 -5.72 -58.09
N GLU H 303 49.24 -4.45 -58.43
CA GLU H 303 49.77 -3.49 -57.48
C GLU H 303 48.70 -2.98 -56.51
N GLN H 304 49.10 -2.73 -55.27
CA GLN H 304 48.17 -2.31 -54.22
C GLN H 304 48.00 -0.79 -54.20
N VAL H 305 46.77 -0.34 -53.93
CA VAL H 305 46.48 1.09 -53.86
C VAL H 305 45.84 1.44 -52.52
N TYR H 306 46.43 2.39 -51.81
CA TYR H 306 45.96 2.75 -50.47
C TYR H 306 45.40 4.16 -50.43
N LEU H 307 44.09 4.25 -50.25
CA LEU H 307 43.40 5.52 -50.31
C LEU H 307 43.25 6.13 -48.92
N LEU H 308 43.94 7.25 -48.70
CA LEU H 308 43.94 7.91 -47.42
C LEU H 308 42.81 8.93 -47.35
N LEU H 309 41.65 8.47 -46.88
CA LEU H 309 40.42 9.28 -46.90
C LEU H 309 40.56 10.57 -46.10
N GLY H 310 41.25 10.48 -44.96
CA GLY H 310 41.49 11.66 -44.14
C GLY H 310 42.35 12.69 -44.84
N ALA H 311 43.26 12.21 -45.68
CA ALA H 311 44.12 13.10 -46.47
C ALA H 311 43.34 13.78 -47.58
N ALA H 312 42.55 12.99 -48.30
CA ALA H 312 41.70 13.51 -49.37
C ALA H 312 40.77 14.59 -48.83
N ASN H 313 40.35 14.44 -47.58
CA ASN H 313 39.47 15.40 -46.93
C ASN H 313 40.16 16.71 -46.60
N ARG H 314 41.46 16.78 -46.85
CA ARG H 314 42.24 17.98 -46.59
C ARG H 314 42.84 18.56 -47.87
N ASP H 315 42.24 18.23 -49.01
CA ASP H 315 42.77 18.65 -50.31
C ASP H 315 42.32 20.08 -50.66
N PRO H 316 43.29 21.00 -50.75
CA PRO H 316 43.05 22.43 -50.97
C PRO H 316 42.39 22.74 -52.31
N SER H 317 42.35 21.76 -53.21
CA SER H 317 41.69 21.94 -54.50
C SER H 317 40.18 21.73 -54.38
N ILE H 318 39.76 21.29 -53.20
CA ILE H 318 38.34 21.04 -52.93
C ILE H 318 37.86 21.83 -51.72
N PHE H 319 38.68 21.84 -50.66
CA PHE H 319 38.35 22.54 -49.44
C PHE H 319 39.30 23.72 -49.21
N THR H 320 38.77 24.93 -49.35
CA THR H 320 39.59 26.15 -49.43
C THR H 320 40.66 26.23 -48.36
N ASN H 321 40.24 26.31 -47.10
CA ASN H 321 41.17 26.31 -45.97
C ASN H 321 41.06 25.02 -45.18
N PRO H 322 41.68 23.94 -45.68
CA PRO H 322 41.33 22.57 -45.32
C PRO H 322 41.66 22.21 -43.88
N ASP H 323 42.62 22.93 -43.29
CA ASP H 323 43.04 22.64 -41.93
C ASP H 323 42.25 23.44 -40.90
N VAL H 324 41.27 24.19 -41.38
CA VAL H 324 40.40 24.97 -40.51
C VAL H 324 39.11 24.22 -40.21
N PHE H 325 38.82 24.03 -38.92
CA PHE H 325 37.58 23.40 -38.49
C PHE H 325 36.45 24.42 -38.50
N ASP H 326 35.58 24.32 -39.50
CA ASP H 326 34.49 25.28 -39.69
C ASP H 326 33.16 24.55 -39.87
N ILE H 327 32.33 24.60 -38.84
CA ILE H 327 31.08 23.83 -38.83
C ILE H 327 29.98 24.45 -39.68
N THR H 328 30.30 25.54 -40.37
CA THR H 328 29.36 26.16 -41.30
C THR H 328 29.69 25.81 -42.74
N ARG H 329 30.70 24.98 -42.93
CA ARG H 329 31.14 24.56 -44.25
C ARG H 329 29.99 23.92 -45.04
N SER H 330 29.69 24.48 -46.21
CA SER H 330 28.56 24.01 -47.01
C SER H 330 28.78 24.23 -48.50
N PRO H 331 28.69 23.15 -49.30
CA PRO H 331 28.46 21.81 -48.78
C PRO H 331 29.76 21.17 -48.32
N ASN H 332 29.75 19.86 -48.09
CA ASN H 332 30.91 19.17 -47.58
C ASN H 332 31.03 17.78 -48.19
N PRO H 333 31.59 17.71 -49.40
CA PRO H 333 31.67 16.44 -50.12
C PRO H 333 32.86 15.60 -49.68
N HIS H 334 32.98 15.38 -48.38
CA HIS H 334 34.05 14.57 -47.83
C HIS H 334 33.92 13.11 -48.27
N LEU H 335 35.00 12.34 -48.13
CA LEU H 335 35.01 10.95 -48.56
C LEU H 335 35.13 10.00 -47.37
N SER H 336 34.64 10.43 -46.21
CA SER H 336 34.77 9.66 -44.98
C SER H 336 34.00 8.34 -45.04
N PHE H 337 32.94 8.31 -45.84
CA PHE H 337 32.15 7.09 -46.03
C PHE H 337 32.53 6.39 -47.33
N GLY H 338 33.59 6.86 -47.97
CA GLY H 338 34.06 6.27 -49.22
C GLY H 338 33.32 6.82 -50.42
N HIS H 339 33.17 5.99 -51.44
CA HIS H 339 32.67 6.44 -52.73
C HIS H 339 32.46 5.23 -53.66
N GLY H 340 31.46 5.32 -54.53
CA GLY H 340 31.23 4.28 -55.53
C GLY H 340 30.45 3.09 -55.02
N HIS H 341 30.79 1.91 -55.53
CA HIS H 341 30.01 0.70 -55.29
C HIS H 341 30.01 0.25 -53.82
N HIS H 342 31.10 0.52 -53.12
CA HIS H 342 31.27 0.04 -51.75
C HIS H 342 31.01 1.12 -50.71
N VAL H 343 30.41 2.24 -51.13
CA VAL H 343 30.15 3.36 -50.23
C VAL H 343 29.37 2.90 -49.00
N CYS H 344 29.69 3.48 -47.84
CA CYS H 344 29.20 2.98 -46.56
C CYS H 344 27.72 2.65 -46.55
N LEU H 345 27.40 1.45 -46.09
CA LEU H 345 26.01 0.97 -46.05
C LEU H 345 25.23 1.59 -44.89
N GLY H 346 25.93 1.93 -43.81
CA GLY H 346 25.28 2.40 -42.59
C GLY H 346 25.53 3.86 -42.27
N SER H 347 25.79 4.66 -43.30
CA SER H 347 26.14 6.07 -43.09
C SER H 347 25.00 6.88 -42.48
N SER H 348 23.75 6.56 -42.86
CA SER H 348 22.60 7.25 -42.30
C SER H 348 22.46 7.00 -40.79
N LEU H 349 22.63 5.74 -40.38
CA LEU H 349 22.55 5.37 -38.98
C LEU H 349 23.65 6.05 -38.17
N ALA H 350 24.87 5.99 -38.67
CA ALA H 350 26.02 6.62 -38.00
C ALA H 350 25.77 8.11 -37.78
N ARG H 351 25.29 8.79 -38.82
CA ARG H 351 24.99 10.21 -38.74
C ARG H 351 23.91 10.49 -37.69
N LEU H 352 22.89 9.65 -37.66
CA LEU H 352 21.78 9.82 -36.72
C LEU H 352 22.24 9.64 -35.27
N GLU H 353 22.99 8.57 -35.01
CA GLU H 353 23.53 8.31 -33.68
C GLU H 353 24.38 9.48 -33.18
N ALA H 354 25.24 9.99 -34.07
CA ALA H 354 26.14 11.09 -33.72
C ALA H 354 25.39 12.40 -33.46
N GLN H 355 24.52 12.77 -34.38
CA GLN H 355 23.74 14.01 -34.26
C GLN H 355 22.97 14.06 -32.95
N ILE H 356 22.28 12.96 -32.64
CA ILE H 356 21.47 12.89 -31.42
C ILE H 356 22.34 12.88 -30.16
N ALA H 357 23.41 12.08 -30.19
CA ALA H 357 24.31 11.97 -29.04
C ALA H 357 24.97 13.30 -28.70
N ILE H 358 25.45 14.01 -29.72
CA ILE H 358 26.20 15.25 -29.54
C ILE H 358 25.30 16.40 -29.10
N ASN H 359 24.20 16.62 -29.83
CA ASN H 359 23.26 17.68 -29.49
C ASN H 359 22.72 17.56 -28.06
N THR H 360 22.38 16.34 -27.66
CA THR H 360 21.84 16.10 -26.33
C THR H 360 22.91 16.34 -25.25
N LEU H 361 24.13 15.94 -25.55
CA LEU H 361 25.26 16.13 -24.64
C LEU H 361 25.53 17.61 -24.39
N LEU H 362 25.39 18.42 -25.42
CA LEU H 362 25.61 19.86 -25.32
C LEU H 362 24.41 20.56 -24.67
N GLN H 363 23.21 20.04 -24.94
CA GLN H 363 21.99 20.54 -24.31
C GLN H 363 22.05 20.37 -22.80
N ARG H 364 22.21 19.13 -22.35
CA ARG H 364 22.56 18.86 -20.96
C ARG H 364 24.05 19.12 -20.78
N MET H 365 24.57 18.81 -19.60
CA MET H 365 25.98 19.11 -19.29
C MET H 365 26.39 20.48 -19.81
N PRO H 366 25.80 21.55 -19.23
CA PRO H 366 25.93 22.92 -19.75
C PRO H 366 27.37 23.43 -19.80
N SER H 367 28.17 23.06 -18.79
CA SER H 367 29.56 23.51 -18.73
C SER H 367 30.54 22.37 -18.98
N LEU H 368 30.48 21.79 -20.17
CA LEU H 368 31.30 20.65 -20.52
C LEU H 368 32.75 21.07 -20.77
N ASN H 369 33.68 20.41 -20.09
CA ASN H 369 35.10 20.65 -20.30
C ASN H 369 35.91 19.35 -20.34
N LEU H 370 37.08 19.41 -20.96
CA LEU H 370 38.01 18.28 -20.93
C LEU H 370 38.60 18.08 -19.54
N ALA H 371 39.28 16.96 -19.35
CA ALA H 371 39.81 16.59 -18.04
C ALA H 371 41.15 17.27 -17.77
N ASP H 372 42.12 17.01 -18.64
CA ASP H 372 43.46 17.55 -18.47
C ASP H 372 44.10 17.92 -19.81
N GLU H 374 42.73 15.92 -25.79
CA GLU H 374 43.49 15.30 -26.87
C GLU H 374 43.89 13.87 -26.52
N TRP H 375 44.41 13.70 -25.31
CA TRP H 375 44.72 12.39 -24.75
C TRP H 375 45.59 11.52 -25.65
N ARG H 376 45.03 10.38 -26.04
CA ARG H 376 45.82 9.23 -26.48
C ARG H 376 45.03 8.44 -27.51
N TYR H 377 45.66 8.16 -28.64
CA TYR H 377 45.01 7.40 -29.71
C TYR H 377 45.42 5.94 -29.67
N ARG H 378 44.46 5.05 -29.93
CA ARG H 378 44.73 3.64 -30.10
C ARG H 378 45.67 3.43 -31.28
N PRO H 379 46.58 2.43 -31.16
CA PRO H 379 47.56 2.14 -32.20
C PRO H 379 46.91 1.56 -33.46
N LEU H 380 46.18 2.39 -34.19
CA LEU H 380 45.60 2.00 -35.46
C LEU H 380 45.84 3.11 -36.49
N PHE H 381 46.34 2.73 -37.66
CA PHE H 381 46.66 3.71 -38.70
C PHE H 381 45.55 3.85 -39.74
N GLY H 382 44.73 2.81 -39.87
CA GLY H 382 43.61 2.83 -40.80
C GLY H 382 42.38 3.44 -40.18
N PHE H 383 42.44 3.71 -38.88
CA PHE H 383 41.34 4.31 -38.16
C PHE H 383 41.87 5.39 -37.21
N ARG H 384 41.03 6.37 -36.92
CA ARG H 384 41.38 7.40 -35.94
C ARG H 384 40.54 7.24 -34.68
N ALA H 385 41.10 6.53 -33.70
CA ALA H 385 40.33 6.08 -32.53
C ALA H 385 41.01 6.45 -31.22
N LEU H 386 40.30 7.23 -30.41
CA LEU H 386 40.80 7.61 -29.09
C LEU H 386 40.74 6.44 -28.11
N GLU H 387 41.69 6.41 -27.17
CA GLU H 387 41.69 5.41 -26.12
C GLU H 387 40.60 5.70 -25.09
N GLU H 388 40.54 6.97 -24.67
CA GLU H 388 39.53 7.41 -23.72
C GLU H 388 39.28 8.90 -23.88
N LEU H 389 38.13 9.36 -23.42
CA LEU H 389 37.78 10.78 -23.48
C LEU H 389 37.12 11.23 -22.18
N PRO H 390 37.91 11.43 -21.12
CA PRO H 390 37.40 11.89 -19.84
C PRO H 390 37.04 13.37 -19.86
N VAL H 391 35.82 13.70 -19.44
CA VAL H 391 35.37 15.08 -19.40
C VAL H 391 34.75 15.42 -18.05
N THR H 392 34.55 16.72 -17.81
CA THR H 392 33.85 17.17 -16.60
C THR H 392 32.75 18.16 -16.98
N PHE H 393 31.81 18.37 -16.07
CA PHE H 393 30.69 19.28 -16.31
C PHE H 393 30.10 19.81 -15.00
O7 ZMP I . 4.94 -18.23 21.52
P1 ZMP I . 6.19 -17.91 20.47
O6 ZMP I . 6.04 -18.41 18.87
O5 ZMP I . 7.20 -16.41 20.77
C21 ZMP I . 6.77 -15.17 20.21
C18 ZMP I . 7.42 -14.00 20.94
C19 ZMP I . 7.69 -14.42 22.38
C20 ZMP I . 6.47 -12.82 20.92
C17 ZMP I . 8.69 -13.61 20.20
O4 ZMP I . 9.22 -14.71 19.46
C16 ZMP I . 9.76 -13.04 21.10
O3 ZMP I . 10.06 -13.61 22.26
N2 ZMP I . 10.37 -12.00 20.71
C15 ZMP I . 11.44 -11.27 21.39
C14 ZMP I . 10.75 -10.39 22.43
C13 ZMP I . 9.96 -9.28 21.78
O2 ZMP I . 9.38 -9.46 20.59
N1 ZMP I . 9.82 -8.17 22.37
C12 ZMP I . 9.08 -7.01 21.91
C11 ZMP I . 10.11 -5.98 21.44
S1 ZMP I . 9.58 -4.35 21.85
C10 ZMP I . 7.81 -4.20 21.82
O1 ZMP I . 7.08 -5.18 21.30
C9 ZMP I . 7.15 -2.89 22.22
C8 ZMP I . 7.94 -2.16 23.30
C7 ZMP I . 8.35 -0.77 22.82
C6 ZMP I . 7.32 0.28 23.23
C5 ZMP I . 7.85 1.19 24.33
C4 ZMP I . 6.71 1.69 25.22
C3 ZMP I . 7.24 2.29 26.52
C2 ZMP I . 7.84 1.21 27.42
C1 ZMP I . 6.94 0.26 28.19
C22 ZMP I . 7.40 -1.17 28.46
C23 ZMP I . 6.39 -1.94 29.29
C24 ZMP I . 6.73 -3.43 29.32
C25 ZMP I . 6.21 -4.10 30.59
C1 HTG J . 16.06 -25.01 18.53
S1 HTG J . 15.59 -26.18 19.63
C2 HTG J . 15.10 -25.00 17.34
O2 HTG J . 15.08 -26.29 16.74
C3 HTG J . 15.58 -23.95 16.34
O3 HTG J . 14.62 -23.84 15.27
C4 HTG J . 15.74 -22.61 17.04
O4 HTG J . 16.36 -21.69 16.13
C5 HTG J . 16.61 -22.76 18.28
O5 HTG J . 16.04 -23.74 19.15
C6 HTG J . 16.70 -21.41 19.00
O6 HTG J . 15.38 -20.94 19.31
C1' HTG J . 16.58 -26.12 20.96
C2' HTG J . 17.98 -26.00 20.53
C2' HTG K . 15.01 -17.35 9.89
C3' HTG K . 15.78 -16.15 9.54
C4' HTG K . 16.68 -16.46 8.42
C5' HTG K . 18.05 -16.05 8.76
C6' HTG K . 18.56 -16.93 9.84
C7' HTG K . 20.03 -16.86 9.87
CHA HEM L . 3.28 3.46 23.43
CHB HEM L . 2.91 5.67 27.73
CHC HEM L . 6.98 8.18 26.81
CHD HEM L . 7.65 5.56 22.76
C1A HEM L . 2.84 3.82 24.68
C2A HEM L . 1.68 3.27 25.37
C3A HEM L . 1.58 3.89 26.55
C4A HEM L . 2.66 4.84 26.66
CMA HEM L . 0.49 3.62 27.63
CAA HEM L . 0.73 2.17 24.83
CBA HEM L . -0.36 2.82 23.99
CGA HEM L . -1.19 1.77 23.30
O1A HEM L . -2.28 2.12 22.77
O2A HEM L . -0.77 0.58 23.26
C1B HEM L . 3.95 6.58 27.82
C2B HEM L . 4.09 7.59 28.86
C3B HEM L . 5.21 8.29 28.60
C4B HEM L . 5.81 7.74 27.40
CMB HEM L . 3.12 7.81 30.03
CAB HEM L . 5.78 9.46 29.43
CBB HEM L . 5.86 9.39 30.76
C1C HEM L . 7.53 7.69 25.64
C2C HEM L . 8.77 8.11 25.03
C3C HEM L . 8.94 7.40 23.91
C4C HEM L . 7.83 6.48 23.78
CMC HEM L . 9.71 9.21 25.56
CAC HEM L . 10.13 7.50 22.92
CBC HEM L . 10.20 8.51 22.06
C1D HEM L . 6.53 4.81 22.52
C2D HEM L . 6.29 4.01 21.34
C3D HEM L . 4.92 3.35 21.55
C4D HEM L . 4.48 3.81 22.84
CMD HEM L . 7.23 3.86 20.12
CAD HEM L . 4.20 2.40 20.58
CBD HEM L . 4.70 0.98 20.77
CGD HEM L . 4.02 0.07 19.78
O1D HEM L . 4.22 -1.17 19.87
O2D HEM L . 3.30 0.58 18.90
NA HEM L . 3.41 4.78 25.50
NB HEM L . 5.01 6.71 26.96
NC HEM L . 6.99 6.69 24.85
ND HEM L . 5.44 4.66 23.39
FE HEM L . 5.12 5.85 25.07
CL CL M . 27.57 21.67 14.89
O7 ZMP N . -23.28 11.59 -9.36
P1 ZMP N . -23.89 12.40 -8.04
O6 ZMP N . -24.91 11.57 -7.00
O5 ZMP N . -22.93 13.79 -7.35
C21 ZMP N . -21.74 13.51 -6.61
C18 ZMP N . -20.89 14.76 -6.51
C19 ZMP N . -20.90 15.48 -7.85
C20 ZMP N . -19.46 14.35 -6.17
C17 ZMP N . -21.41 15.66 -5.39
O4 ZMP N . -22.84 15.55 -5.31
C16 ZMP N . -21.04 17.10 -5.59
O3 ZMP N . -21.39 17.75 -6.70
N2 ZMP N . -20.43 17.71 -4.67
C15 ZMP N . -19.99 19.10 -4.66
C14 ZMP N . -18.65 19.10 -5.37
C13 ZMP N . -17.57 18.61 -4.43
O2 ZMP N . -17.75 17.50 -3.74
N1 ZMP N . -16.49 19.26 -4.33
C12 ZMP N . -15.34 18.92 -3.49
C11 ZMP N . -14.49 17.98 -4.33
S1 ZMP N . -13.04 17.51 -3.44
C10 ZMP N . -11.80 18.75 -3.66
O1 ZMP N . -12.17 20.02 -3.77
C9 ZMP N . -10.33 18.40 -3.50
C8 ZMP N . -9.46 19.65 -3.43
C7 ZMP N . -8.31 19.47 -2.46
C6 ZMP N . -6.98 19.40 -3.19
C5 ZMP N . -6.15 20.66 -2.94
C4 ZMP N . -5.04 20.80 -3.97
C3 ZMP N . -5.39 21.83 -5.02
C2 ZMP N . -5.57 21.19 -6.39
C1 ZMP N . -6.67 21.68 -7.33
C22 ZMP N . -7.51 20.66 -8.10
C23 ZMP N . -8.30 21.33 -9.23
C24 ZMP N . -9.15 20.30 -9.96
C25 ZMP N . -9.79 20.90 -11.21
C1 HTG O . -34.73 18.70 -6.25
S1 HTG O . -35.19 18.87 -7.84
C2 HTG O . -34.79 17.23 -5.85
O2 HTG O . -36.13 16.73 -6.03
C3 HTG O . -34.40 17.10 -4.39
O3 HTG O . -34.33 15.71 -4.03
C4 HTG O . -33.03 17.75 -4.18
O4 HTG O . -32.72 17.77 -2.78
C5 HTG O . -33.07 19.19 -4.71
O5 HTG O . -33.41 19.19 -6.08
C6 HTG O . -31.70 19.83 -4.52
O6 HTG O . -30.76 19.23 -5.44
C1' HTG O . -36.06 20.28 -8.00
C2' HTG O . -35.15 21.40 -8.25
C3' HTG O . -35.91 22.65 -8.21
CHA HEM P . -3.42 16.77 -2.78
CHB HEM P . -3.48 20.70 0.06
CHC HEM P . -0.02 22.78 -2.68
CHD HEM P . 0.02 18.88 -5.57
C1A HEM P . -3.73 17.64 -1.76
C2A HEM P . -4.65 17.38 -0.67
C3A HEM P . -4.67 18.46 0.12
C4A HEM P . -3.75 19.45 -0.45
CMA HEM P . -5.50 18.66 1.39
CAA HEM P . -5.46 16.08 -0.45
CBA HEM P . -6.82 16.17 -1.12
CGA HEM P . -7.61 14.91 -0.86
O1A HEM P . -8.74 14.78 -1.42
O2A HEM P . -7.14 14.04 -0.10
C1B HEM P . -2.53 21.59 -0.42
C2B HEM P . -2.18 22.86 0.19
C3B HEM P . -1.22 23.43 -0.56
C4B HEM P . -0.95 22.54 -1.67
CMB HEM P . -2.80 23.43 1.49
CAB HEM P . -0.54 24.79 -0.30
CBB HEM P . 0.21 24.98 0.78
C1C HEM P . 0.34 21.88 -3.66
C2C HEM P . 1.43 22.03 -4.60
C3C HEM P . 1.44 20.96 -5.40
C4C HEM P . 0.35 20.09 -5.00
CMC HEM P . 2.43 23.21 -4.67
CAC HEM P . 2.44 20.67 -6.55
CBC HEM P . 2.23 21.17 -7.76
C1D HEM P . -0.92 17.99 -5.13
C2D HEM P . -1.27 16.77 -5.81
C3D HEM P . -2.35 16.12 -4.95
C4D HEM P . -2.54 16.99 -3.82
CMD HEM P . -0.71 16.23 -7.15
CAD HEM P . -3.09 14.78 -5.22
CBD HEM P . -2.31 13.65 -4.54
CGD HEM P . -3.05 12.35 -4.69
O1D HEM P . -2.42 11.28 -4.50
O2D HEM P . -4.27 12.38 -4.97
NA HEM P . -3.20 18.91 -1.59
NB HEM P . -1.76 21.44 -1.56
NC HEM P . -0.30 20.69 -3.93
ND HEM P . -1.68 18.09 -3.96
FE HEM P . -1.57 19.68 -2.61
C3' HTG Q . -24.04 31.11 4.14
C4' HTG Q . -22.79 30.51 4.63
C5' HTG Q . -22.98 29.06 4.82
C6' HTG Q . -21.67 28.40 4.80
C7' HTG Q . -21.87 26.93 4.76
O7 ZMP R . -42.00 -36.55 3.96
P1 ZMP R . -41.72 -34.90 3.95
O6 ZMP R . -40.35 -34.33 3.17
O5 ZMP R . -42.30 -33.95 5.40
C21 ZMP R . -41.62 -34.15 6.64
C18 ZMP R . -41.85 -32.94 7.53
C19 ZMP R . -41.93 -31.68 6.68
C20 ZMP R . -40.68 -32.82 8.50
C17 ZMP R . -43.12 -33.16 8.35
O4 ZMP R . -44.01 -34.03 7.65
C16 ZMP R . -43.82 -31.87 8.69
O3 ZMP R . -43.98 -30.91 7.78
N2 ZMP R . -44.25 -31.72 9.87
C15 ZMP R . -44.93 -30.56 10.43
C14 ZMP R . -43.81 -29.60 10.79
C13 ZMP R . -43.09 -30.06 12.03
O2 ZMP R . -42.74 -31.34 12.18
N1 ZMP R . -42.82 -29.23 12.95
C12 ZMP R . -42.14 -29.50 14.22
C11 ZMP R . -40.64 -29.40 13.91
S1 ZMP R . -39.72 -29.56 15.41
C10 ZMP R . -40.06 -28.18 16.44
O1 ZMP R . -41.31 -27.90 16.78
C9 ZMP R . -38.92 -27.54 17.23
C8 ZMP R . -39.38 -27.14 18.62
C7 ZMP R . -38.21 -26.69 19.48
C6 ZMP R . -38.33 -25.20 19.82
C5 ZMP R . -37.35 -24.81 20.91
C4 ZMP R . -36.24 -23.94 20.36
C3 ZMP R . -36.66 -22.47 20.32
C2 ZMP R . -37.32 -22.13 18.99
C1 ZMP R . -36.47 -21.85 17.76
C22 ZMP R . -36.82 -22.50 16.43
C23 ZMP R . -36.70 -21.50 15.27
C24 ZMP R . -36.86 -22.22 13.94
C25 ZMP R . -36.93 -21.22 12.79
C1 HTG S . -53.20 -36.44 -0.25
S1 HTG S . -52.83 -35.96 -1.79
C2 HTG S . -52.49 -37.75 0.08
O2 HTG S . -52.87 -38.75 -0.87
C3 HTG S . -52.90 -38.19 1.47
O3 HTG S . -52.18 -39.37 1.84
C4 HTG S . -52.57 -37.07 2.47
O4 HTG S . -53.09 -37.41 3.76
C5 HTG S . -53.21 -35.77 2.00
O5 HTG S . -52.77 -35.45 0.68
C6 HTG S . -52.82 -34.64 2.95
O6 HTG S . -51.39 -34.52 3.00
C1' HTG S . -53.41 -34.42 -2.04
C2' HTG S . -54.86 -34.48 -2.31
C3' HTG S . -55.60 -33.95 -1.15
C4' HTG S . -56.42 -32.81 -1.59
CHA HEM T . -33.21 -26.40 21.93
CHB HEM T . -36.90 -25.28 24.88
CHC HEM T . -34.97 -20.88 25.62
CHD HEM T . -31.47 -21.83 22.40
C1A HEM T . -34.36 -26.50 22.68
C2A HEM T . -35.18 -27.68 22.83
C3A HEM T . -36.20 -27.37 23.65
C4A HEM T . -36.05 -25.99 24.04
CMA HEM T . -37.33 -28.33 24.09
CAA HEM T . -34.91 -29.07 22.18
CBA HEM T . -35.64 -29.18 20.84
CGA HEM T . -35.39 -30.54 20.23
O1A HEM T . -34.81 -31.42 20.92
O2A HEM T . -35.77 -30.74 19.05
C1B HEM T . -36.68 -24.01 25.37
C2B HEM T . -37.47 -23.32 26.37
C3B HEM T . -36.94 -22.12 26.58
C4B HEM T . -35.79 -21.98 25.71
CMB HEM T . -38.72 -23.92 27.07
CAB HEM T . -37.45 -21.03 27.56
CBB HEM T . -37.69 -21.34 28.84
C1C HEM T . -33.84 -20.75 24.83
C2C HEM T . -32.94 -19.61 24.78
C3C HEM T . -31.99 -19.89 23.89
C4C HEM T . -32.23 -21.20 23.35
CMC HEM T . -33.07 -18.32 25.61
CAC HEM T . -30.80 -18.96 23.51
CBC HEM T . -31.02 -17.87 22.78
C1D HEM T . -31.62 -23.13 21.96
C2D HEM T . -30.80 -23.75 20.93
C3D HEM T . -31.36 -25.18 20.79
C4D HEM T . -32.43 -25.27 21.74
CMD HEM T . -29.64 -23.11 20.15
CAD HEM T . -30.85 -26.28 19.83
CBD HEM T . -29.99 -27.23 20.65
CGD HEM T . -29.47 -28.33 19.76
O1D HEM T . -28.48 -29.00 20.15
O2D HEM T . -30.05 -28.54 18.66
NA HEM T . -34.92 -25.49 23.44
NB HEM T . -35.66 -23.15 24.99
NC HEM T . -33.37 -21.70 23.94
ND HEM T . -32.56 -24.06 22.40
FE HEM T . -34.04 -23.64 23.82
S1 HTG U . -20.73 -12.98 24.86
C1' HTG U . -22.09 -12.03 24.71
C2' HTG U . -21.71 -10.61 24.69
C3' HTG U . -21.44 -10.15 26.05
C4' HTG U . -22.34 -9.04 26.40
CL CL V . -53.29 -22.08 45.79
O7 ZMP W . 50.50 -10.55 -52.70
P1 ZMP W . 49.46 -10.76 -51.40
O6 ZMP W . 48.66 -12.21 -51.25
O5 ZMP W . 48.64 -9.26 -50.73
C21 ZMP W . 48.93 -8.82 -49.40
C18 ZMP W . 47.72 -8.05 -48.88
C19 ZMP W . 46.57 -8.17 -49.88
C20 ZMP W . 47.29 -8.66 -47.56
C17 ZMP W . 48.08 -6.57 -48.73
O4 ZMP W . 49.30 -6.30 -49.42
C16 ZMP W . 48.22 -6.19 -47.29
O3 ZMP W . 48.70 -7.03 -46.38
N2 ZMP W . 47.88 -5.02 -46.95
C15 ZMP W . 47.91 -4.45 -45.61
C14 ZMP W . 46.53 -4.77 -45.03
C13 ZMP W . 45.48 -3.95 -45.75
O2 ZMP W . 45.48 -3.87 -47.08
N1 ZMP W . 44.57 -3.38 -45.08
C12 ZMP W . 43.49 -2.56 -45.60
C11 ZMP W . 42.34 -3.52 -45.89
S1 ZMP W . 40.98 -2.62 -46.57
C10 ZMP W . 40.47 -1.39 -45.43
O1 ZMP W . 41.35 -0.51 -44.97
C9 ZMP W . 39.09 -1.49 -44.79
C8 ZMP W . 38.54 -0.10 -44.47
C7 ZMP W . 37.02 -0.12 -44.39
C6 ZMP W . 36.53 0.48 -43.08
C5 ZMP W . 35.01 0.56 -43.05
C4 ZMP W . 34.40 -0.72 -42.50
C3 ZMP W . 34.09 -0.58 -41.01
C2 ZMP W . 34.27 -1.91 -40.28
C1 ZMP W . 35.50 -2.78 -40.55
C22 ZMP W . 35.32 -4.25 -40.90
C23 ZMP W . 36.45 -5.10 -40.31
C24 ZMP W . 36.49 -6.48 -40.97
C25 ZMP W . 37.07 -7.52 -40.02
C1 HTG X . 61.49 -9.88 -48.06
S1 HTG X . 61.64 -11.48 -47.63
C2 HTG X . 61.34 -9.77 -49.58
O2 HTG X . 62.50 -10.33 -50.22
C3 HTG X . 61.22 -8.29 -49.94
O3 HTG X . 61.00 -8.16 -51.35
C4 HTG X . 60.05 -7.69 -49.18
O4 HTG X . 59.99 -6.29 -49.42
C5 HTG X . 60.25 -7.94 -47.68
O5 HTG X . 60.34 -9.33 -47.43
C6 HTG X . 59.08 -7.35 -46.91
O6 HTG X . 57.87 -8.00 -47.31
C1' HTG X . 61.88 -11.59 -45.98
C2' HTG X . 62.95 -10.67 -45.58
C3' HTG X . 63.24 -10.85 -44.15
CHA HEM Y . 31.68 0.49 -45.90
CHB HEM Y . 28.40 -0.66 -42.51
CHC HEM Y . 29.67 3.24 -39.91
CHD HEM Y . 33.20 4.23 -43.12
C1A HEM Y . 30.72 -0.19 -45.18
C2A HEM Y . 30.14 -1.47 -45.52
C3A HEM Y . 29.24 -1.78 -44.59
C4A HEM Y . 29.20 -0.71 -43.63
CMA HEM Y . 28.38 -3.06 -44.54
CAA HEM Y . 30.51 -2.33 -46.75
CBA HEM Y . 29.62 -1.93 -47.93
CGA HEM Y . 30.11 -2.58 -49.21
O1A HEM Y . 31.25 -3.13 -49.23
O2A HEM Y . 29.35 -2.54 -50.22
C1B HEM Y . 28.45 0.29 -41.51
C2B HEM Y . 27.61 0.32 -40.33
C3B HEM Y . 27.96 1.40 -39.62
C4B HEM Y . 29.03 2.08 -40.31
CMB HEM Y . 26.51 -0.70 -39.98
CAB HEM Y . 27.33 1.84 -38.28
CBB HEM Y . 26.51 2.90 -38.25
C1C HEM Y . 30.73 3.85 -40.55
C2C HEM Y . 31.41 5.05 -40.13
C3C HEM Y . 32.37 5.32 -41.01
C4C HEM Y . 32.35 4.30 -42.03
CMC HEM Y . 31.07 5.88 -38.87
CAC HEM Y . 33.36 6.52 -40.96
CBC HEM Y . 33.01 7.70 -41.45
C1D HEM Y . 33.11 3.35 -44.19
C2D HEM Y . 33.92 3.40 -45.38
C3D HEM Y . 33.45 2.23 -46.25
C4D HEM Y . 32.39 1.58 -45.49
CMD HEM Y . 35.04 4.40 -45.72
CAD HEM Y . 33.98 1.83 -47.65
CBD HEM Y . 35.15 0.86 -47.52
CGD HEM Y . 35.74 0.61 -48.89
O1D HEM Y . 36.71 -0.19 -48.99
O2D HEM Y . 35.26 1.22 -49.88
NA HEM Y . 30.13 0.26 -44.01
NB HEM Y . 29.30 1.37 -41.47
NC HEM Y . 31.34 3.42 -41.73
ND HEM Y . 32.23 2.28 -44.29
FE HEM Y . 30.66 1.94 -42.94
S1 HTG Z . 55.59 6.06 -38.48
C1' HTG Z . 53.99 6.00 -38.98
C2' HTG Z . 53.91 6.46 -40.37
C3' HTG Z . 52.53 6.26 -40.85
C4' HTG Z . 52.52 6.13 -42.31
C5' HTG Z . 51.25 5.53 -42.75
C6' HTG Z . 50.91 6.03 -44.09
#